data_7XV9
# 
_entry.id   7XV9 
# 
_audit_conform.dict_name       mmcif_pdbx.dic 
_audit_conform.dict_version    5.380 
_audit_conform.dict_location   http://mmcif.pdb.org/dictionaries/ascii/mmcif_pdbx.dic 
# 
loop_
_database_2.database_id 
_database_2.database_code 
_database_2.pdbx_database_accession 
_database_2.pdbx_DOI 
PDB   7XV9         pdb_00007xv9 10.2210/pdb7xv9/pdb 
WWPDB D_1300029650 ?            ?                   
# 
_pdbx_database_status.status_code                     REL 
_pdbx_database_status.status_code_sf                  REL 
_pdbx_database_status.status_code_mr                  ? 
_pdbx_database_status.entry_id                        7XV9 
_pdbx_database_status.recvd_initial_deposition_date   2022-05-21 
_pdbx_database_status.SG_entry                        N 
_pdbx_database_status.deposit_site                    PDBJ 
_pdbx_database_status.process_site                    PDBJ 
_pdbx_database_status.status_code_cs                  ? 
_pdbx_database_status.status_code_nmr_data            ? 
_pdbx_database_status.methods_development_category    ? 
_pdbx_database_status.pdb_format_compatible           Y 
# 
loop_
_audit_author.name 
_audit_author.pdbx_ordinal 
_audit_author.identifier_ORCID 
'Liu, Y.'  1 ?                   
'Chen, Z.' 2 0000-0003-1319-9664 
# 
_citation.abstract                  ? 
_citation.abstract_id_CAS           ? 
_citation.book_id_ISBN              ? 
_citation.book_publisher            ? 
_citation.book_publisher_city       ? 
_citation.book_title                ? 
_citation.coordinate_linkage        ? 
_citation.country                   UK 
_citation.database_id_Medline       ? 
_citation.details                   ? 
_citation.id                        primary 
_citation.journal_abbrev            'Nucleic Acids Res.' 
_citation.journal_id_ASTM           NARHAD 
_citation.journal_id_CSD            0389 
_citation.journal_id_ISSN           1362-4962 
_citation.journal_full              ? 
_citation.journal_issue             ? 
_citation.journal_volume            51 
_citation.language                  ? 
_citation.page_first                1443 
_citation.page_last                 1457 
_citation.title                     
'Structures of human TR4LBD-JAZF1 and TR4DBD-DNA complexes reveal the molecular basis of transcriptional regulation.' 
_citation.year                      2023 
_citation.database_id_CSD           ? 
_citation.pdbx_database_id_DOI      10.1093/nar/gkac1259 
_citation.pdbx_database_id_PubMed   36651297 
_citation.pdbx_database_id_patent   ? 
_citation.unpublished_flag          ? 
# 
loop_
_citation_author.citation_id 
_citation_author.name 
_citation_author.ordinal 
_citation_author.identifier_ORCID 
primary 'Liu, Y.'   1  ? 
primary 'Ma, L.'    2  ? 
primary 'Li, M.'    3  ? 
primary 'Tian, Z.'  4  ? 
primary 'Yang, M.'  5  ? 
primary 'Wu, X.'    6  ? 
primary 'Wang, X.'  7  ? 
primary 'Shang, G.' 8  ? 
primary 'Xie, M.'   9  ? 
primary 'Chen, Y.'  10 ? 
primary 'Liu, X.'   11 ? 
primary 'Jiang, L.' 12 ? 
primary 'Wu, W.'    13 ? 
primary 'Xu, C.'    14 ? 
primary 'Xia, L.'   15 ? 
primary 'Li, G.'    16 ? 
primary 'Dai, S.'   17 ? 
primary 'Chen, Z.'  18 ? 
# 
_cell.angle_alpha                  90.000 
_cell.angle_alpha_esd              ? 
_cell.angle_beta                   90.000 
_cell.angle_beta_esd               ? 
_cell.angle_gamma                  90.000 
_cell.angle_gamma_esd              ? 
_cell.entry_id                     7XV9 
_cell.details                      ? 
_cell.formula_units_Z              ? 
_cell.length_a                     32.229 
_cell.length_a_esd                 ? 
_cell.length_b                     32.229 
_cell.length_b_esd                 ? 
_cell.length_c                     128.043 
_cell.length_c_esd                 ? 
_cell.volume                       ? 
_cell.volume_esd                   ? 
_cell.Z_PDB                        8 
_cell.reciprocal_angle_alpha       ? 
_cell.reciprocal_angle_beta        ? 
_cell.reciprocal_angle_gamma       ? 
_cell.reciprocal_angle_alpha_esd   ? 
_cell.reciprocal_angle_beta_esd    ? 
_cell.reciprocal_angle_gamma_esd   ? 
_cell.reciprocal_length_a          ? 
_cell.reciprocal_length_b          ? 
_cell.reciprocal_length_c          ? 
_cell.reciprocal_length_a_esd      ? 
_cell.reciprocal_length_b_esd      ? 
_cell.reciprocal_length_c_esd      ? 
_cell.pdbx_unique_axis             ? 
_cell.pdbx_esd_method              ? 
# 
_symmetry.entry_id                         7XV9 
_symmetry.cell_setting                     ? 
_symmetry.Int_Tables_number                76 
_symmetry.space_group_name_Hall            ? 
_symmetry.space_group_name_H-M             'P 41' 
_symmetry.pdbx_full_space_group_name_H-M   ? 
# 
loop_
_entity.id 
_entity.type 
_entity.src_method 
_entity.pdbx_description 
_entity.formula_weight 
_entity.pdbx_number_of_molecules 
_entity.pdbx_ec 
_entity.pdbx_mutation 
_entity.pdbx_fragment 
_entity.details 
1 polymer     man 'Nuclear receptor subfamily 2 group C member 2' 9187.809 2   ? ? ? ? 
2 non-polymer syn 'ZINC ION'                                      65.409   4   ? ? ? ? 
3 water       nat water                                           18.015   132 ? ? ? ? 
# 
_entity_name_com.entity_id   1 
_entity_name_com.name        'Orphan nuclear receptor TAK1,Orphan nuclear receptor TR4,Testicular receptor 4' 
# 
_entity_poly.entity_id                      1 
_entity_poly.type                           'polypeptide(L)' 
_entity_poly.nstd_linkage                   no 
_entity_poly.nstd_monomer                   no 
_entity_poly.pdbx_seq_one_letter_code       GHMVVEYCVVCGDKASGRHYGAVSCEGCKGFFKRSVRKNLTYSCRSNQDCIINKHHRNRCQFCRLKKCLEMGMKMESVQS 
_entity_poly.pdbx_seq_one_letter_code_can   GHMVVEYCVVCGDKASGRHYGAVSCEGCKGFFKRSVRKNLTYSCRSNQDCIINKHHRNRCQFCRLKKCLEMGMKMESVQS 
_entity_poly.pdbx_strand_id                 A,B 
_entity_poly.pdbx_target_identifier         ? 
# 
loop_
_entity_poly_seq.entity_id 
_entity_poly_seq.num 
_entity_poly_seq.mon_id 
_entity_poly_seq.hetero 
1 1  GLY n 
1 2  HIS n 
1 3  MET n 
1 4  VAL n 
1 5  VAL n 
1 6  GLU n 
1 7  TYR n 
1 8  CYS n 
1 9  VAL n 
1 10 VAL n 
1 11 CYS n 
1 12 GLY n 
1 13 ASP n 
1 14 LYS n 
1 15 ALA n 
1 16 SER n 
1 17 GLY n 
1 18 ARG n 
1 19 HIS n 
1 20 TYR n 
1 21 GLY n 
1 22 ALA n 
1 23 VAL n 
1 24 SER n 
1 25 CYS n 
1 26 GLU n 
1 27 GLY n 
1 28 CYS n 
1 29 LYS n 
1 30 GLY n 
1 31 PHE n 
1 32 PHE n 
1 33 LYS n 
1 34 ARG n 
1 35 SER n 
1 36 VAL n 
1 37 ARG n 
1 38 LYS n 
1 39 ASN n 
1 40 LEU n 
1 41 THR n 
1 42 TYR n 
1 43 SER n 
1 44 CYS n 
1 45 ARG n 
1 46 SER n 
1 47 ASN n 
1 48 GLN n 
1 49 ASP n 
1 50 CYS n 
1 51 ILE n 
1 52 ILE n 
1 53 ASN n 
1 54 LYS n 
1 55 HIS n 
1 56 HIS n 
1 57 ARG n 
1 58 ASN n 
1 59 ARG n 
1 60 CYS n 
1 61 GLN n 
1 62 PHE n 
1 63 CYS n 
1 64 ARG n 
1 65 LEU n 
1 66 LYS n 
1 67 LYS n 
1 68 CYS n 
1 69 LEU n 
1 70 GLU n 
1 71 MET n 
1 72 GLY n 
1 73 MET n 
1 74 LYS n 
1 75 MET n 
1 76 GLU n 
1 77 SER n 
1 78 VAL n 
1 79 GLN n 
1 80 SER n 
# 
_entity_src_gen.entity_id                          1 
_entity_src_gen.pdbx_src_id                        1 
_entity_src_gen.pdbx_alt_source_flag               sample 
_entity_src_gen.pdbx_seq_type                      'Biological sequence' 
_entity_src_gen.pdbx_beg_seq_num                   1 
_entity_src_gen.pdbx_end_seq_num                   80 
_entity_src_gen.gene_src_common_name               human 
_entity_src_gen.gene_src_genus                     ? 
_entity_src_gen.pdbx_gene_src_gene                 'NR2C2, TAK1, TR4' 
_entity_src_gen.gene_src_species                   ? 
_entity_src_gen.gene_src_strain                    ? 
_entity_src_gen.gene_src_tissue                    ? 
_entity_src_gen.gene_src_tissue_fraction           ? 
_entity_src_gen.gene_src_details                   ? 
_entity_src_gen.pdbx_gene_src_fragment             ? 
_entity_src_gen.pdbx_gene_src_scientific_name      'Homo sapiens' 
_entity_src_gen.pdbx_gene_src_ncbi_taxonomy_id     9606 
_entity_src_gen.pdbx_gene_src_variant              ? 
_entity_src_gen.pdbx_gene_src_cell_line            ? 
_entity_src_gen.pdbx_gene_src_atcc                 ? 
_entity_src_gen.pdbx_gene_src_organ                ? 
_entity_src_gen.pdbx_gene_src_organelle            ? 
_entity_src_gen.pdbx_gene_src_cell                 ? 
_entity_src_gen.pdbx_gene_src_cellular_location    ? 
_entity_src_gen.host_org_common_name               ? 
_entity_src_gen.pdbx_host_org_scientific_name      
;Escherichia coli 'BL21-Gold(DE3)pLysS AG'
;
_entity_src_gen.pdbx_host_org_ncbi_taxonomy_id     866768 
_entity_src_gen.host_org_genus                     ? 
_entity_src_gen.pdbx_host_org_gene                 ? 
_entity_src_gen.pdbx_host_org_organ                ? 
_entity_src_gen.host_org_species                   ? 
_entity_src_gen.pdbx_host_org_tissue               ? 
_entity_src_gen.pdbx_host_org_tissue_fraction      ? 
_entity_src_gen.pdbx_host_org_strain               ? 
_entity_src_gen.pdbx_host_org_variant              ? 
_entity_src_gen.pdbx_host_org_cell_line            ? 
_entity_src_gen.pdbx_host_org_atcc                 ? 
_entity_src_gen.pdbx_host_org_culture_collection   ? 
_entity_src_gen.pdbx_host_org_cell                 ? 
_entity_src_gen.pdbx_host_org_organelle            ? 
_entity_src_gen.pdbx_host_org_cellular_location    ? 
_entity_src_gen.pdbx_host_org_vector_type          ? 
_entity_src_gen.pdbx_host_org_vector               ? 
_entity_src_gen.host_org_details                   ? 
_entity_src_gen.expression_system_id               ? 
_entity_src_gen.plasmid_name                       ? 
_entity_src_gen.plasmid_details                    ? 
_entity_src_gen.pdbx_description                   ? 
# 
_struct_ref.id                         1 
_struct_ref.db_name                    UNP 
_struct_ref.db_code                    NR2C2_HUMAN 
_struct_ref.pdbx_db_accession          P49116 
_struct_ref.pdbx_db_isoform            ? 
_struct_ref.entity_id                  1 
_struct_ref.pdbx_seq_one_letter_code   VVEYCVVCGDKASGRHYGAVSCEGCKGFFKRSVRKNLTYSCRSNQDCIINKHHRNRCQFCRLKKCLEMGMKMESVQS 
_struct_ref.pdbx_align_begin           113 
# 
loop_
_struct_ref_seq.align_id 
_struct_ref_seq.ref_id 
_struct_ref_seq.pdbx_PDB_id_code 
_struct_ref_seq.pdbx_strand_id 
_struct_ref_seq.seq_align_beg 
_struct_ref_seq.pdbx_seq_align_beg_ins_code 
_struct_ref_seq.seq_align_end 
_struct_ref_seq.pdbx_seq_align_end_ins_code 
_struct_ref_seq.pdbx_db_accession 
_struct_ref_seq.db_align_beg 
_struct_ref_seq.pdbx_db_align_beg_ins_code 
_struct_ref_seq.db_align_end 
_struct_ref_seq.pdbx_db_align_end_ins_code 
_struct_ref_seq.pdbx_auth_seq_align_beg 
_struct_ref_seq.pdbx_auth_seq_align_end 
1 1 7XV9 A 4 ? 80 ? P49116 113 ? 189 ? 113 189 
2 1 7XV9 B 4 ? 80 ? P49116 113 ? 189 ? 113 189 
# 
loop_
_struct_ref_seq_dif.align_id 
_struct_ref_seq_dif.pdbx_pdb_id_code 
_struct_ref_seq_dif.mon_id 
_struct_ref_seq_dif.pdbx_pdb_strand_id 
_struct_ref_seq_dif.seq_num 
_struct_ref_seq_dif.pdbx_pdb_ins_code 
_struct_ref_seq_dif.pdbx_seq_db_name 
_struct_ref_seq_dif.pdbx_seq_db_accession_code 
_struct_ref_seq_dif.db_mon_id 
_struct_ref_seq_dif.pdbx_seq_db_seq_num 
_struct_ref_seq_dif.details 
_struct_ref_seq_dif.pdbx_auth_seq_num 
_struct_ref_seq_dif.pdbx_ordinal 
1 7XV9 GLY A 1 ? UNP P49116 ? ? 'expression tag' 110 1 
1 7XV9 HIS A 2 ? UNP P49116 ? ? 'expression tag' 111 2 
1 7XV9 MET A 3 ? UNP P49116 ? ? 'expression tag' 112 3 
2 7XV9 GLY B 1 ? UNP P49116 ? ? 'expression tag' 110 4 
2 7XV9 HIS B 2 ? UNP P49116 ? ? 'expression tag' 111 5 
2 7XV9 MET B 3 ? UNP P49116 ? ? 'expression tag' 112 6 
# 
loop_
_chem_comp.id 
_chem_comp.type 
_chem_comp.mon_nstd_flag 
_chem_comp.name 
_chem_comp.pdbx_synonyms 
_chem_comp.formula 
_chem_comp.formula_weight 
ALA 'L-peptide linking' y ALANINE         ? 'C3 H7 N O2'     89.093  
ARG 'L-peptide linking' y ARGININE        ? 'C6 H15 N4 O2 1' 175.209 
ASN 'L-peptide linking' y ASPARAGINE      ? 'C4 H8 N2 O3'    132.118 
ASP 'L-peptide linking' y 'ASPARTIC ACID' ? 'C4 H7 N O4'     133.103 
CYS 'L-peptide linking' y CYSTEINE        ? 'C3 H7 N O2 S'   121.158 
GLN 'L-peptide linking' y GLUTAMINE       ? 'C5 H10 N2 O3'   146.144 
GLU 'L-peptide linking' y 'GLUTAMIC ACID' ? 'C5 H9 N O4'     147.129 
GLY 'peptide linking'   y GLYCINE         ? 'C2 H5 N O2'     75.067  
HIS 'L-peptide linking' y HISTIDINE       ? 'C6 H10 N3 O2 1' 156.162 
HOH non-polymer         . WATER           ? 'H2 O'           18.015  
ILE 'L-peptide linking' y ISOLEUCINE      ? 'C6 H13 N O2'    131.173 
LEU 'L-peptide linking' y LEUCINE         ? 'C6 H13 N O2'    131.173 
LYS 'L-peptide linking' y LYSINE          ? 'C6 H15 N2 O2 1' 147.195 
MET 'L-peptide linking' y METHIONINE      ? 'C5 H11 N O2 S'  149.211 
PHE 'L-peptide linking' y PHENYLALANINE   ? 'C9 H11 N O2'    165.189 
SER 'L-peptide linking' y SERINE          ? 'C3 H7 N O3'     105.093 
THR 'L-peptide linking' y THREONINE       ? 'C4 H9 N O3'     119.119 
TYR 'L-peptide linking' y TYROSINE        ? 'C9 H11 N O3'    181.189 
VAL 'L-peptide linking' y VALINE          ? 'C5 H11 N O2'    117.146 
ZN  non-polymer         . 'ZINC ION'      ? 'Zn 2'           65.409  
# 
_exptl.absorpt_coefficient_mu     ? 
_exptl.absorpt_correction_T_max   ? 
_exptl.absorpt_correction_T_min   ? 
_exptl.absorpt_correction_type    ? 
_exptl.absorpt_process_details    ? 
_exptl.entry_id                   7XV9 
_exptl.crystals_number            1 
_exptl.details                    ? 
_exptl.method                     'X-RAY DIFFRACTION' 
_exptl.method_details             ? 
# 
_exptl_crystal.colour                       ? 
_exptl_crystal.density_diffrn               ? 
_exptl_crystal.density_Matthews             1.81 
_exptl_crystal.density_method               ? 
_exptl_crystal.density_percent_sol          32.02 
_exptl_crystal.description                  ? 
_exptl_crystal.F_000                        ? 
_exptl_crystal.id                           1 
_exptl_crystal.preparation                  ? 
_exptl_crystal.size_max                     ? 
_exptl_crystal.size_mid                     ? 
_exptl_crystal.size_min                     ? 
_exptl_crystal.size_rad                     ? 
_exptl_crystal.colour_lustre                ? 
_exptl_crystal.colour_modifier              ? 
_exptl_crystal.colour_primary               ? 
_exptl_crystal.density_meas                 ? 
_exptl_crystal.density_meas_esd             ? 
_exptl_crystal.density_meas_gt              ? 
_exptl_crystal.density_meas_lt              ? 
_exptl_crystal.density_meas_temp            ? 
_exptl_crystal.density_meas_temp_esd        ? 
_exptl_crystal.density_meas_temp_gt         ? 
_exptl_crystal.density_meas_temp_lt         ? 
_exptl_crystal.pdbx_crystal_image_url       ? 
_exptl_crystal.pdbx_crystal_image_format    ? 
_exptl_crystal.pdbx_mosaicity               ? 
_exptl_crystal.pdbx_mosaicity_esd           ? 
_exptl_crystal.pdbx_mosaic_method           ? 
_exptl_crystal.pdbx_mosaic_block_size       ? 
_exptl_crystal.pdbx_mosaic_block_size_esd   ? 
# 
_exptl_crystal_grow.apparatus       ? 
_exptl_crystal_grow.atmosphere      ? 
_exptl_crystal_grow.crystal_id      1 
_exptl_crystal_grow.details         ? 
_exptl_crystal_grow.method          'VAPOR DIFFUSION, SITTING DROP' 
_exptl_crystal_grow.method_ref      ? 
_exptl_crystal_grow.pH              ? 
_exptl_crystal_grow.pressure        ? 
_exptl_crystal_grow.pressure_esd    ? 
_exptl_crystal_grow.seeding         ? 
_exptl_crystal_grow.seeding_ref     ? 
_exptl_crystal_grow.temp            291 
_exptl_crystal_grow.temp_details    ? 
_exptl_crystal_grow.temp_esd        ? 
_exptl_crystal_grow.time            ? 
_exptl_crystal_grow.pdbx_details    Malonate 
_exptl_crystal_grow.pdbx_pH_range   ? 
# 
_diffrn.ambient_environment              ? 
_diffrn.ambient_temp                     100 
_diffrn.ambient_temp_details             ? 
_diffrn.ambient_temp_esd                 ? 
_diffrn.crystal_id                       1 
_diffrn.crystal_support                  ? 
_diffrn.crystal_treatment                ? 
_diffrn.details                          ? 
_diffrn.id                               1 
_diffrn.ambient_pressure                 ? 
_diffrn.ambient_pressure_esd             ? 
_diffrn.ambient_pressure_gt              ? 
_diffrn.ambient_pressure_lt              ? 
_diffrn.ambient_temp_gt                  ? 
_diffrn.ambient_temp_lt                  ? 
_diffrn.pdbx_serial_crystal_experiment   N 
# 
_diffrn_detector.details                      ? 
_diffrn_detector.detector                     PIXEL 
_diffrn_detector.diffrn_id                    1 
_diffrn_detector.type                         'DECTRIS PILATUS 2M' 
_diffrn_detector.area_resol_mean              ? 
_diffrn_detector.dtime                        ? 
_diffrn_detector.pdbx_frames_total            ? 
_diffrn_detector.pdbx_collection_time_total   ? 
_diffrn_detector.pdbx_collection_date         2019-08-31 
_diffrn_detector.pdbx_frequency               ? 
# 
_diffrn_radiation.collimation                      ? 
_diffrn_radiation.diffrn_id                        1 
_diffrn_radiation.filter_edge                      ? 
_diffrn_radiation.inhomogeneity                    ? 
_diffrn_radiation.monochromator                    ? 
_diffrn_radiation.polarisn_norm                    ? 
_diffrn_radiation.polarisn_ratio                   ? 
_diffrn_radiation.probe                            ? 
_diffrn_radiation.type                             ? 
_diffrn_radiation.xray_symbol                      ? 
_diffrn_radiation.wavelength_id                    1 
_diffrn_radiation.pdbx_monochromatic_or_laue_m_l   M 
_diffrn_radiation.pdbx_wavelength_list             ? 
_diffrn_radiation.pdbx_wavelength                  ? 
_diffrn_radiation.pdbx_diffrn_protocol             'SINGLE WAVELENGTH' 
_diffrn_radiation.pdbx_analyzer                    ? 
_diffrn_radiation.pdbx_scattering_type             x-ray 
# 
_diffrn_radiation_wavelength.id           1 
_diffrn_radiation_wavelength.wavelength   0.9793 
_diffrn_radiation_wavelength.wt           1.0 
# 
_diffrn_source.current                     ? 
_diffrn_source.details                     ? 
_diffrn_source.diffrn_id                   1 
_diffrn_source.power                       ? 
_diffrn_source.size                        ? 
_diffrn_source.source                      SYNCHROTRON 
_diffrn_source.target                      ? 
_diffrn_source.type                        'SSRF BEAMLINE BL18U1' 
_diffrn_source.voltage                     ? 
_diffrn_source.take-off_angle              ? 
_diffrn_source.pdbx_wavelength_list        0.9793 
_diffrn_source.pdbx_wavelength             ? 
_diffrn_source.pdbx_synchrotron_beamline   BL18U1 
_diffrn_source.pdbx_synchrotron_site       SSRF 
# 
_reflns.B_iso_Wilson_estimate                          ? 
_reflns.entry_id                                       7XV9 
_reflns.data_reduction_details                         ? 
_reflns.data_reduction_method                          ? 
_reflns.d_resolution_high                              1.599 
_reflns.d_resolution_low                               50 
_reflns.details                                        ? 
_reflns.limit_h_max                                    ? 
_reflns.limit_h_min                                    ? 
_reflns.limit_k_max                                    ? 
_reflns.limit_k_min                                    ? 
_reflns.limit_l_max                                    ? 
_reflns.limit_l_min                                    ? 
_reflns.number_all                                     ? 
_reflns.number_obs                                     17222 
_reflns.observed_criterion                             ? 
_reflns.observed_criterion_F_max                       ? 
_reflns.observed_criterion_F_min                       ? 
_reflns.observed_criterion_I_max                       ? 
_reflns.observed_criterion_I_min                       ? 
_reflns.observed_criterion_sigma_F                     ? 
_reflns.observed_criterion_sigma_I                     ? 
_reflns.percent_possible_obs                           99.6 
_reflns.R_free_details                                 ? 
_reflns.Rmerge_F_all                                   ? 
_reflns.Rmerge_F_obs                                   ? 
_reflns.Friedel_coverage                               ? 
_reflns.number_gt                                      ? 
_reflns.threshold_expression                           ? 
_reflns.pdbx_redundancy                                9.1 
_reflns.pdbx_Rmerge_I_obs                              ? 
_reflns.pdbx_Rmerge_I_all                              ? 
_reflns.pdbx_Rsym_value                                ? 
_reflns.pdbx_netI_over_av_sigmaI                       ? 
_reflns.pdbx_netI_over_sigmaI                          21.2 
_reflns.pdbx_res_netI_over_av_sigmaI_2                 ? 
_reflns.pdbx_res_netI_over_sigmaI_2                    ? 
_reflns.pdbx_chi_squared                               ? 
_reflns.pdbx_scaling_rejects                           ? 
_reflns.pdbx_d_res_high_opt                            ? 
_reflns.pdbx_d_res_low_opt                             ? 
_reflns.pdbx_d_res_opt_method                          ? 
_reflns.phase_calculation_details                      ? 
_reflns.pdbx_Rrim_I_all                                ? 
_reflns.pdbx_Rpim_I_all                                ? 
_reflns.pdbx_d_opt                                     ? 
_reflns.pdbx_number_measured_all                       ? 
_reflns.pdbx_diffrn_id                                 1 
_reflns.pdbx_ordinal                                   1 
_reflns.pdbx_CC_half                                   0.9957 
_reflns.pdbx_CC_star                                   ? 
_reflns.pdbx_R_split                                   ? 
_reflns.pdbx_aniso_diffraction_limit_axis_1_ortho[1]   ? 
_reflns.pdbx_aniso_diffraction_limit_axis_1_ortho[2]   ? 
_reflns.pdbx_aniso_diffraction_limit_axis_1_ortho[3]   ? 
_reflns.pdbx_aniso_diffraction_limit_axis_2_ortho[1]   ? 
_reflns.pdbx_aniso_diffraction_limit_axis_2_ortho[2]   ? 
_reflns.pdbx_aniso_diffraction_limit_axis_2_ortho[3]   ? 
_reflns.pdbx_aniso_diffraction_limit_axis_3_ortho[1]   ? 
_reflns.pdbx_aniso_diffraction_limit_axis_3_ortho[2]   ? 
_reflns.pdbx_aniso_diffraction_limit_axis_3_ortho[3]   ? 
_reflns.pdbx_aniso_diffraction_limit_1                 ? 
_reflns.pdbx_aniso_diffraction_limit_2                 ? 
_reflns.pdbx_aniso_diffraction_limit_3                 ? 
_reflns.pdbx_aniso_B_tensor_eigenvector_1_ortho[1]     ? 
_reflns.pdbx_aniso_B_tensor_eigenvector_1_ortho[2]     ? 
_reflns.pdbx_aniso_B_tensor_eigenvector_1_ortho[3]     ? 
_reflns.pdbx_aniso_B_tensor_eigenvector_2_ortho[1]     ? 
_reflns.pdbx_aniso_B_tensor_eigenvector_2_ortho[2]     ? 
_reflns.pdbx_aniso_B_tensor_eigenvector_2_ortho[3]     ? 
_reflns.pdbx_aniso_B_tensor_eigenvector_3_ortho[1]     ? 
_reflns.pdbx_aniso_B_tensor_eigenvector_3_ortho[2]     ? 
_reflns.pdbx_aniso_B_tensor_eigenvector_3_ortho[3]     ? 
_reflns.pdbx_aniso_B_tensor_eigenvalue_1               ? 
_reflns.pdbx_aniso_B_tensor_eigenvalue_2               ? 
_reflns.pdbx_aniso_B_tensor_eigenvalue_3               ? 
_reflns.pdbx_orthogonalization_convention              ? 
_reflns.pdbx_percent_possible_ellipsoidal              ? 
_reflns.pdbx_percent_possible_spherical                ? 
_reflns.pdbx_percent_possible_ellipsoidal_anomalous    ? 
_reflns.pdbx_percent_possible_spherical_anomalous      ? 
_reflns.pdbx_redundancy_anomalous                      ? 
_reflns.pdbx_CC_half_anomalous                         ? 
_reflns.pdbx_absDiff_over_sigma_anomalous              ? 
_reflns.pdbx_percent_possible_anomalous                ? 
_reflns.pdbx_observed_signal_threshold                 ? 
_reflns.pdbx_signal_type                               ? 
_reflns.pdbx_signal_details                            ? 
_reflns.pdbx_signal_software_id                        ? 
_reflns.pdbx_CC_split_method                           ? 
# 
_reflns_shell.d_res_high                                    1.599 
_reflns_shell.d_res_low                                     1.64 
_reflns_shell.meanI_over_sigI_all                           ? 
_reflns_shell.meanI_over_sigI_obs                           ? 
_reflns_shell.number_measured_all                           ? 
_reflns_shell.number_measured_obs                           ? 
_reflns_shell.number_possible                               ? 
_reflns_shell.number_unique_all                             ? 
_reflns_shell.number_unique_obs                             15147 
_reflns_shell.percent_possible_all                          ? 
_reflns_shell.percent_possible_obs                          ? 
_reflns_shell.Rmerge_F_all                                  ? 
_reflns_shell.Rmerge_F_obs                                  ? 
_reflns_shell.Rmerge_I_all                                  ? 
_reflns_shell.Rmerge_I_obs                                  ? 
_reflns_shell.meanI_over_sigI_gt                            ? 
_reflns_shell.meanI_over_uI_all                             ? 
_reflns_shell.meanI_over_uI_gt                              ? 
_reflns_shell.number_measured_gt                            ? 
_reflns_shell.number_unique_gt                              ? 
_reflns_shell.percent_possible_gt                           ? 
_reflns_shell.Rmerge_F_gt                                   ? 
_reflns_shell.Rmerge_I_gt                                   ? 
_reflns_shell.pdbx_redundancy                               ? 
_reflns_shell.pdbx_Rsym_value                               ? 
_reflns_shell.pdbx_chi_squared                              ? 
_reflns_shell.pdbx_netI_over_sigmaI_all                     ? 
_reflns_shell.pdbx_netI_over_sigmaI_obs                     ? 
_reflns_shell.pdbx_Rrim_I_all                               ? 
_reflns_shell.pdbx_Rpim_I_all                               ? 
_reflns_shell.pdbx_rejects                                  ? 
_reflns_shell.pdbx_ordinal                                  1 
_reflns_shell.pdbx_diffrn_id                                1 
_reflns_shell.pdbx_CC_half                                  0.9330 
_reflns_shell.pdbx_CC_star                                  ? 
_reflns_shell.pdbx_R_split                                  ? 
_reflns_shell.pdbx_percent_possible_ellipsoidal             ? 
_reflns_shell.pdbx_percent_possible_spherical               ? 
_reflns_shell.pdbx_percent_possible_ellipsoidal_anomalous   ? 
_reflns_shell.pdbx_percent_possible_spherical_anomalous     ? 
_reflns_shell.pdbx_redundancy_anomalous                     ? 
_reflns_shell.pdbx_CC_half_anomalous                        ? 
_reflns_shell.pdbx_absDiff_over_sigma_anomalous             ? 
_reflns_shell.pdbx_percent_possible_anomalous               ? 
# 
_refine.aniso_B[1][1]                            -0.000 
_refine.aniso_B[1][2]                            0.000 
_refine.aniso_B[1][3]                            0.000 
_refine.aniso_B[2][2]                            -0.000 
_refine.aniso_B[2][3]                            0.000 
_refine.aniso_B[3][3]                            0.000 
_refine.B_iso_max                                ? 
_refine.B_iso_mean                               16.573 
_refine.B_iso_min                                ? 
_refine.correlation_coeff_Fo_to_Fc               0.957 
_refine.correlation_coeff_Fo_to_Fc_free          0.957 
_refine.details                                  'Hydrogens have been added in their riding positions' 
_refine.diff_density_max                         ? 
_refine.diff_density_max_esd                     ? 
_refine.diff_density_min                         ? 
_refine.diff_density_min_esd                     ? 
_refine.diff_density_rms                         ? 
_refine.diff_density_rms_esd                     ? 
_refine.entry_id                                 7XV9 
_refine.pdbx_refine_id                           'X-RAY DIFFRACTION' 
_refine.ls_abs_structure_details                 ? 
_refine.ls_abs_structure_Flack                   ? 
_refine.ls_abs_structure_Flack_esd               ? 
_refine.ls_abs_structure_Rogers                  ? 
_refine.ls_abs_structure_Rogers_esd              ? 
_refine.ls_d_res_high                            1.599 
_refine.ls_d_res_low                             32.031 
_refine.ls_extinction_coef                       ? 
_refine.ls_extinction_coef_esd                   ? 
_refine.ls_extinction_expression                 ? 
_refine.ls_extinction_method                     ? 
_refine.ls_goodness_of_fit_all                   ? 
_refine.ls_goodness_of_fit_all_esd               ? 
_refine.ls_goodness_of_fit_obs                   ? 
_refine.ls_goodness_of_fit_obs_esd               ? 
_refine.ls_hydrogen_treatment                    ? 
_refine.ls_matrix_type                           ? 
_refine.ls_number_constraints                    ? 
_refine.ls_number_parameters                     ? 
_refine.ls_number_reflns_all                     ? 
_refine.ls_number_reflns_obs                     15931 
_refine.ls_number_reflns_R_free                  860 
_refine.ls_number_reflns_R_work                  15071 
_refine.ls_number_restraints                     ? 
_refine.ls_percent_reflns_obs                    92.515 
_refine.ls_percent_reflns_R_free                 5.398 
_refine.ls_R_factor_all                          0.177 
_refine.ls_R_factor_obs                          ? 
_refine.ls_R_factor_R_free                       0.1805 
_refine.ls_R_factor_R_free_error                 ? 
_refine.ls_R_factor_R_free_error_details         ? 
_refine.ls_R_factor_R_work                       0.1764 
_refine.ls_R_Fsqd_factor_obs                     ? 
_refine.ls_R_I_factor_obs                        ? 
_refine.ls_redundancy_reflns_all                 ? 
_refine.ls_redundancy_reflns_obs                 ? 
_refine.ls_restrained_S_all                      ? 
_refine.ls_restrained_S_obs                      ? 
_refine.ls_shift_over_esd_max                    ? 
_refine.ls_shift_over_esd_mean                   ? 
_refine.ls_structure_factor_coef                 ? 
_refine.ls_weighting_details                     ? 
_refine.ls_weighting_scheme                      ? 
_refine.ls_wR_factor_all                         ? 
_refine.ls_wR_factor_obs                         ? 
_refine.ls_wR_factor_R_free                      ? 
_refine.ls_wR_factor_R_work                      ? 
_refine.occupancy_max                            ? 
_refine.occupancy_min                            ? 
_refine.solvent_model_details                    'MASK BULK SOLVENT' 
_refine.solvent_model_param_bsol                 ? 
_refine.solvent_model_param_ksol                 ? 
_refine.pdbx_R_complete                          ? 
_refine.ls_R_factor_gt                           ? 
_refine.ls_goodness_of_fit_gt                    ? 
_refine.ls_goodness_of_fit_ref                   ? 
_refine.ls_shift_over_su_max                     ? 
_refine.ls_shift_over_su_max_lt                  ? 
_refine.ls_shift_over_su_mean                    ? 
_refine.ls_shift_over_su_mean_lt                 ? 
_refine.pdbx_ls_sigma_I                          ? 
_refine.pdbx_ls_sigma_F                          ? 
_refine.pdbx_ls_sigma_Fsqd                       ? 
_refine.pdbx_data_cutoff_high_absF               ? 
_refine.pdbx_data_cutoff_high_rms_absF           ? 
_refine.pdbx_data_cutoff_low_absF                ? 
_refine.pdbx_isotropic_thermal_model             ? 
_refine.pdbx_ls_cross_valid_method               'FREE R-VALUE' 
_refine.pdbx_method_to_determine_struct          'MOLECULAR REPLACEMENT' 
_refine.pdbx_starting_model                      3DZU 
_refine.pdbx_stereochemistry_target_values       ? 
_refine.pdbx_R_Free_selection_details            ? 
_refine.pdbx_stereochem_target_val_spec_case     ? 
_refine.pdbx_overall_ESU_R                       0.109 
_refine.pdbx_overall_ESU_R_Free                  0.090 
_refine.pdbx_solvent_vdw_probe_radii             1.200 
_refine.pdbx_solvent_ion_probe_radii             0.800 
_refine.pdbx_solvent_shrinkage_radii             0.800 
_refine.pdbx_real_space_R                        ? 
_refine.pdbx_density_correlation                 ? 
_refine.pdbx_pd_number_of_powder_patterns        ? 
_refine.pdbx_pd_number_of_points                 ? 
_refine.pdbx_pd_meas_number_of_points            ? 
_refine.pdbx_pd_proc_ls_prof_R_factor            ? 
_refine.pdbx_pd_proc_ls_prof_wR_factor           ? 
_refine.pdbx_pd_Marquardt_correlation_coeff      ? 
_refine.pdbx_pd_Fsqrd_R_factor                   ? 
_refine.pdbx_pd_ls_matrix_band_width             ? 
_refine.pdbx_overall_phase_error                 ? 
_refine.pdbx_overall_SU_R_free_Cruickshank_DPI   ? 
_refine.pdbx_overall_SU_R_free_Blow_DPI          ? 
_refine.pdbx_overall_SU_R_Blow_DPI               ? 
_refine.pdbx_TLS_residual_ADP_flag               ? 
_refine.pdbx_diffrn_id                           1 
_refine.overall_SU_B                             1.791 
_refine.overall_SU_ML                            0.062 
_refine.overall_SU_R_Cruickshank_DPI             ? 
_refine.overall_SU_R_free                        ? 
_refine.overall_FOM_free_R_set                   ? 
_refine.overall_FOM_work_R_set                   ? 
_refine.pdbx_average_fsc_overall                 ? 
_refine.pdbx_average_fsc_work                    ? 
_refine.pdbx_average_fsc_free                    ? 
# 
_refine_hist.pdbx_refine_id                   'X-RAY DIFFRACTION' 
_refine_hist.cycle_id                         LAST 
_refine_hist.details                          ? 
_refine_hist.d_res_high                       1.599 
_refine_hist.d_res_low                        32.031 
_refine_hist.number_atoms_solvent             132 
_refine_hist.number_atoms_total               1319 
_refine_hist.number_reflns_all                ? 
_refine_hist.number_reflns_obs                ? 
_refine_hist.number_reflns_R_free             ? 
_refine_hist.number_reflns_R_work             ? 
_refine_hist.R_factor_all                     ? 
_refine_hist.R_factor_obs                     ? 
_refine_hist.R_factor_R_free                  ? 
_refine_hist.R_factor_R_work                  ? 
_refine_hist.pdbx_number_residues_total       ? 
_refine_hist.pdbx_B_iso_mean_ligand           ? 
_refine_hist.pdbx_B_iso_mean_solvent          ? 
_refine_hist.pdbx_number_atoms_protein        1183 
_refine_hist.pdbx_number_atoms_nucleic_acid   0 
_refine_hist.pdbx_number_atoms_ligand         4 
_refine_hist.pdbx_number_atoms_lipid          ? 
_refine_hist.pdbx_number_atoms_carb           ? 
_refine_hist.pdbx_pseudo_atom_details         ? 
# 
loop_
_refine_ls_restr.pdbx_refine_id 
_refine_ls_restr.criterion 
_refine_ls_restr.dev_ideal 
_refine_ls_restr.dev_ideal_target 
_refine_ls_restr.number 
_refine_ls_restr.rejects 
_refine_ls_restr.type 
_refine_ls_restr.weight 
_refine_ls_restr.pdbx_restraint_function 
'X-RAY DIFFRACTION' ? 0.013  0.013  1215 ? r_bond_refined_d               ? ? 
'X-RAY DIFFRACTION' ? 0.001  0.018  1112 ? r_bond_other_d                 ? ? 
'X-RAY DIFFRACTION' ? 1.761  1.638  1616 ? r_angle_refined_deg            ? ? 
'X-RAY DIFFRACTION' ? 1.574  1.586  2562 ? r_angle_other_deg              ? ? 
'X-RAY DIFFRACTION' ? 6.741  5.000  164  ? r_dihedral_angle_1_deg         ? ? 
'X-RAY DIFFRACTION' ? 24.006 21.034 58   ? r_dihedral_angle_2_deg         ? ? 
'X-RAY DIFFRACTION' ? 16.731 15.000 227  ? r_dihedral_angle_3_deg         ? ? 
'X-RAY DIFFRACTION' ? 15.423 15.000 11   ? r_dihedral_angle_4_deg         ? ? 
'X-RAY DIFFRACTION' ? 0.091  0.200  151  ? r_chiral_restr                 ? ? 
'X-RAY DIFFRACTION' ? 0.009  0.020  1400 ? r_gen_planes_refined           ? ? 
'X-RAY DIFFRACTION' ? 0.001  0.020  294  ? r_gen_planes_other             ? ? 
'X-RAY DIFFRACTION' ? 0.231  0.200  216  ? r_nbd_refined                  ? ? 
'X-RAY DIFFRACTION' ? 0.193  0.200  971  ? r_symmetry_nbd_other           ? ? 
'X-RAY DIFFRACTION' ? 0.171  0.200  607  ? r_nbtor_refined                ? ? 
'X-RAY DIFFRACTION' ? 0.087  0.200  564  ? r_symmetry_nbtor_other         ? ? 
'X-RAY DIFFRACTION' ? 0.172  0.200  73   ? r_xyhbond_nbd_refined          ? ? 
'X-RAY DIFFRACTION' ? 0.197  0.200  24   ? r_symmetry_nbd_refined         ? ? 
'X-RAY DIFFRACTION' ? 0.231  0.200  82   ? r_nbd_other                    ? ? 
'X-RAY DIFFRACTION' ? 0.128  0.200  19   ? r_symmetry_xyhbond_nbd_refined ? ? 
'X-RAY DIFFRACTION' ? 1.683  1.593  642  ? r_mcbond_it                    ? ? 
'X-RAY DIFFRACTION' ? 1.685  1.590  641  ? r_mcbond_other                 ? ? 
'X-RAY DIFFRACTION' ? 2.475  2.378  800  ? r_mcangle_it                   ? ? 
'X-RAY DIFFRACTION' ? 2.474  2.381  801  ? r_mcangle_other                ? ? 
'X-RAY DIFFRACTION' ? 2.715  1.911  573  ? r_scbond_it                    ? ? 
'X-RAY DIFFRACTION' ? 2.708  1.911  573  ? r_scbond_other                 ? ? 
'X-RAY DIFFRACTION' ? 4.192  2.734  813  ? r_scangle_it                   ? ? 
'X-RAY DIFFRACTION' ? 4.192  2.737  814  ? r_scangle_other                ? ? 
'X-RAY DIFFRACTION' ? 5.352  19.024 1354 ? r_lrange_it                    ? ? 
'X-RAY DIFFRACTION' ? 5.332  18.795 1336 ? r_lrange_other                 ? ? 
# 
loop_
_refine_ls_shell.pdbx_refine_id 
_refine_ls_shell.d_res_high 
_refine_ls_shell.d_res_low 
_refine_ls_shell.number_reflns_all 
_refine_ls_shell.number_reflns_obs 
_refine_ls_shell.number_reflns_R_free 
_refine_ls_shell.number_reflns_R_work 
_refine_ls_shell.percent_reflns_obs 
_refine_ls_shell.percent_reflns_R_free 
_refine_ls_shell.R_factor_all 
_refine_ls_shell.R_factor_obs 
_refine_ls_shell.R_factor_R_free 
_refine_ls_shell.R_factor_R_free_error 
_refine_ls_shell.R_factor_R_work 
_refine_ls_shell.redundancy_reflns_all 
_refine_ls_shell.redundancy_reflns_obs 
_refine_ls_shell.wR_factor_all 
_refine_ls_shell.wR_factor_obs 
_refine_ls_shell.wR_factor_R_free 
_refine_ls_shell.wR_factor_R_work 
_refine_ls_shell.pdbx_R_complete 
_refine_ls_shell.pdbx_total_number_of_bins_used 
_refine_ls_shell.pdbx_phase_error 
_refine_ls_shell.pdbx_fsc_work 
_refine_ls_shell.pdbx_fsc_free 
'X-RAY DIFFRACTION' 1.599 1.640 . . 25 602  49.0227  . . . 0.104 . 0.200 . . . . . . . . . . . 
'X-RAY DIFFRACTION' 1.640 1.685 . . 41 755  63.3254  . . . 0.253 . 0.220 . . . . . . . . . . . 
'X-RAY DIFFRACTION' 1.685 1.734 . . 31 999  88.0342  . . . 0.275 . 0.208 . . . . . . . . . . . 
'X-RAY DIFFRACTION' 1.734 1.787 . . 77 1092 97.9062  . . . 0.232 . 0.208 . . . . . . . . . . . 
'X-RAY DIFFRACTION' 1.787 1.845 . . 62 1049 99.7307  . . . 0.195 . 0.179 . . . . . . . . . . . 
'X-RAY DIFFRACTION' 1.845 1.910 . . 58 1050 99.8198  . . . 0.221 . 0.173 . . . . . . . . . . . 
'X-RAY DIFFRACTION' 1.910 1.982 . . 98 955  100.0000 . . . 0.216 . 0.174 . . . . . . . . . . . 
'X-RAY DIFFRACTION' 1.982 2.062 . . 43 970  100.0000 . . . 0.132 . 0.166 . . . . . . . . . . . 
'X-RAY DIFFRACTION' 2.062 2.154 . . 60 918  99.8979  . . . 0.209 . 0.157 . . . . . . . . . . . 
'X-RAY DIFFRACTION' 2.154 2.258 . . 41 873  100.0000 . . . 0.160 . 0.161 . . . . . . . . . . . 
'X-RAY DIFFRACTION' 2.258 2.380 . . 48 837  100.0000 . . . 0.194 . 0.149 . . . . . . . . . . . 
'X-RAY DIFFRACTION' 2.380 2.523 . . 46 809  100.0000 . . . 0.154 . 0.158 . . . . . . . . . . . 
'X-RAY DIFFRACTION' 2.523 2.696 . . 45 752  100.0000 . . . 0.147 . 0.190 . . . . . . . . . . . 
'X-RAY DIFFRACTION' 2.696 2.910 . . 40 686  100.0000 . . . 0.229 . 0.192 . . . . . . . . . . . 
'X-RAY DIFFRACTION' 2.910 3.186 . . 42 635  100.0000 . . . 0.168 . 0.182 . . . . . . . . . . . 
'X-RAY DIFFRACTION' 3.186 3.557 . . 27 598  100.0000 . . . 0.192 . 0.156 . . . . . . . . . . . 
'X-RAY DIFFRACTION' 3.557 4.099 . . 30 513  99.8162  . . . 0.115 . 0.160 . . . . . . . . . . . 
'X-RAY DIFFRACTION' 4.099 5.000 . . 24 424  100.0000 . . . 0.147 . 0.159 . . . . . . . . . . . 
'X-RAY DIFFRACTION' 5.000 6.988 . . 16 346  100.0000 . . . 0.225 . 0.198 . . . . . . . . . . . 
'X-RAY DIFFRACTION' 6.988 7.229 . . 6  208  98.1651  . . . 0.110 . 0.261 . . . . . . . . . . . 
# 
_struct.entry_id                     7XV9 
_struct.title                        'Crystal structure of the Human TR4 DNA-Binding Domain' 
_struct.pdbx_model_details           ? 
_struct.pdbx_formula_weight          ? 
_struct.pdbx_formula_weight_method   ? 
_struct.pdbx_model_type_details      ? 
_struct.pdbx_CASP_flag               N 
# 
_struct_keywords.entry_id        7XV9 
_struct_keywords.text            'Nuclear receptor, DNA binding protein' 
_struct_keywords.pdbx_keywords   'DNA BINDING PROTEIN' 
# 
loop_
_struct_asym.id 
_struct_asym.pdbx_blank_PDB_chainid_flag 
_struct_asym.pdbx_modified 
_struct_asym.entity_id 
_struct_asym.details 
A N N 1 ? 
B N N 1 ? 
C N N 2 ? 
D N N 2 ? 
E N N 2 ? 
F N N 2 ? 
G N N 3 ? 
H N N 3 ? 
# 
loop_
_struct_conf.conf_type_id 
_struct_conf.id 
_struct_conf.pdbx_PDB_helix_id 
_struct_conf.beg_label_comp_id 
_struct_conf.beg_label_asym_id 
_struct_conf.beg_label_seq_id 
_struct_conf.pdbx_beg_PDB_ins_code 
_struct_conf.end_label_comp_id 
_struct_conf.end_label_asym_id 
_struct_conf.end_label_seq_id 
_struct_conf.pdbx_end_PDB_ins_code 
_struct_conf.beg_auth_comp_id 
_struct_conf.beg_auth_asym_id 
_struct_conf.beg_auth_seq_id 
_struct_conf.end_auth_comp_id 
_struct_conf.end_auth_asym_id 
_struct_conf.end_auth_seq_id 
_struct_conf.pdbx_PDB_helix_class 
_struct_conf.details 
_struct_conf.pdbx_PDB_helix_length 
HELX_P HELX_P1 AA1 CYS A 25 ? LYS A 38 ? CYS A 134 LYS A 147 1 ? 14 
HELX_P HELX_P2 AA2 CYS A 60 ? MET A 71 ? CYS A 169 MET A 180 1 ? 12 
HELX_P HELX_P3 AA3 LYS A 74 ? VAL A 78 ? LYS A 183 VAL A 187 5 ? 5  
HELX_P HELX_P4 AA4 CYS B 25 ? LYS B 38 ? CYS B 134 LYS B 147 1 ? 14 
HELX_P HELX_P5 AA5 CYS B 60 ? MET B 71 ? CYS B 169 MET B 180 1 ? 12 
HELX_P HELX_P6 AA6 LYS B 74 ? VAL B 78 ? LYS B 183 VAL B 187 5 ? 5  
# 
_struct_conf_type.id          HELX_P 
_struct_conf_type.criteria    ? 
_struct_conf_type.reference   ? 
# 
loop_
_struct_conn.id 
_struct_conn.conn_type_id 
_struct_conn.pdbx_leaving_atom_flag 
_struct_conn.pdbx_PDB_id 
_struct_conn.ptnr1_label_asym_id 
_struct_conn.ptnr1_label_comp_id 
_struct_conn.ptnr1_label_seq_id 
_struct_conn.ptnr1_label_atom_id 
_struct_conn.pdbx_ptnr1_label_alt_id 
_struct_conn.pdbx_ptnr1_PDB_ins_code 
_struct_conn.pdbx_ptnr1_standard_comp_id 
_struct_conn.ptnr1_symmetry 
_struct_conn.ptnr2_label_asym_id 
_struct_conn.ptnr2_label_comp_id 
_struct_conn.ptnr2_label_seq_id 
_struct_conn.ptnr2_label_atom_id 
_struct_conn.pdbx_ptnr2_label_alt_id 
_struct_conn.pdbx_ptnr2_PDB_ins_code 
_struct_conn.ptnr1_auth_asym_id 
_struct_conn.ptnr1_auth_comp_id 
_struct_conn.ptnr1_auth_seq_id 
_struct_conn.ptnr2_auth_asym_id 
_struct_conn.ptnr2_auth_comp_id 
_struct_conn.ptnr2_auth_seq_id 
_struct_conn.ptnr2_symmetry 
_struct_conn.pdbx_ptnr3_label_atom_id 
_struct_conn.pdbx_ptnr3_label_seq_id 
_struct_conn.pdbx_ptnr3_label_comp_id 
_struct_conn.pdbx_ptnr3_label_asym_id 
_struct_conn.pdbx_ptnr3_label_alt_id 
_struct_conn.pdbx_ptnr3_PDB_ins_code 
_struct_conn.details 
_struct_conn.pdbx_dist_value 
_struct_conn.pdbx_value_order 
_struct_conn.pdbx_role 
metalc1  metalc ? ? A CYS 8  SG ? ? ? 1_555 C ZN . ZN ? ? A CYS 117 A ZN 201 1_555 ? ? ? ? ? ? ? 2.368 ? ? 
metalc2  metalc ? ? A CYS 11 SG ? ? ? 1_555 C ZN . ZN ? ? A CYS 120 A ZN 201 1_555 ? ? ? ? ? ? ? 2.278 ? ? 
metalc3  metalc ? ? A CYS 25 SG ? ? ? 1_555 C ZN . ZN ? ? A CYS 134 A ZN 201 1_555 ? ? ? ? ? ? ? 2.379 ? ? 
metalc4  metalc ? ? A CYS 28 SG ? ? ? 1_555 C ZN . ZN ? ? A CYS 137 A ZN 201 1_555 ? ? ? ? ? ? ? 2.341 ? ? 
metalc5  metalc ? ? A CYS 44 SG ? ? ? 1_555 D ZN . ZN ? ? A CYS 153 A ZN 202 1_555 ? ? ? ? ? ? ? 2.238 ? ? 
metalc6  metalc ? ? A CYS 50 SG ? ? ? 1_555 D ZN . ZN ? ? A CYS 159 A ZN 202 1_555 ? ? ? ? ? ? ? 2.322 ? ? 
metalc7  metalc ? ? A CYS 60 SG ? ? ? 1_555 D ZN . ZN ? ? A CYS 169 A ZN 202 1_555 ? ? ? ? ? ? ? 2.223 ? ? 
metalc8  metalc ? ? A CYS 63 SG ? ? ? 1_555 D ZN . ZN ? ? A CYS 172 A ZN 202 1_555 ? ? ? ? ? ? ? 2.424 ? ? 
metalc9  metalc ? ? B CYS 8  SG ? ? ? 1_555 E ZN . ZN ? ? B CYS 117 B ZN 201 1_555 ? ? ? ? ? ? ? 2.371 ? ? 
metalc10 metalc ? ? B CYS 11 SG ? ? ? 1_555 E ZN . ZN ? ? B CYS 120 B ZN 201 1_555 ? ? ? ? ? ? ? 2.284 ? ? 
metalc11 metalc ? ? B CYS 25 SG ? ? ? 1_555 E ZN . ZN ? ? B CYS 134 B ZN 201 1_555 ? ? ? ? ? ? ? 2.331 ? ? 
metalc12 metalc ? ? B CYS 28 SG ? ? ? 1_555 E ZN . ZN ? ? B CYS 137 B ZN 201 1_555 ? ? ? ? ? ? ? 2.355 ? ? 
metalc13 metalc ? ? B CYS 44 SG ? ? ? 1_555 F ZN . ZN ? ? B CYS 153 B ZN 202 1_555 ? ? ? ? ? ? ? 2.269 ? ? 
metalc14 metalc ? ? B CYS 50 SG ? ? ? 1_555 F ZN . ZN ? ? B CYS 159 B ZN 202 1_555 ? ? ? ? ? ? ? 2.319 ? ? 
metalc15 metalc ? ? B CYS 60 SG ? ? ? 1_555 F ZN . ZN ? ? B CYS 169 B ZN 202 1_555 ? ? ? ? ? ? ? 2.209 ? ? 
metalc16 metalc ? ? B CYS 63 SG ? ? ? 1_555 F ZN . ZN ? ? B CYS 172 B ZN 202 1_555 ? ? ? ? ? ? ? 2.379 ? ? 
# 
_struct_conn_type.id          metalc 
_struct_conn_type.criteria    ? 
_struct_conn_type.reference   ? 
# 
loop_
_struct_sheet.id 
_struct_sheet.type 
_struct_sheet.number_strands 
_struct_sheet.details 
AA1 ? 2 ? 
AA2 ? 2 ? 
# 
loop_
_struct_sheet_order.sheet_id 
_struct_sheet_order.range_id_1 
_struct_sheet_order.range_id_2 
_struct_sheet_order.offset 
_struct_sheet_order.sense 
AA1 1 2 ? anti-parallel 
AA2 1 2 ? anti-parallel 
# 
loop_
_struct_sheet_range.sheet_id 
_struct_sheet_range.id 
_struct_sheet_range.beg_label_comp_id 
_struct_sheet_range.beg_label_asym_id 
_struct_sheet_range.beg_label_seq_id 
_struct_sheet_range.pdbx_beg_PDB_ins_code 
_struct_sheet_range.end_label_comp_id 
_struct_sheet_range.end_label_asym_id 
_struct_sheet_range.end_label_seq_id 
_struct_sheet_range.pdbx_end_PDB_ins_code 
_struct_sheet_range.beg_auth_comp_id 
_struct_sheet_range.beg_auth_asym_id 
_struct_sheet_range.beg_auth_seq_id 
_struct_sheet_range.end_auth_comp_id 
_struct_sheet_range.end_auth_asym_id 
_struct_sheet_range.end_auth_seq_id 
AA1 1 GLY A 17 ? HIS A 19 ? GLY A 126 HIS A 128 
AA1 2 ALA A 22 ? SER A 24 ? ALA A 131 SER A 133 
AA2 1 GLY B 17 ? HIS B 19 ? GLY B 126 HIS B 128 
AA2 2 ALA B 22 ? SER B 24 ? ALA B 131 SER B 133 
# 
loop_
_pdbx_struct_sheet_hbond.sheet_id 
_pdbx_struct_sheet_hbond.range_id_1 
_pdbx_struct_sheet_hbond.range_id_2 
_pdbx_struct_sheet_hbond.range_1_label_atom_id 
_pdbx_struct_sheet_hbond.range_1_label_comp_id 
_pdbx_struct_sheet_hbond.range_1_label_asym_id 
_pdbx_struct_sheet_hbond.range_1_label_seq_id 
_pdbx_struct_sheet_hbond.range_1_PDB_ins_code 
_pdbx_struct_sheet_hbond.range_1_auth_atom_id 
_pdbx_struct_sheet_hbond.range_1_auth_comp_id 
_pdbx_struct_sheet_hbond.range_1_auth_asym_id 
_pdbx_struct_sheet_hbond.range_1_auth_seq_id 
_pdbx_struct_sheet_hbond.range_2_label_atom_id 
_pdbx_struct_sheet_hbond.range_2_label_comp_id 
_pdbx_struct_sheet_hbond.range_2_label_asym_id 
_pdbx_struct_sheet_hbond.range_2_label_seq_id 
_pdbx_struct_sheet_hbond.range_2_PDB_ins_code 
_pdbx_struct_sheet_hbond.range_2_auth_atom_id 
_pdbx_struct_sheet_hbond.range_2_auth_comp_id 
_pdbx_struct_sheet_hbond.range_2_auth_asym_id 
_pdbx_struct_sheet_hbond.range_2_auth_seq_id 
AA1 1 2 N HIS A 19 ? N HIS A 128 O ALA A 22 ? O ALA A 131 
AA2 1 2 N HIS B 19 ? N HIS B 128 O ALA B 22 ? O ALA B 131 
# 
_atom_sites.entry_id                    7XV9 
_atom_sites.Cartn_transf_matrix[1][1]   ? 
_atom_sites.Cartn_transf_matrix[1][2]   ? 
_atom_sites.Cartn_transf_matrix[1][3]   ? 
_atom_sites.Cartn_transf_matrix[2][1]   ? 
_atom_sites.Cartn_transf_matrix[2][2]   ? 
_atom_sites.Cartn_transf_matrix[2][3]   ? 
_atom_sites.Cartn_transf_matrix[3][1]   ? 
_atom_sites.Cartn_transf_matrix[3][2]   ? 
_atom_sites.Cartn_transf_matrix[3][3]   ? 
_atom_sites.Cartn_transf_vector[1]      ? 
_atom_sites.Cartn_transf_vector[2]      ? 
_atom_sites.Cartn_transf_vector[3]      ? 
_atom_sites.fract_transf_matrix[1][1]   0.02449134 
_atom_sites.fract_transf_matrix[1][2]   -0.00625104 
_atom_sites.fract_transf_matrix[1][3]   -0.01799543 
_atom_sites.fract_transf_matrix[2][1]   0.01301200 
_atom_sites.fract_transf_matrix[2][2]   -0.01591837 
_atom_sites.fract_transf_matrix[2][3]   0.02323855 
_atom_sites.fract_transf_matrix[3][1]   -0.00350226 
_atom_sites.fract_transf_matrix[3][2]   -0.00651660 
_atom_sites.fract_transf_matrix[3][3]   -0.00250283 
_atom_sites.fract_transf_vector[1]      0.299143 
_atom_sites.fract_transf_vector[2]      0.250421 
_atom_sites.fract_transf_vector[3]      0.232351 
_atom_sites.solution_primary            ? 
_atom_sites.solution_secondary          ? 
_atom_sites.solution_hydrogens          ? 
_atom_sites.special_details             ? 
# 
loop_
_atom_type.symbol 
_atom_type.pdbx_scat_Z 
_atom_type.pdbx_N_electrons 
_atom_type.scat_Cromer_Mann_a1 
_atom_type.scat_Cromer_Mann_b1 
_atom_type.scat_Cromer_Mann_a2 
_atom_type.scat_Cromer_Mann_b2 
_atom_type.scat_Cromer_Mann_a3 
_atom_type.scat_Cromer_Mann_b3 
_atom_type.scat_Cromer_Mann_a4 
_atom_type.scat_Cromer_Mann_b4 
_atom_type.scat_Cromer_Mann_c 
C  6  6  2.310  20.844 1.020 10.208 1.589 0.569  0.865 51.651 0.216   
H  1  1  0.493  10.511 0.323 26.126 0.140 3.142  0.041 57.800 0.003   
N  7  7  12.222 0.006  3.135 9.893  2.014 28.997 1.167 0.583  -11.538 
O  8  8  3.049  13.277 2.287 5.701  1.546 0.324  0.867 32.909 0.251   
S  16 16 6.905  1.468  5.203 22.215 1.438 0.254  1.586 56.172 0.867   
ZN 30 30 14.081 3.266  7.035 0.233  5.168 10.316 2.411 58.710 1.305   
# 
loop_
_atom_site.group_PDB 
_atom_site.id 
_atom_site.type_symbol 
_atom_site.label_atom_id 
_atom_site.label_alt_id 
_atom_site.label_comp_id 
_atom_site.label_asym_id 
_atom_site.label_entity_id 
_atom_site.label_seq_id 
_atom_site.pdbx_PDB_ins_code 
_atom_site.Cartn_x 
_atom_site.Cartn_y 
_atom_site.Cartn_z 
_atom_site.occupancy 
_atom_site.B_iso_or_equiv 
_atom_site.pdbx_formal_charge 
_atom_site.auth_seq_id 
_atom_site.auth_comp_id 
_atom_site.auth_asym_id 
_atom_site.auth_atom_id 
_atom_site.pdbx_PDB_model_num 
_atom_site.calc_flag 
ATOM   1    N  N   . GLY A 1 1  ? 9.457   24.834  4.101   1.000 15.795 0 110 GLY A N   1 ? 
ATOM   2    C  CA  . GLY A 1 1  ? 10.196  23.541  3.887   1.000 15.163 0 110 GLY A CA  1 ? 
ATOM   3    C  C   . GLY A 1 1  ? 9.300   22.355  4.208   1.000 13.743 0 110 GLY A C   1 ? 
ATOM   4    O  O   . GLY A 1 1  ? 8.216   22.587  4.748   1.000 13.766 0 110 GLY A O   1 ? 
ATOM   5    N  N   . HIS A 1 2  ? 9.705   21.158  3.845   1.000 15.078 0 111 HIS A N   1 ? 
ATOM   6    C  CA  . HIS A 1 2  ? 8.865   19.950  4.085   1.000 16.264 0 111 HIS A CA  1 ? 
ATOM   7    C  C   . HIS A 1 2  ? 9.698   18.688  4.348   1.000 17.032 0 111 HIS A C   1 ? 
ATOM   8    O  O   . HIS A 1 2  ? 10.911  18.673  3.919   1.000 17.983 0 111 HIS A O   1 ? 
ATOM   9    C  CB  . HIS A 1 2  ? 7.970   19.711  2.869   1.000 20.280 0 111 HIS A CB  1 ? 
ATOM   10   C  CG  . HIS A 1 2  ? 8.780   19.397  1.655   1.000 21.554 0 111 HIS A CG  1 ? 
ATOM   11   N  ND1 . HIS A 1 2  ? 9.292   20.363  0.860   1.000 21.837 0 111 HIS A ND1 1 ? 
ATOM   12   C  CD2 . HIS A 1 2  ? 9.207   18.215  1.149   1.000 24.332 0 111 HIS A CD2 1 ? 
ATOM   13   C  CE1 . HIS A 1 2  ? 9.949   19.814  -0.143  1.000 25.111 0 111 HIS A CE1 1 ? 
ATOM   14   N  NE2 . HIS A 1 2  ? 9.904   18.494  0.001   1.000 26.150 0 111 HIS A NE2 1 ? 
ATOM   15   N  N   . MET A 1 3  ? 9.094   17.709  5.060   1.000 15.991 0 112 MET A N   1 ? 
ATOM   16   C  CA  . MET A 1 3  ? 9.655   16.338  5.218   1.000 15.548 0 112 MET A CA  1 ? 
ATOM   17   C  C   . MET A 1 3  ? 8.962   15.436  4.176   1.000 15.816 0 112 MET A C   1 ? 
ATOM   18   O  O   . MET A 1 3  ? 7.813   15.669  3.885   1.000 14.862 0 112 MET A O   1 ? 
ATOM   19   C  CB  . MET A 1 3  ? 9.450   15.737  6.617   1.000 15.819 0 112 MET A CB  1 ? 
ATOM   20   C  CG  . MET A 1 3  ? 10.338  16.317  7.708   1.000 14.539 0 112 MET A CG  1 ? 
ATOM   21   S  SD  . MET A 1 3  ? 12.029  16.227  7.302   1.000 16.925 0 112 MET A SD  1 ? 
ATOM   22   C  CE  . MET A 1 3  ? 12.341  14.474  7.415   1.000 14.974 0 112 MET A CE  1 ? 
ATOM   23   N  N   . VAL A 1 4  ? 9.707   14.567  3.503   1.000 13.904 0 113 VAL A N   1 ? 
ATOM   24   C  CA  . VAL A 1 4  ? 9.115   13.419  2.730   1.000 13.540 0 113 VAL A CA  1 ? 
ATOM   25   C  C   . VAL A 1 4  ? 9.062   12.226  3.665   1.000 13.127 0 113 VAL A C   1 ? 
ATOM   26   O  O   . VAL A 1 4  ? 10.107  11.904  4.192   1.000 14.660 0 113 VAL A O   1 ? 
ATOM   27   C  CB  . VAL A 1 4  ? 9.925   13.124  1.459   1.000 14.292 0 113 VAL A CB  1 ? 
ATOM   28   C  CG1 . VAL A 1 4  ? 9.377   11.904  0.727   1.000 16.161 0 113 VAL A CG1 1 ? 
ATOM   29   C  CG2 . VAL A 1 4  ? 9.918   14.328  0.533   1.000 17.343 0 113 VAL A CG2 1 ? 
ATOM   30   N  N   . VAL A 1 5  ? 7.871   11.661  3.897   1.000 12.675 0 114 VAL A N   1 ? 
ATOM   31   C  CA  . VAL A 1 5  ? 7.638   10.542  4.835   1.000 13.075 0 114 VAL A CA  1 ? 
ATOM   32   C  C   . VAL A 1 5  ? 7.295   9.340   3.973   1.000 13.306 0 114 VAL A C   1 ? 
ATOM   33   O  O   . VAL A 1 5  ? 6.221   9.375   3.312   1.000 12.470 0 114 VAL A O   1 ? 
ATOM   34   C  CB  . VAL A 1 5  ? 6.563   10.815  5.901   1.000 14.048 0 114 VAL A CB  1 ? 
ATOM   35   C  CG1 . VAL A 1 5  ? 6.330   9.567   6.775   1.000 14.948 0 114 VAL A CG1 1 ? 
ATOM   36   C  CG2 . VAL A 1 5  ? 6.925   12.019  6.769   1.000 14.540 0 114 VAL A CG2 1 ? 
ATOM   37   N  N   . GLU A 1 6  ? 8.276   8.457   3.825   1.000 12.169 0 115 GLU A N   1 ? 
ATOM   38   C  CA  . GLU A 1 6  ? 8.163   7.306   2.903   1.000 12.531 0 115 GLU A CA  1 ? 
ATOM   39   C  C   . GLU A 1 6  ? 7.401   6.163   3.565   1.000 11.751 0 115 GLU A C   1 ? 
ATOM   40   O  O   . GLU A 1 6  ? 7.624   5.831   4.731   1.000 13.042 0 115 GLU A O   1 ? 
ATOM   41   C  CB  . GLU A 1 6  ? 9.530   6.801   2.476   1.000 13.943 0 115 GLU A CB  1 ? 
ATOM   42   C  CG  . GLU A 1 6  ? 10.272  7.768   1.621   1.000 16.611 0 115 GLU A CG  1 ? 
ATOM   43   C  CD  . GLU A 1 6  ? 9.861   7.849   0.172   1.000 19.282 0 115 GLU A CD  1 ? 
ATOM   44   O  OE1 . GLU A 1 6  ? 10.688  8.390   -0.623  1.000 23.653 0 115 GLU A OE1 1 ? 
ATOM   45   O  OE2 . GLU A 1 6  ? 8.801   7.299   -0.183  1.000 21.117 0 115 GLU A OE2 1 ? 
ATOM   46   N  N   . TYR A 1 7  ? 6.557   5.550   2.762   1.000 11.429 0 116 TYR A N   1 ? 
ATOM   47   C  CA  . TYR A 1 7  ? 5.829   4.339   3.134   1.000 12.066 0 116 TYR A CA  1 ? 
ATOM   48   C  C   . TYR A 1 7  ? 6.393   3.188   2.321   1.000 12.358 0 116 TYR A C   1 ? 
ATOM   49   O  O   . TYR A 1 7  ? 6.706   3.333   1.153   1.000 12.991 0 116 TYR A O   1 ? 
ATOM   50   C  CB  . TYR A 1 7  ? 4.350   4.610   2.946   1.000 12.930 0 116 TYR A CB  1 ? 
ATOM   51   C  CG  . TYR A 1 7  ? 3.811   5.557   3.991   1.000 13.772 0 116 TYR A CG  1 ? 
ATOM   52   C  CD1 . TYR A 1 7  ? 3.976   6.925   3.866   1.000 13.075 0 116 TYR A CD1 1 ? 
ATOM   53   C  CD2 . TYR A 1 7  ? 3.185   5.075   5.129   1.000 16.833 0 116 TYR A CD2 1 ? 
ATOM   54   C  CE1 . TYR A 1 7  ? 3.457   7.783   4.812   1.000 14.313 0 116 TYR A CE1 1 ? 
ATOM   55   C  CE2 . TYR A 1 7  ? 2.641   5.925   6.078   1.000 17.154 0 116 TYR A CE2 1 ? 
ATOM   56   C  CZ  . TYR A 1 7  ? 2.804   7.292   5.927   1.000 17.068 0 116 TYR A CZ  1 ? 
ATOM   57   O  OH  . TYR A 1 7  ? 2.322   8.156   6.886   1.000 17.190 0 116 TYR A OH  1 ? 
ATOM   58   N  N   . CYS A 1 8  ? 6.455   2.036   2.961   1.000 11.218 0 117 CYS A N   1 ? 
ATOM   59   C  CA  . CYS A 1 8  ? 6.811   0.773   2.266   1.000 10.867 0 117 CYS A CA  1 ? 
ATOM   60   C  C   . CYS A 1 8  ? 5.962   0.632   1.012   1.000 10.896 0 117 CYS A C   1 ? 
ATOM   61   O  O   . CYS A 1 8  ? 4.699   0.629   1.091   1.000 10.531 0 117 CYS A O   1 ? 
ATOM   62   C  CB  . CYS A 1 8  ? 6.612   -0.422  3.182   1.000 10.433 0 117 CYS A CB  1 ? 
ATOM   63   S  SG  . CYS A 1 8  ? 7.076   -1.972  2.362   1.000 9.846  0 117 CYS A SG  1 ? 
ATOM   64   N  N   . VAL A 1 9  ? 6.616   0.499   -0.166  1.000 11.026 0 118 VAL A N   1 ? 
ATOM   65   C  CA  . VAL A 1 9  ? 5.905   0.313   -1.459  1.000 11.799 0 118 VAL A CA  1 ? 
ATOM   66   C  C   . VAL A 1 9  ? 5.124   -0.993  -1.478  1.000 11.352 0 118 VAL A C   1 ? 
ATOM   67   O  O   . VAL A 1 9  ? 4.187   -1.106  -2.295  1.000 12.783 0 118 VAL A O   1 ? 
ATOM   68   C  CB  . VAL A 1 9  ? 6.843   0.441   -2.666  1.000 12.676 0 118 VAL A CB  1 ? 
ATOM   69   C  CG1 . VAL A 1 9  ? 7.452   1.823   -2.683  1.000 14.327 0 118 VAL A CG1 1 ? 
ATOM   70   C  CG2 . VAL A 1 9  ? 7.904   -0.641  -2.697  1.000 13.506 0 118 VAL A CG2 1 ? 
ATOM   71   N  N   . VAL A 1 10 ? 5.509   -1.977  -0.659  1.000 10.575 0 119 VAL A N   1 ? 
ATOM   72   C  CA  . VAL A 1 10 ? 4.853   -3.311  -0.682  1.000 10.364 0 119 VAL A CA  1 ? 
ATOM   73   C  C   . VAL A 1 10 ? 3.635   -3.310  0.261   1.000 10.827 0 119 VAL A C   1 ? 
ATOM   74   O  O   . VAL A 1 10 ? 2.553   -3.753  -0.179  1.000 11.508 0 119 VAL A O   1 ? 
ATOM   75   C  CB  . VAL A 1 10 ? 5.845   -4.419  -0.316  1.000 10.987 0 119 VAL A CB  1 ? 
ATOM   76   C  CG1 . VAL A 1 10 ? 5.239   -5.806  -0.410  1.000 11.396 0 119 VAL A CG1 1 ? 
ATOM   77   C  CG2 . VAL A 1 10 ? 7.071   -4.320  -1.229  1.000 11.658 0 119 VAL A CG2 1 ? 
ATOM   78   N  N   . CYS A 1 11 ? 3.795   -2.854  1.499   1.000 9.657  0 120 CYS A N   1 ? 
ATOM   79   C  CA  . CYS A 1 11 ? 2.702   -3.012  2.498   1.000 10.008 0 120 CYS A CA  1 ? 
ATOM   80   C  C   . CYS A 1 11 ? 2.127   -1.707  3.069   1.000 9.734  0 120 CYS A C   1 ? 
ATOM   81   O  O   . CYS A 1 11 ? 1.073   -1.833  3.789   1.000 11.104 0 120 CYS A O   1 ? 
ATOM   82   C  CB  . CYS A 1 11 ? 3.166   -3.903  3.639   1.000 9.713  0 120 CYS A CB  1 ? 
ATOM   83   S  SG  . CYS A 1 11 ? 4.332   -3.181  4.791   1.000 10.148 0 120 CYS A SG  1 ? 
ATOM   84   N  N   . GLY A 1 12 ? 2.776   -0.564  2.934   1.000 10.501 0 121 GLY A N   1 ? 
ATOM   85   C  CA  . GLY A 1 12 ? 2.219   0.672   3.520   1.000 10.648 0 121 GLY A CA  1 ? 
ATOM   86   C  C   . GLY A 1 12 ? 2.590   0.896   4.956   1.000 11.776 0 121 GLY A C   1 ? 
ATOM   87   O  O   . GLY A 1 12 ? 2.193   1.945   5.543   1.000 13.585 0 121 GLY A O   1 ? 
ATOM   88   N  N   . ASP A 1 13 ? 3.363   -0.008  5.589   1.000 11.757 0 122 ASP A N   1 ? 
ATOM   89   C  CA  . ASP A 1 13 ? 4.006   0.333   6.872   1.000 14.012 0 122 ASP A CA  1 ? 
ATOM   90   C  C   . ASP A 1 13 ? 5.008   1.472   6.596   1.000 14.154 0 122 ASP A C   1 ? 
ATOM   91   O  O   . ASP A 1 13 ? 5.381   1.669   5.414   1.000 12.597 0 122 ASP A O   1 ? 
ATOM   92   C  CB  . ASP A 1 13 ? 4.682   -0.899  7.451   1.000 16.263 0 122 ASP A CB  1 ? 
ATOM   93   C  CG  . ASP A 1 13 ? 5.103   -0.770  8.901   1.000 21.325 0 122 ASP A CG  1 ? 
ATOM   94   O  OD1 . ASP A 1 13 ? 4.865   0.254   9.515   1.000 22.348 0 122 ASP A OD1 1 ? 
ATOM   95   O  OD2 . ASP A 1 13 ? 5.732   -1.700  9.369   1.000 25.466 0 122 ASP A OD2 1 ? 
ATOM   96   N  N   . LYS A 1 14 ? 5.433   2.250   7.604   1.000 14.737 0 123 LYS A N   1 ? 
ATOM   97   C  CA  . LYS A 1 14 ? 6.505   3.252   7.392   1.000 15.099 0 123 LYS A CA  1 ? 
ATOM   98   C  C   . LYS A 1 14 ? 7.756   2.505   6.904   1.000 13.519 0 123 LYS A C   1 ? 
ATOM   99   O  O   . LYS A 1 14 ? 8.080   1.433   7.422   1.000 13.252 0 123 LYS A O   1 ? 
ATOM   100  C  CB  . LYS A 1 14 ? 6.846   4.096   8.635   1.000 18.316 0 123 LYS A CB  1 ? 
ATOM   101  N  N   . ALA A 1 15 ? 8.370   3.007   5.856   1.000 12.712 0 124 ALA A N   1 ? 
ATOM   102  C  CA  . ALA A 1 15 ? 9.609   2.394   5.338   1.000 13.305 0 124 ALA A CA  1 ? 
ATOM   103  C  C   . ALA A 1 15 ? 10.771  2.632   6.301   1.000 12.421 0 124 ALA A C   1 ? 
ATOM   104  O  O   . ALA A 1 15 ? 10.808  3.667   7.004   1.000 14.325 0 124 ALA A O   1 ? 
ATOM   105  C  CB  . ALA A 1 15 ? 9.906   2.964   3.989   1.000 12.786 0 124 ALA A CB  1 ? 
ATOM   106  N  N   . SER A 1 16 ? 11.793  1.792   6.246   1.000 12.602 0 125 SER A N   1 ? 
ATOM   107  C  CA  . SER A 1 16 ? 12.995  2.008   7.073   1.000 13.927 0 125 SER A CA  1 ? 
ATOM   108  C  C   . SER A 1 16 ? 14.109  2.561   6.194   1.000 15.903 0 125 SER A C   1 ? 
ATOM   109  O  O   . SER A 1 16 ? 15.160  2.948   6.733   1.000 16.506 0 125 SER A O   1 ? 
ATOM   110  C  CB  . SER A 1 16 ? 13.441  0.746   7.740   1.000 14.846 0 125 SER A CB  1 ? 
ATOM   111  O  OG  . SER A 1 16 ? 13.610  -0.305  6.790   1.000 15.113 0 125 SER A OG  1 ? 
ATOM   112  N  N   . GLY A 1 17 ? 13.939  2.514   4.882   1.000 16.516 0 126 GLY A N   1 ? 
ATOM   113  C  CA  . GLY A 1 17 ? 15.004  2.937   3.969   1.000 16.149 0 126 GLY A CA  1 ? 
ATOM   114  C  C   . GLY A 1 17 ? 14.856  2.318   2.591   1.000 15.829 0 126 GLY A C   1 ? 
ATOM   115  O  O   . GLY A 1 17 ? 13.811  1.751   2.310   1.000 12.931 0 126 GLY A O   1 ? 
ATOM   116  N  N   . ARG A 1 18 ? 15.882  2.487   1.768   1.000 15.904 0 127 ARG A N   1 ? 
ATOM   117  C  CA  . ARG A 1 18 ? 15.962  1.950   0.383   1.000 16.450 0 127 ARG A CA  1 ? 
ATOM   118  C  C   . ARG A 1 18 ? 16.642  0.595   0.476   1.000 16.155 0 127 ARG A C   1 ? 
ATOM   119  O  O   . ARG A 1 18 ? 17.818  0.493   0.921   1.000 18.142 0 127 ARG A O   1 ? 
ATOM   120  C  CB  . ARG A 1 18 ? 16.741  2.905   -0.529  1.000 20.531 0 127 ARG A CB  1 ? 
ATOM   121  C  CG  . ARG A 1 18 ? 16.168  4.318   -0.567  1.000 23.485 0 127 ARG A CG  1 ? 
ATOM   122  C  CD  . ARG A 1 18 ? 17.033  5.324   -1.340  1.000 27.133 0 127 ARG A CD  1 ? 
ATOM   123  N  NE  . ARG A 1 18 ? 16.384  6.615   -1.530  1.000 33.291 0 127 ARG A NE  1 ? 
ATOM   124  C  CZ  . ARG A 1 18 ? 16.797  7.772   -1.002  1.000 37.445 0 127 ARG A CZ  1 ? 
ATOM   125  N  N   . HIS A 1 19 ? 15.949  -0.474  0.077   1.000 13.786 0 128 HIS A N   1 ? 
ATOM   126  C  CA  . HIS A 1 19 ? 16.506  -1.832  0.199   1.000 14.132 0 128 HIS A CA  1 ? 
ATOM   127  C  C   . HIS A 1 19 ? 16.304  -2.513  -1.157  1.000 12.935 0 128 HIS A C   1 ? 
ATOM   128  O  O   . HIS A 1 19 ? 15.199  -2.584  -1.605  1.000 12.635 0 128 HIS A O   1 ? 
ATOM   129  C  CB  . HIS A 1 19 ? 15.826  -2.638  1.309   1.000 13.912 0 128 HIS A CB  1 ? 
ATOM   130  C  CG  . HIS A 1 19 ? 15.716  -1.896  2.603   1.000 15.157 0 128 HIS A CG  1 ? 
ATOM   131  N  ND1 . HIS A 1 19 ? 16.806  -1.612  3.377   1.000 16.253 0 128 HIS A ND1 1 ? 
ATOM   132  C  CD2 . HIS A 1 19 ? 14.631  -1.378  3.239   1.000 16.356 0 128 HIS A CD2 1 ? 
ATOM   133  C  CE1 . HIS A 1 19 ? 16.414  -0.917  4.424   1.000 16.775 0 128 HIS A CE1 1 ? 
ATOM   134  N  NE2 . HIS A 1 19 ? 15.072  -0.744  4.364   1.000 15.602 0 128 HIS A NE2 1 ? 
ATOM   135  N  N   . TYR A 1 20 ? 17.382  -2.931  -1.792  1.000 14.515 0 129 TYR A N   1 ? 
ATOM   136  C  CA  . TYR A 1 20 ? 17.324  -3.633  -3.092  1.000 12.871 0 129 TYR A CA  1 ? 
ATOM   137  C  C   . TYR A 1 20 ? 16.516  -2.780  -4.082  1.000 11.947 0 129 TYR A C   1 ? 
ATOM   138  O  O   . TYR A 1 20 ? 15.789  -3.374  -4.864  1.000 12.235 0 129 TYR A O   1 ? 
ATOM   139  C  CB  . TYR A 1 20 ? 16.706  -5.020  -2.946  1.000 14.931 0 129 TYR A CB  1 ? 
ATOM   140  C  CG  . TYR A 1 20 ? 17.260  -5.769  -1.770  1.000 16.271 0 129 TYR A CG  1 ? 
ATOM   141  C  CD1 . TYR A 1 20 ? 18.625  -6.029  -1.704  1.000 19.280 0 129 TYR A CD1 1 ? 
ATOM   142  C  CD2 . TYR A 1 20 ? 16.445  -6.186  -0.739  1.000 17.146 0 129 TYR A CD2 1 ? 
ATOM   143  C  CE1 . TYR A 1 20 ? 19.159  -6.714  -0.631  1.000 21.828 0 129 TYR A CE1 1 ? 
ATOM   144  C  CE2 . TYR A 1 20 ? 16.972  -6.853  0.346   1.000 19.206 0 129 TYR A CE2 1 ? 
ATOM   145  C  CZ  . TYR A 1 20 ? 18.321  -7.132  0.386   1.000 22.664 0 129 TYR A CZ  1 ? 
ATOM   146  O  OH  . TYR A 1 20 ? 18.793  -7.810  1.476   1.000 27.605 0 129 TYR A OH  1 ? 
ATOM   147  N  N   . GLY A 1 21 ? 16.621  -1.453  -4.077  1.000 12.107 0 130 GLY A N   1 ? 
ATOM   148  C  CA  . GLY A 1 21 ? 16.041  -0.644  -5.153  1.000 12.338 0 130 GLY A CA  1 ? 
ATOM   149  C  C   . GLY A 1 21 ? 14.593  -0.254  -4.886  1.000 12.854 0 130 GLY A C   1 ? 
ATOM   150  O  O   . GLY A 1 21 ? 13.971  0.338   -5.759  1.000 13.331 0 130 GLY A O   1 ? 
ATOM   151  N  N   . ALA A 1 22 ? 14.102  -0.474  -3.681  1.000 12.370 0 131 ALA A N   1 ? 
ATOM   152  C  CA  . ALA A 1 22 ? 12.717  -0.063  -3.326  1.000 12.582 0 131 ALA A CA  1 ? 
ATOM   153  C  C   . ALA A 1 22 ? 12.697  0.473   -1.910  1.000 12.718 0 131 ALA A C   1 ? 
ATOM   154  O  O   . ALA A 1 22 ? 13.406  -0.051  -1.017  1.000 12.877 0 131 ALA A O   1 ? 
ATOM   155  C  CB  . ALA A 1 22 ? 11.751  -1.229  -3.477  1.000 14.191 0 131 ALA A CB  1 ? 
ATOM   156  N  N   . VAL A 1 23 ? 11.853  1.469   -1.692  1.000 12.233 0 132 VAL A N   1 ? 
ATOM   157  C  CA  . VAL A 1 23 ? 11.585  2.012   -0.341  1.000 12.999 0 132 VAL A CA  1 ? 
ATOM   158  C  C   . VAL A 1 23 ? 10.706  1.008   0.407   1.000 11.346 0 132 VAL A C   1 ? 
ATOM   159  O  O   . VAL A 1 23 ? 9.593   0.752   -0.068  1.000 12.475 0 132 VAL A O   1 ? 
ATOM   160  C  CB  . VAL A 1 23 ? 10.959  3.414   -0.463  1.000 14.056 0 132 VAL A CB  1 ? 
ATOM   161  C  CG1 . VAL A 1 23 ? 10.602  3.948   0.893   1.000 17.122 0 132 VAL A CG1 1 ? 
ATOM   162  C  CG2 . VAL A 1 23 ? 11.893  4.376   -1.182  1.000 16.404 0 132 VAL A CG2 1 ? 
ATOM   163  N  N   . SER A 1 24 ? 11.205  0.382   1.470   1.000 10.509 0 133 SER A N   1 ? 
ATOM   164  C  CA  . SER A 1 24 ? 10.489  -0.755  2.065   1.000 10.798 0 133 SER A CA  1 ? 
ATOM   165  C  C   . SER A 1 24 ? 10.689  -0.789  3.580   1.000 9.927  0 133 SER A C   1 ? 
ATOM   166  O  O   . SER A 1 24 ? 11.634  -0.118  4.071   1.000 11.576 0 133 SER A O   1 ? 
ATOM   167  C  CB  . SER A 1 24 ? 10.915  -2.042  1.406   1.000 12.211 0 133 SER A CB  1 ? 
ATOM   168  O  OG  . SER A 1 24 ? 12.332  -2.141  1.402   1.000 17.459 0 133 SER A OG  1 ? 
ATOM   169  N  N   . CYS A 1 25 ? 9.788   -1.467  4.295   1.000 9.684  0 134 CYS A N   1 ? 
ATOM   170  C  CA  . CYS A 1 25 ? 9.934   -1.732  5.730   1.000 10.018 0 134 CYS A CA  1 ? 
ATOM   171  C  C   . CYS A 1 25 ? 10.928  -2.869  5.901   1.000 10.341 0 134 CYS A C   1 ? 
ATOM   172  O  O   . CYS A 1 25 ? 11.307  -3.542  4.958   1.000 10.207 0 134 CYS A O   1 ? 
ATOM   173  C  CB  . CYS A 1 25 ? 8.598   -2.033  6.416   1.000 10.457 0 134 CYS A CB  1 ? 
ATOM   174  S  SG  . CYS A 1 25 ? 7.848   -3.616  5.908   1.000 10.795 0 134 CYS A SG  1 ? 
ATOM   175  N  N   . GLU A 1 26 ? 11.308  -3.109  7.145   1.000 12.055 0 135 GLU A N   1 ? 
ATOM   176  C  CA  . GLU A 1 26 ? 12.274  -4.168  7.458   1.000 12.382 0 135 GLU A CA  1 ? 
ATOM   177  C  C   . GLU A 1 26 ? 11.649  -5.527  7.127   1.000 11.399 0 135 GLU A C   1 ? 
ATOM   178  O  O   . GLU A 1 26 ? 12.408  -6.388  6.707   1.000 13.597 0 135 GLU A O   1 ? 
ATOM   179  C  CB  . GLU A 1 26 ? 12.649  -4.105  8.932   1.000 13.479 0 135 GLU A CB  1 ? 
ATOM   180  C  CG  . GLU A 1 26 ? 13.495  -2.915  9.269   1.000 16.422 0 135 GLU A CG  1 ? 
ATOM   181  C  CD  . GLU A 1 26 ? 14.850  -3.031  8.623   1.000 18.009 0 135 GLU A CD  1 ? 
ATOM   182  O  OE1 . GLU A 1 26 ? 15.563  -3.983  8.985   1.000 23.040 0 135 GLU A OE1 1 ? 
ATOM   183  O  OE2 . GLU A 1 26 ? 15.172  -2.178  7.759   1.000 20.956 0 135 GLU A OE2 1 ? 
ATOM   184  N  N   . GLY A 1 27 ? 10.364  -5.725  7.440   1.000 10.695 0 136 GLY A N   1 ? 
ATOM   185  C  CA  . GLY A 1 27 ? 9.695   -7.003  7.188   1.000 10.880 0 136 GLY A CA  1 ? 
ATOM   186  C  C   . GLY A 1 27 ? 9.739   -7.320  5.723   1.000 9.478  0 136 GLY A C   1 ? 
ATOM   187  O  O   . GLY A 1 27 ? 10.065  -8.495  5.364   1.000 8.902  0 136 GLY A O   1 ? 
ATOM   188  N  N   . CYS A 1 28 ? 9.362   -6.377  4.870   1.000 9.411  0 137 CYS A N   1 ? 
ATOM   189  C  CA  . CYS A 1 28 ? 9.341   -6.673  3.413   1.000 9.095  0 137 CYS A CA  1 ? 
ATOM   190  C  C   . CYS A 1 28 ? 10.755  -6.855  2.850   1.000 9.359  0 137 CYS A C   1 ? 
ATOM   191  O  O   . CYS A 1 28 ? 10.935  -7.721  2.028   1.000 9.795  0 137 CYS A O   1 ? 
ATOM   192  C  CB  . CYS A 1 28 ? 8.559   -5.623  2.656   1.000 8.761  0 137 CYS A CB  1 ? 
ATOM   193  S  SG  . CYS A 1 28 ? 6.804   -5.683  3.081   1.000 9.362  0 137 CYS A SG  1 ? 
ATOM   194  N  N   . LYS A 1 29 ? 11.732  -6.109  3.329   1.000 10.941 0 138 LYS A N   1 ? 
ATOM   195  C  CA  . LYS A 1 29 ? 13.161  -6.320  2.973   1.000 11.422 0 138 LYS A CA  1 ? 
ATOM   196  C  C   . LYS A 1 29 ? 13.570  -7.757  3.290   1.000 10.572 0 138 LYS A C   1 ? 
ATOM   197  O  O   . LYS A 1 29 ? 14.155  -8.447  2.420   1.000 10.639 0 138 LYS A O   1 ? 
ATOM   198  C  CB  . LYS A 1 29 ? 14.054  -5.334  3.744   1.000 13.390 0 138 LYS A CB  1 ? 
ATOM   199  C  CG  . LYS A 1 29 ? 15.558  -5.578  3.654   1.000 15.868 0 138 LYS A CG  1 ? 
ATOM   200  C  CD  . LYS A 1 29 ? 16.344  -4.893  4.778   1.000 21.273 0 138 LYS A CD  1 ? 
ATOM   201  C  CE  . LYS A 1 29 ? 16.555  -5.845  5.933   1.000 26.965 0 138 LYS A CE  1 ? 
ATOM   202  N  NZ  . LYS A 1 29 ? 17.415  -5.251  6.979   1.000 31.944 0 138 LYS A NZ  1 ? 
ATOM   203  N  N   . GLY A 1 30 ? 13.289  -8.212  4.507   1.000 11.025 0 139 GLY A N   1 ? 
ATOM   204  C  CA  . GLY A 1 30 ? 13.649  -9.546  4.981   1.000 10.614 0 139 GLY A CA  1 ? 
ATOM   205  C  C   . GLY A 1 30 ? 12.955  -10.627 4.179   1.000 10.455 0 139 GLY A C   1 ? 
ATOM   206  O  O   . GLY A 1 30 ? 13.588  -11.625 3.739   1.000 11.783 0 139 GLY A O   1 ? 
ATOM   207  N  N   . PHE A 1 31 ? 11.674  -10.400 3.908   1.000 10.014 0 140 PHE A N   1 ? 
ATOM   208  C  CA  . PHE A 1 31 ? 10.872  -11.341 3.095   1.000 9.161  0 140 PHE A CA  1 ? 
ATOM   209  C  C   . PHE A 1 31 ? 11.491  -11.488 1.696   1.000 9.076  0 140 PHE A C   1 ? 
ATOM   210  O  O   . PHE A 1 31 ? 11.577  -12.604 1.127   1.000 9.629  0 140 PHE A O   1 ? 
ATOM   211  C  CB  . PHE A 1 31 ? 9.416   -10.864 2.981   1.000 9.636  0 140 PHE A CB  1 ? 
ATOM   212  C  CG  . PHE A 1 31 ? 8.634   -11.613 1.942   1.000 9.588  0 140 PHE A CG  1 ? 
ATOM   213  C  CD1 . PHE A 1 31 ? 8.136   -12.860 2.232   1.000 10.605 0 140 PHE A CD1 1 ? 
ATOM   214  C  CD2 . PHE A 1 31 ? 8.372   -11.080 0.696   1.000 9.463  0 140 PHE A CD2 1 ? 
ATOM   215  C  CE1 . PHE A 1 31 ? 7.399   -13.570 1.308   1.000 10.242 0 140 PHE A CE1 1 ? 
ATOM   216  C  CE2 . PHE A 1 31 ? 7.641   -11.799 -0.252  1.000 9.900  0 140 PHE A CE2 1 ? 
ATOM   217  C  CZ  . PHE A 1 31 ? 7.159   -13.041 0.057   1.000 9.071  0 140 PHE A CZ  1 ? 
ATOM   218  N  N   . PHE A 1 32 ? 11.847  -10.370 1.075   1.000 9.154  0 141 PHE A N   1 ? 
ATOM   219  C  CA  . PHE A 1 32 ? 12.394  -10.362 -0.301  1.000 9.654  0 141 PHE A CA  1 ? 
ATOM   220  C  C   . PHE A 1 32 ? 13.742  -11.100 -0.333  1.000 10.499 0 141 PHE A C   1 ? 
ATOM   221  O  O   . PHE A 1 32 ? 13.959  -11.947 -1.232  1.000 10.466 0 141 PHE A O   1 ? 
ATOM   222  C  CB  . PHE A 1 32 ? 12.459  -8.944  -0.835  1.000 10.272 0 141 PHE A CB  1 ? 
ATOM   223  C  CG  . PHE A 1 32 ? 12.789  -8.886  -2.288  1.000 10.822 0 141 PHE A CG  1 ? 
ATOM   224  C  CD1 . PHE A 1 32 ? 11.812  -9.188  -3.242  1.000 11.548 0 141 PHE A CD1 1 ? 
ATOM   225  C  CD2 . PHE A 1 32 ? 14.055  -8.479  -2.691  1.000 11.055 0 141 PHE A CD2 1 ? 
ATOM   226  C  CE1 . PHE A 1 32 ? 12.103  -9.034  -4.586  1.000 12.881 0 141 PHE A CE1 1 ? 
ATOM   227  C  CE2 . PHE A 1 32 ? 14.341  -8.372  -4.044  1.000 12.789 0 141 PHE A CE2 1 ? 
ATOM   228  C  CZ  . PHE A 1 32 ? 13.370  -8.648  -4.982  1.000 12.859 0 141 PHE A CZ  1 ? 
ATOM   229  N  N   . LYS A 1 33 ? 14.609  -10.771 0.616   1.000 11.610 0 142 LYS A N   1 ? 
ATOM   230  C  CA  . LYS A 1 33 ? 15.973  -11.337 0.731   1.000 14.078 0 142 LYS A CA  1 ? 
ATOM   231  C  C   . LYS A 1 33 ? 15.846  -12.851 0.820   1.000 11.922 0 142 LYS A C   1 ? 
ATOM   232  O  O   . LYS A 1 33 ? 16.499  -13.515 0.057   1.000 12.367 0 142 LYS A O   1 ? 
ATOM   233  C  CB  . LYS A 1 33 ? 16.625  -10.765 1.990   1.000 15.941 0 142 LYS A CB  1 ? 
ATOM   234  C  CG  . LYS A 1 33 ? 18.050  -11.167 2.221   1.000 21.861 0 142 LYS A CG  1 ? 
ATOM   235  C  CD  . LYS A 1 33 ? 18.387  -11.085 3.676   1.000 27.137 0 142 LYS A CD  1 ? 
ATOM   236  C  CE  . LYS A 1 33 ? 18.173  -9.709  4.257   1.000 30.466 0 142 LYS A CE  1 ? 
ATOM   237  N  NZ  . LYS A 1 33 ? 18.430  -9.723  5.718   1.000 33.353 0 142 LYS A NZ  1 ? 
ATOM   238  N  N   . ARG A 1 34 ? 14.989  -13.322 1.714   1.000 12.884 0 143 ARG A N   1 ? 
ATOM   239  C  CA  . ARG A 1 34 ? 14.798  -14.755 2.013   1.000 15.235 0 143 ARG A CA  1 ? 
ATOM   240  C  C   . ARG A 1 34 ? 14.200  -15.433 0.775   1.000 14.432 0 143 ARG A C   1 ? 
ATOM   241  O  O   . ARG A 1 34 ? 14.740  -16.456 0.304   1.000 13.796 0 143 ARG A O   1 ? 
ATOM   242  C  CB  . ARG A 1 34 ? 13.911  -14.863 3.261   1.000 21.063 0 143 ARG A CB  1 ? 
ATOM   243  C  CG  . ARG A 1 34 ? 13.631  -16.290 3.710   1.000 30.810 0 143 ARG A CG  1 ? 
ATOM   244  C  CD  . ARG A 1 34 ? 12.446  -16.436 4.650   1.000 37.912 0 143 ARG A CD  1 ? 
ATOM   245  N  NE  . ARG A 1 34 ? 12.768  -17.305 5.780   1.000 46.719 0 143 ARG A NE  1 ? 
ATOM   246  C  CZ  . ARG A 1 34 ? 12.851  -18.638 5.748   1.000 50.451 0 143 ARG A CZ  1 ? 
ATOM   247  N  NH1 . ARG A 1 34 ? 12.646  -19.288 4.619   1.000 50.806 0 143 ARG A NH1 1 ? 
ATOM   248  N  NH2 . ARG A 1 34 ? 13.142  -19.318 6.852   1.000 55.595 0 143 ARG A NH2 1 ? 
ATOM   249  N  N   . SER A 1 35 ? 13.200  -14.803 0.166   1.000 11.600 0 144 SER A N   1 ? 
ATOM   250  C  CA  . SER A 1 35 ? 12.552  -15.353 -1.047  1.000 10.892 0 144 SER A CA  1 ? 
ATOM   251  C  C   . SER A 1 35 ? 13.601  -15.527 -2.162  1.000 10.494 0 144 SER A C   1 ? 
ATOM   252  O  O   . SER A 1 35 ? 13.557  -16.577 -2.882  1.000 11.170 0 144 SER A O   1 ? 
ATOM   253  C  CB  . SER A 1 35 ? 11.428  -14.519 -1.505  1.000 10.286 0 144 SER A CB  1 ? 
ATOM   254  O  OG  . SER A 1 35 ? 10.405  -14.514 -0.525  1.000 10.747 0 144 SER A OG  1 ? 
ATOM   255  N  N   . VAL A 1 36 ? 14.481  -14.553 -2.341  1.000 9.980  0 145 VAL A N   1 ? 
ATOM   256  C  CA  . VAL A 1 36 ? 15.466  -14.586 -3.459  1.000 11.213 0 145 VAL A CA  1 ? 
ATOM   257  C  C   . VAL A 1 36 ? 16.577  -15.584 -3.103  1.000 12.421 0 145 VAL A C   1 ? 
ATOM   258  O  O   . VAL A 1 36 ? 16.873  -16.491 -3.945  1.000 14.339 0 145 VAL A O   1 ? 
ATOM   259  C  CB  . VAL A 1 36 ? 16.044  -13.199 -3.742  1.000 11.978 0 145 VAL A CB  1 ? 
ATOM   260  C  CG1 . VAL A 1 36 ? 17.251  -13.273 -4.659  1.000 13.800 0 145 VAL A CG1 1 ? 
ATOM   261  C  CG2 . VAL A 1 36 ? 14.976  -12.323 -4.306  1.000 12.262 0 145 VAL A CG2 1 ? 
ATOM   262  N  N   . ARG A 1 37 ? 17.150  -15.467 -1.933  1.000 12.911 0 146 ARG A N   1 ? 
ATOM   263  C  CA  . ARG A 1 37 ? 18.313  -16.309 -1.549  1.000 15.595 0 146 ARG A CA  1 ? 
ATOM   264  C  C   . ARG A 1 37 ? 17.933  -17.790 -1.559  1.000 17.548 0 146 ARG A C   1 ? 
ATOM   265  O  O   . ARG A 1 37 ? 18.761  -18.603 -2.041  1.000 18.188 0 146 ARG A O   1 ? 
ATOM   266  C  CB  . ARG A 1 37 ? 18.806  -15.933 -0.165  1.000 16.426 0 146 ARG A CB  1 ? 
ATOM   267  C  CG  . ARG A 1 37 ? 19.373  -14.528 -0.102  1.000 20.222 0 146 ARG A CG  1 ? 
ATOM   268  C  CD  . ARG A 1 37 ? 20.798  -14.541 0.352   1.000 20.779 0 146 ARG A CD  1 ? 
ATOM   269  N  NE  . ARG A 1 37 ? 21.442  -13.238 0.222   1.000 20.564 0 146 ARG A NE  1 ? 
ATOM   270  C  CZ  . ARG A 1 37 ? 21.606  -12.363 1.204   1.000 21.325 0 146 ARG A CZ  1 ? 
ATOM   271  N  NH1 . ARG A 1 37 ? 22.231  -11.228 0.943   1.000 25.070 0 146 ARG A NH1 1 ? 
ATOM   272  N  NH2 . ARG A 1 37 ? 21.185  -12.614 2.431   1.000 25.098 0 146 ARG A NH2 1 ? 
ATOM   273  N  N   . LYS A 1 38 ? 16.770  -18.119 -0.999  1.000 14.885 0 147 LYS A N   1 ? 
ATOM   274  C  CA  . LYS A 1 38 ? 16.290  -19.521 -0.845  1.000 14.702 0 147 LYS A CA  1 ? 
ATOM   275  C  C   . LYS A 1 38 ? 15.490  -19.972 -2.072  1.000 17.248 0 147 LYS A C   1 ? 
ATOM   276  O  O   . LYS A 1 38 ? 14.970  -21.091 -2.026  1.000 16.660 0 147 LYS A O   1 ? 
ATOM   277  C  CB  . LYS A 1 38 ? 15.521  -19.660 0.458   1.000 14.497 0 147 LYS A CB  1 ? 
ATOM   278  C  CG  . LYS A 1 38 ? 16.365  -19.424 1.695   1.000 15.186 0 147 LYS A CG  1 ? 
ATOM   279  C  CD  . LYS A 1 38 ? 15.650  -19.731 2.955   1.000 18.020 0 147 LYS A CD  1 ? 
ATOM   280  N  N   . ASN A 1 39 ? 15.389  -19.153 -3.130  1.000 16.989 0 148 ASN A N   1 ? 
ATOM   281  C  CA  A ASN A 1 39 ? 14.675  -19.505 -4.388  0.500 18.458 0 148 ASN A CA  1 ? 
ATOM   282  C  CA  B ASN A 1 39 ? 14.689  -19.559 -4.377  0.500 18.797 0 148 ASN A CA  1 ? 
ATOM   283  C  C   . ASN A 1 39 ? 13.301  -20.072 -4.004  1.000 17.829 0 148 ASN A C   1 ? 
ATOM   284  O  O   . ASN A 1 39 ? 12.901  -21.166 -4.479  1.000 18.021 0 148 ASN A O   1 ? 
ATOM   285  C  CB  A ASN A 1 39 ? 15.536  -20.428 -5.254  0.500 19.442 0 148 ASN A CB  1 ? 
ATOM   286  C  CB  B ASN A 1 39 ? 15.442  -20.658 -5.131  0.500 20.317 0 148 ASN A CB  1 ? 
ATOM   287  C  CG  A ASN A 1 39 ? 15.193  -20.387 -6.731  0.500 20.040 0 148 ASN A CG  1 ? 
ATOM   288  C  CG  B ASN A 1 39 ? 16.720  -20.164 -5.763  0.500 21.516 0 148 ASN A CG  1 ? 
ATOM   289  O  OD1 A ASN A 1 39 ? 14.855  -19.344 -7.292  0.500 21.363 0 148 ASN A OD1 1 ? 
ATOM   290  O  OD1 B ASN A 1 39 ? 16.924  -18.967 -5.883  0.500 24.577 0 148 ASN A OD1 1 ? 
ATOM   291  N  ND2 A ASN A 1 39 ? 15.309  -21.527 -7.380  0.500 20.958 0 148 ASN A ND2 1 ? 
ATOM   292  N  ND2 B ASN A 1 39 ? 17.581  -21.081 -6.174  0.500 23.240 0 148 ASN A ND2 1 ? 
ATOM   293  N  N   . LEU A 1 40 ? 12.591  -19.350 -3.145  1.000 16.298 0 149 LEU A N   1 ? 
ATOM   294  C  CA  . LEU A 1 40 ? 11.277  -19.789 -2.680  1.000 15.580 0 149 LEU A CA  1 ? 
ATOM   295  C  C   . LEU A 1 40 ? 10.258  -19.529 -3.787  1.000 16.469 0 149 LEU A C   1 ? 
ATOM   296  O  O   . LEU A 1 40 ? 10.225  -18.439 -4.358  1.000 17.770 0 149 LEU A O   1 ? 
ATOM   297  C  CB  . LEU A 1 40 ? 10.876  -19.102 -1.386  1.000 15.929 0 149 LEU A CB  1 ? 
ATOM   298  C  CG  . LEU A 1 40 ? 11.874  -19.229 -0.233  1.000 16.603 0 149 LEU A CG  1 ? 
ATOM   299  C  CD1 . LEU A 1 40 ? 11.324  -18.583 0.998   1.000 17.094 0 149 LEU A CD1 1 ? 
ATOM   300  C  CD2 . LEU A 1 40 ? 12.235  -20.682 0.050   1.000 18.589 0 149 LEU A CD2 1 ? 
ATOM   301  N  N   . THR A 1 41 ? 9.412   -20.513 -4.026  1.000 14.691 0 150 THR A N   1 ? 
ATOM   302  C  CA  . THR A 1 41 ? 8.262   -20.410 -4.949  1.000 16.838 0 150 THR A CA  1 ? 
ATOM   303  C  C   . THR A 1 41 ? 7.030   -20.544 -4.071  1.000 15.504 0 150 THR A C   1 ? 
ATOM   304  O  O   . THR A 1 41 ? 7.035   -21.305 -3.059  1.000 15.923 0 150 THR A O   1 ? 
ATOM   305  C  CB  . THR A 1 41 ? 8.326   -21.451 -6.075  1.000 18.707 0 150 THR A CB  1 ? 
ATOM   306  O  OG1 . THR A 1 41 ? 8.369   -22.737 -5.488  1.000 23.851 0 150 THR A OG1 1 ? 
ATOM   307  C  CG2 . THR A 1 41 ? 9.521   -21.360 -6.991  1.000 20.476 0 150 THR A CG2 1 ? 
ATOM   308  N  N   . TYR A 1 42 ? 6.049   -19.742 -4.382  1.000 14.670 0 151 TYR A N   1 ? 
ATOM   309  C  CA  . TYR A 1 42 ? 4.788   -19.684 -3.617  1.000 14.513 0 151 TYR A CA  1 ? 
ATOM   310  C  C   . TYR A 1 42 ? 3.639   -19.871 -4.603  1.000 15.118 0 151 TYR A C   1 ? 
ATOM   311  O  O   . TYR A 1 42 ? 3.797   -19.624 -5.820  1.000 16.962 0 151 TYR A O   1 ? 
ATOM   312  C  CB  . TYR A 1 42 ? 4.698   -18.283 -3.001  1.000 13.891 0 151 TYR A CB  1 ? 
ATOM   313  C  CG  . TYR A 1 42 ? 5.847   -17.830 -2.147  1.000 13.267 0 151 TYR A CG  1 ? 
ATOM   314  C  CD1 . TYR A 1 42 ? 6.126   -18.487 -0.946  1.000 12.921 0 151 TYR A CD1 1 ? 
ATOM   315  C  CD2 . TYR A 1 42 ? 6.585   -16.700 -2.466  1.000 12.486 0 151 TYR A CD2 1 ? 
ATOM   316  C  CE1 . TYR A 1 42 ? 7.161   -18.074 -0.134  1.000 13.814 0 151 TYR A CE1 1 ? 
ATOM   317  C  CE2 . TYR A 1 42 ? 7.605   -16.264 -1.642  1.000 11.388 0 151 TYR A CE2 1 ? 
ATOM   318  C  CZ  . TYR A 1 42 ? 7.874   -16.932 -0.463  1.000 12.156 0 151 TYR A CZ  1 ? 
ATOM   319  O  OH  . TYR A 1 42 ? 8.902   -16.528 0.321   1.000 12.546 0 151 TYR A OH  1 ? 
ATOM   320  N  N   . SER A 1 43 ? 2.458   -20.215 -4.089  1.000 15.490 0 152 SER A N   1 ? 
ATOM   321  C  CA  . SER A 1 43 ? 1.225   -20.213 -4.894  1.000 15.213 0 152 SER A CA  1 ? 
ATOM   322  C  C   . SER A 1 43 ? 0.181   -19.413 -4.145  1.000 13.515 0 152 SER A C   1 ? 
ATOM   323  O  O   . SER A 1 43 ? 0.103   -19.520 -2.926  1.000 14.808 0 152 SER A O   1 ? 
ATOM   324  C  CB  . SER A 1 43 ? 0.734   -21.631 -5.176  1.000 16.083 0 152 SER A CB  1 ? 
ATOM   325  O  OG  . SER A 1 43 ? 1.679   -22.249 -6.035  1.000 19.013 0 152 SER A OG  1 ? 
ATOM   326  N  N   . CYS A 1 44 ? -0.538  -18.616 -4.885  1.000 15.127 0 153 CYS A N   1 ? 
ATOM   327  C  CA  . CYS A 1 44 ? -1.704  -17.879 -4.338  1.000 16.186 0 153 CYS A CA  1 ? 
ATOM   328  C  C   . CYS A 1 44 ? -2.892  -18.850 -4.216  1.000 20.402 0 153 CYS A C   1 ? 
ATOM   329  O  O   . CYS A 1 44 ? -3.219  -19.494 -5.223  1.000 19.402 0 153 CYS A O   1 ? 
ATOM   330  C  CB  . CYS A 1 44 ? -2.036  -16.701 -5.244  1.000 15.474 0 153 CYS A CB  1 ? 
ATOM   331  S  SG  . CYS A 1 44 ? -3.451  -15.756 -4.619  1.000 15.395 0 153 CYS A SG  1 ? 
ATOM   332  N  N   . ARG A 1 45 ? -3.550  -18.880 -3.043  1.000 23.332 0 154 ARG A N   1 ? 
ATOM   333  C  CA  . ARG A 1 45 ? -4.770  -19.704 -2.822  1.000 25.273 0 154 ARG A CA  1 ? 
ATOM   334  C  C   . ARG A 1 45 ? -5.944  -19.087 -3.613  1.000 26.665 0 154 ARG A C   1 ? 
ATOM   335  O  O   . ARG A 1 45 ? -6.865  -19.826 -4.002  1.000 30.345 0 154 ARG A O   1 ? 
ATOM   336  C  CB  . ARG A 1 45 ? -4.952  -19.846 -1.306  1.000 26.510 0 154 ARG A CB  1 ? 
ATOM   337  N  N   . SER A 1 46 ? -5.940  -17.786 -3.902  1.000 23.728 0 155 SER A N   1 ? 
ATOM   338  C  CA  . SER A 1 46 ? -7.047  -17.120 -4.637  1.000 22.539 0 155 SER A CA  1 ? 
ATOM   339  C  C   . SER A 1 46 ? -6.674  -16.849 -6.095  1.000 21.891 0 155 SER A C   1 ? 
ATOM   340  O  O   . SER A 1 46 ? -6.253  -17.804 -6.766  1.000 27.543 0 155 SER A O   1 ? 
ATOM   341  C  CB  . SER A 1 46 ? -7.519  -15.901 -3.890  1.000 20.885 0 155 SER A CB  1 ? 
ATOM   342  O  OG  . SER A 1 46 ? -7.859  -16.271 -2.554  1.000 23.986 0 155 SER A OG  1 ? 
ATOM   343  N  N   . ASN A 1 47 ? -6.817  -15.614 -6.576  1.000 22.607 0 156 ASN A N   1 ? 
ATOM   344  C  CA  . ASN A 1 47 ? -6.762  -15.263 -8.014  1.000 23.802 0 156 ASN A CA  1 ? 
ATOM   345  C  C   . ASN A 1 47 ? -5.545  -14.388 -8.315  1.000 23.124 0 156 ASN A C   1 ? 
ATOM   346  O  O   . ASN A 1 47 ? -5.626  -13.614 -9.305  1.000 22.585 0 156 ASN A O   1 ? 
ATOM   347  C  CB  . ASN A 1 47 ? -8.028  -14.501 -8.456  1.000 26.938 0 156 ASN A CB  1 ? 
ATOM   348  C  CG  . ASN A 1 47 ? -8.963  -15.292 -9.339  1.000 28.250 0 156 ASN A CG  1 ? 
ATOM   349  N  ND2 . ASN A 1 47 ? -8.653  -16.558 -9.573  1.000 32.179 0 156 ASN A ND2 1 ? 
ATOM   350  N  N   . GLN A 1 48 ? -4.464  -14.523 -7.523  1.000 20.848 0 157 GLN A N   1 ? 
ATOM   351  C  CA  . GLN A 1 48 ? -3.209  -13.743 -7.673  1.000 20.859 0 157 GLN A CA  1 ? 
ATOM   352  C  C   . GLN A 1 48 ? -3.505  -12.246 -7.629  1.000 21.516 0 157 GLN A C   1 ? 
ATOM   353  O  O   . GLN A 1 48 ? -2.802  -11.485 -8.345  1.000 25.946 0 157 GLN A O   1 ? 
ATOM   354  C  CB  . GLN A 1 48 ? -2.483  -14.167 -8.962  1.000 22.962 0 157 GLN A CB  1 ? 
ATOM   355  C  CG  . GLN A 1 48 ? -2.159  -15.653 -8.960  1.000 23.110 0 157 GLN A CG  1 ? 
ATOM   356  C  CD  . GLN A 1 48 ? -1.554  -16.179 -10.240 1.000 27.344 0 157 GLN A CD  1 ? 
ATOM   357  N  N   . ASP A 1 49 ? -4.447  -11.822 -6.785  1.000 22.163 0 158 ASP A N   1 ? 
ATOM   358  C  CA  . ASP A 1 49 ? -4.912  -10.403 -6.728  1.000 26.010 0 158 ASP A CA  1 ? 
ATOM   359  C  C   . ASP A 1 49 ? -5.162  -10.002 -5.273  1.000 23.397 0 158 ASP A C   1 ? 
ATOM   360  O  O   . ASP A 1 49 ? -5.982  -9.061  -5.042  1.000 19.919 0 158 ASP A O   1 ? 
ATOM   361  C  CB  . ASP A 1 49 ? -6.182  -10.183 -7.553  1.000 31.995 0 158 ASP A CB  1 ? 
ATOM   362  C  CG  . ASP A 1 49 ? -7.304  -11.154 -7.205  1.000 39.443 0 158 ASP A CG  1 ? 
ATOM   363  O  OD1 . ASP A 1 49 ? -7.112  -12.000 -6.276  1.000 44.903 0 158 ASP A OD1 1 ? 
ATOM   364  O  OD2 . ASP A 1 49 ? -8.356  -11.091 -7.887  1.000 46.597 0 158 ASP A OD2 1 ? 
ATOM   365  N  N   . CYS A 1 50 ? -4.471  -10.650 -4.332  1.000 20.320 0 159 CYS A N   1 ? 
ATOM   366  C  CA  . CYS A 1 50 ? -4.676  -10.416 -2.875  1.000 18.195 0 159 CYS A CA  1 ? 
ATOM   367  C  C   . CYS A 1 50 ? -4.190  -8.997  -2.528  1.000 19.631 0 159 CYS A C   1 ? 
ATOM   368  O  O   . CYS A 1 50 ? -3.321  -8.445  -3.214  1.000 18.559 0 159 CYS A O   1 ? 
ATOM   369  C  CB  . CYS A 1 50 ? -3.957  -11.423 -1.993  1.000 17.782 0 159 CYS A CB  1 ? 
ATOM   370  S  SG  . CYS A 1 50 ? -4.424  -13.147 -2.316  1.000 15.726 0 159 CYS A SG  1 ? 
ATOM   371  N  N   . ILE A 1 51 ? -4.808  -8.413  -1.523  1.000 19.418 0 160 ILE A N   1 ? 
ATOM   372  C  CA  . ILE A 1 51 ? -4.395  -7.126  -0.907  1.000 18.887 0 160 ILE A CA  1 ? 
ATOM   373  C  C   . ILE A 1 51 ? -3.169  -7.405  -0.060  1.000 18.202 0 160 ILE A C   1 ? 
ATOM   374  O  O   . ILE A 1 51 ? -3.207  -8.385  0.639   1.000 18.300 0 160 ILE A O   1 ? 
ATOM   375  C  CB  . ILE A 1 51 ? -5.562  -6.588  -0.039  1.000 21.855 0 160 ILE A CB  1 ? 
ATOM   376  C  CG1 . ILE A 1 51 ? -6.719  -6.280  -0.975  1.000 25.624 0 160 ILE A CG1 1 ? 
ATOM   377  C  CD1 . ILE A 1 51 ? -6.322  -5.482  -2.166  1.000 22.888 0 160 ILE A CD1 1 ? 
ATOM   378  N  N   . ILE A 1 52 ? -2.133  -6.561  -0.162  1.000 15.875 0 161 ILE A N   1 ? 
ATOM   379  C  CA  . ILE A 1 52 ? -0.949  -6.601  0.736   1.000 16.772 0 161 ILE A CA  1 ? 
ATOM   380  C  C   . ILE A 1 52 ? -0.944  -5.312  1.547   1.000 18.009 0 161 ILE A C   1 ? 
ATOM   381  O  O   . ILE A 1 52 ? -0.731  -4.217  0.955   1.000 18.688 0 161 ILE A O   1 ? 
ATOM   382  C  CB  . ILE A 1 52 ? 0.383   -6.689  -0.015  1.000 18.602 0 161 ILE A CB  1 ? 
ATOM   383  C  CG1 . ILE A 1 52 ? 0.339   -7.767  -1.098  1.000 21.091 0 161 ILE A CG1 1 ? 
ATOM   384  C  CG2 . ILE A 1 52 ? 1.468   -6.910  1.020   1.000 20.039 0 161 ILE A CG2 1 ? 
ATOM   385  C  CD1 . ILE A 1 52 ? 0.170   -9.167  -0.543  1.000 21.232 0 161 ILE A CD1 1 ? 
ATOM   386  N  N   . ASN A 1 53 ? -1.198  -5.440  2.837   1.000 16.768 0 162 ASN A N   1 ? 
ATOM   387  C  CA  . ASN A 1 53 ? -1.032  -4.298  3.740   1.000 19.093 0 162 ASN A CA  1 ? 
ATOM   388  C  C   . ASN A 1 53 ? -0.418  -4.792  5.055   1.000 19.459 0 162 ASN A C   1 ? 
ATOM   389  O  O   . ASN A 1 53 ? -0.086  -5.978  5.184   1.000 20.223 0 162 ASN A O   1 ? 
ATOM   390  C  CB  . ASN A 1 53 ? -2.353  -3.538  3.879   1.000 22.244 0 162 ASN A CB  1 ? 
ATOM   391  C  CG  . ASN A 1 53 ? -3.404  -4.364  4.577   1.000 24.258 0 162 ASN A CG  1 ? 
ATOM   392  O  OD1 . ASN A 1 53 ? -3.079  -5.212  5.414   1.000 26.337 0 162 ASN A OD1 1 ? 
ATOM   393  N  ND2 . ASN A 1 53 ? -4.645  -4.191  4.158   1.000 25.087 0 162 ASN A ND2 1 ? 
ATOM   394  N  N   . LYS A 1 54 ? -0.173  -3.877  5.970   1.000 20.791 0 163 LYS A N   1 ? 
ATOM   395  C  CA  . LYS A 1 54 ? 0.679   -4.185  7.136   1.000 23.290 0 163 LYS A CA  1 ? 
ATOM   396  C  C   . LYS A 1 54 ? -0.106  -5.096  8.083   1.000 27.421 0 163 LYS A C   1 ? 
ATOM   397  O  O   . LYS A 1 54 ? 0.529   -5.657  8.986   1.000 25.095 0 163 LYS A O   1 ? 
ATOM   398  C  CB  . LYS A 1 54 ? 1.162   -2.877  7.759   1.000 26.548 0 163 LYS A CB  1 ? 
ATOM   399  C  CG  . LYS A 1 54 ? 0.069   -2.124  8.502   1.000 28.264 0 163 LYS A CG  1 ? 
ATOM   400  C  CD  . LYS A 1 54 ? 0.457   -0.755  8.976   1.000 28.555 0 163 LYS A CD  1 ? 
ATOM   401  C  CE  . LYS A 1 54 ? -0.758  0.010   9.456   1.000 26.546 0 163 LYS A CE  1 ? 
ATOM   402  N  NZ  . LYS A 1 54 ? -0.456  1.452   9.600   1.000 27.510 0 163 LYS A NZ  1 ? 
ATOM   403  N  N   . HIS A 1 55 ? -1.420  -5.260  7.864   1.000 26.616 0 164 HIS A N   1 ? 
ATOM   404  C  CA  . HIS A 1 55 ? -2.332  -5.974  8.798   1.000 31.320 0 164 HIS A CA  1 ? 
ATOM   405  C  C   . HIS A 1 55 ? -1.914  -7.437  8.846   1.000 38.110 0 164 HIS A C   1 ? 
ATOM   406  O  O   . HIS A 1 55 ? -1.567  -7.911  9.952   1.000 47.435 0 164 HIS A O   1 ? 
ATOM   407  C  CB  . HIS A 1 55 ? -3.812  -5.812  8.414   1.000 31.431 0 164 HIS A CB  1 ? 
ATOM   408  N  N   . HIS A 1 56 ? -1.921  -8.115  7.697   1.000 34.560 0 165 HIS A N   1 ? 
ATOM   409  C  CA  . HIS A 1 56 ? -1.502  -9.537  7.602   1.000 35.863 0 165 HIS A CA  1 ? 
ATOM   410  C  C   . HIS A 1 56 ? -0.642  -9.674  6.352   1.000 34.449 0 165 HIS A C   1 ? 
ATOM   411  O  O   . HIS A 1 56 ? -1.084  -10.326 5.404   1.000 35.978 0 165 HIS A O   1 ? 
ATOM   412  N  N   . ARG A 1 57 ? 0.509   -9.017  6.364   1.000 29.123 0 166 ARG A N   1 ? 
ATOM   413  C  CA  . ARG A 1 57 ? 1.456   -8.942  5.230   1.000 30.379 0 166 ARG A CA  1 ? 
ATOM   414  C  C   . ARG A 1 57 ? 1.705   -10.297 4.578   1.000 26.590 0 166 ARG A C   1 ? 
ATOM   415  O  O   . ARG A 1 57 ? 1.898   -10.306 3.341   1.000 27.026 0 166 ARG A O   1 ? 
ATOM   416  C  CB  . ARG A 1 57 ? 2.824   -8.464  5.698   1.000 29.409 0 166 ARG A CB  1 ? 
ATOM   417  C  CG  . ARG A 1 57 ? 2.940   -6.959  5.672   1.000 29.552 0 166 ARG A CG  1 ? 
ATOM   418  C  CD  . ARG A 1 57 ? 4.375   -6.621  5.817   1.000 30.791 0 166 ARG A CD  1 ? 
ATOM   419  N  NE  . ARG A 1 57 ? 4.699   -6.886  7.180   1.000 31.641 0 166 ARG A NE  1 ? 
ATOM   420  C  CZ  . ARG A 1 57 ? 4.941   -5.948  8.083   1.000 35.447 0 166 ARG A CZ  1 ? 
ATOM   421  N  NH1 . ARG A 1 57 ? 4.929   -4.672  7.746   1.000 33.561 0 166 ARG A NH1 1 ? 
ATOM   422  N  NH2 . ARG A 1 57 ? 5.218   -6.303  9.327   1.000 35.239 0 166 ARG A NH2 1 ? 
ATOM   423  N  N   . ASN A 1 58 ? 1.761   -11.371 5.369   1.000 25.849 0 167 ASN A N   1 ? 
ATOM   424  C  CA  . ASN A 1 58 ? 2.273   -12.675 4.888   1.000 27.952 0 167 ASN A CA  1 ? 
ATOM   425  C  C   . ASN A 1 58 ? 1.141   -13.670 4.618   1.000 29.428 0 167 ASN A C   1 ? 
ATOM   426  O  O   . ASN A 1 58 ? 1.437   -14.832 4.370   1.000 29.595 0 167 ASN A O   1 ? 
ATOM   427  C  CB  . ASN A 1 58 ? 3.360   -13.204 5.819   1.000 28.709 0 167 ASN A CB  1 ? 
ATOM   428  C  CG  . ASN A 1 58 ? 4.513   -13.751 5.015   1.000 28.860 0 167 ASN A CG  1 ? 
ATOM   429  O  OD1 . ASN A 1 58 ? 4.905   -13.197 3.978   1.000 22.687 0 167 ASN A OD1 1 ? 
ATOM   430  N  ND2 . ASN A 1 58 ? 4.998   -14.902 5.438   1.000 35.882 0 167 ASN A ND2 1 ? 
ATOM   431  N  N   . ARG A 1 59 ? -0.102  -13.203 4.565   1.000 28.319 0 168 ARG A N   1 ? 
ATOM   432  C  CA  . ARG A 1 59 ? -1.297  -14.032 4.308   1.000 30.651 0 168 ARG A CA  1 ? 
ATOM   433  C  C   . ARG A 1 59 ? -1.149  -14.671 2.917   1.000 27.401 0 168 ARG A C   1 ? 
ATOM   434  O  O   . ARG A 1 59 ? -1.531  -15.853 2.752   1.000 25.566 0 168 ARG A O   1 ? 
ATOM   435  C  CB  . ARG A 1 59 ? -2.551  -13.158 4.422   1.000 34.574 0 168 ARG A CB  1 ? 
ATOM   436  C  CG  . ARG A 1 59 ? -3.808  -13.711 3.767   1.000 42.828 0 168 ARG A CG  1 ? 
ATOM   437  C  CD  . ARG A 1 59 ? -4.551  -14.719 4.621   1.000 51.918 0 168 ARG A CD  1 ? 
ATOM   438  N  NE  . ARG A 1 59 ? -5.999  -14.525 4.538   1.000 56.377 0 168 ARG A NE  1 ? 
ATOM   439  C  CZ  . ARG A 1 59 ? -6.901  -15.089 5.345   1.000 60.929 0 168 ARG A CZ  1 ? 
ATOM   440  N  NH1 . ARG A 1 59 ? -6.525  -15.900 6.321   1.000 64.589 0 168 ARG A NH1 1 ? 
ATOM   441  N  NH2 . ARG A 1 59 ? -8.186  -14.829 5.174   1.000 61.168 0 168 ARG A NH2 1 ? 
ATOM   442  N  N   . CYS A 1 60 ? -0.606  -13.938 1.940   1.000 20.562 0 169 CYS A N   1 ? 
ATOM   443  C  CA  . CYS A 1 60 ? -0.345  -14.518 0.612   1.000 16.384 0 169 CYS A CA  1 ? 
ATOM   444  C  C   . CYS A 1 60 ? 1.072   -14.175 0.174   1.000 13.663 0 169 CYS A C   1 ? 
ATOM   445  O  O   . CYS A 1 60 ? 1.300   -13.033 -0.252  1.000 14.284 0 169 CYS A O   1 ? 
ATOM   446  C  CB  . CYS A 1 60 ? -1.352  -14.063 -0.427  1.000 15.274 0 169 CYS A CB  1 ? 
ATOM   447  S  SG  . CYS A 1 60 ? -1.011  -14.894 -2.009  1.000 14.689 0 169 CYS A SG  1 ? 
ATOM   448  N  N   . GLN A 1 61 ? 1.983   -15.119 0.361   1.000 13.514 0 170 GLN A N   1 ? 
ATOM   449  C  CA  . GLN A 1 61 ? 3.414   -14.889 0.059   1.000 12.978 0 170 GLN A CA  1 ? 
ATOM   450  C  C   . GLN A 1 61 ? 3.562   -14.642 -1.452  1.000 11.952 0 170 GLN A C   1 ? 
ATOM   451  O  O   . GLN A 1 61 ? 4.445   -13.822 -1.869  1.000 10.992 0 170 GLN A O   1 ? 
ATOM   452  C  CB  . GLN A 1 61 ? 4.243   -16.041 0.601   1.000 14.855 0 170 GLN A CB  1 ? 
ATOM   453  C  CG  . GLN A 1 61 ? 4.255   -16.113 2.118   1.000 16.050 0 170 GLN A CG  1 ? 
ATOM   454  C  CD  . GLN A 1 61 ? 5.156   -17.218 2.632   1.000 23.129 0 170 GLN A CD  1 ? 
ATOM   455  O  OE1 . GLN A 1 61 ? 4.922   -18.408 2.408   1.000 30.443 0 170 GLN A OE1 1 ? 
ATOM   456  N  NE2 . GLN A 1 61 ? 6.191   -16.840 3.349   1.000 27.175 0 170 GLN A NE2 1 ? 
ATOM   457  N  N   . PHE A 1 62 ? 2.832   -15.373 -2.300  1.000 10.675 0 171 PHE A N   1 ? 
ATOM   458  C  CA  . PHE A 1 62 ? 2.874   -15.165 -3.775  1.000 10.500 0 171 PHE A CA  1 ? 
ATOM   459  C  C   . PHE A 1 62 ? 2.641   -13.699 -4.120  1.000 9.737  0 171 PHE A C   1 ? 
ATOM   460  O  O   . PHE A 1 62 ? 3.420   -13.084 -4.834  1.000 9.302  0 171 PHE A O   1 ? 
ATOM   461  C  CB  . PHE A 1 62 ? 1.888   -16.113 -4.494  1.000 10.502 0 171 PHE A CB  1 ? 
ATOM   462  C  CG  . PHE A 1 62 ? 1.856   -15.879 -5.976  1.000 10.565 0 171 PHE A CG  1 ? 
ATOM   463  C  CD1 . PHE A 1 62 ? 1.066   -14.895 -6.531  1.000 10.508 0 171 PHE A CD1 1 ? 
ATOM   464  C  CD2 . PHE A 1 62 ? 2.728   -16.575 -6.814  1.000 12.017 0 171 PHE A CD2 1 ? 
ATOM   465  C  CE1 . PHE A 1 62 ? 1.080   -14.630 -7.886  1.000 11.359 0 171 PHE A CE1 1 ? 
ATOM   466  C  CE2 . PHE A 1 62 ? 2.708   -16.339 -8.182  1.000 12.382 0 171 PHE A CE2 1 ? 
ATOM   467  C  CZ  . PHE A 1 62 ? 1.902   -15.360 -8.718  1.000 11.318 0 171 PHE A CZ  1 ? 
ATOM   468  N  N   . CYS A 1 63 ? 1.524   -13.139 -3.634  1.000 11.213 0 172 CYS A N   1 ? 
ATOM   469  C  CA  . CYS A 1 63 ? 1.109   -11.786 -3.966  1.000 11.104 0 172 CYS A CA  1 ? 
ATOM   470  C  C   . CYS A 1 63 ? 2.100   -10.794 -3.346  1.000 9.903  0 172 CYS A C   1 ? 
ATOM   471  O  O   . CYS A 1 63 ? 2.324   -9.737  -3.984  1.000 10.810 0 172 CYS A O   1 ? 
ATOM   472  C  CB  . CYS A 1 63 ? -0.346  -11.503 -3.566  1.000 11.818 0 172 CYS A CB  1 ? 
ATOM   473  S  SG  . CYS A 1 63 ? -1.486  -12.399 -4.670  1.000 15.504 0 172 CYS A SG  1 ? 
ATOM   474  N  N   . ARG A 1 64 ? 2.647   -11.115 -2.161  1.000 9.297  0 173 ARG A N   1 ? 
ATOM   475  C  CA  . ARG A 1 64 ? 3.643   -10.218 -1.533  1.000 8.886  0 173 ARG A CA  1 ? 
ATOM   476  C  C   . ARG A 1 64 ? 4.906   -10.168 -2.400  1.000 8.811  0 173 ARG A C   1 ? 
ATOM   477  O  O   . ARG A 1 64 ? 5.422   -9.092  -2.609  1.000 8.814  0 173 ARG A O   1 ? 
ATOM   478  C  CB  . ARG A 1 64 ? 3.962   -10.676 -0.122  1.000 8.952  0 173 ARG A CB  1 ? 
ATOM   479  C  CG  . ARG A 1 64 ? 4.802   -9.659  0.653   1.000 9.505  0 173 ARG A CG  1 ? 
ATOM   480  C  CD  . ARG A 1 64 ? 5.093   -10.151 2.045   1.000 9.661  0 173 ARG A CD  1 ? 
ATOM   481  N  NE  . ARG A 1 64 ? 5.780   -9.168  2.901   1.000 9.831  0 173 ARG A NE  1 ? 
ATOM   482  C  CZ  . ARG A 1 64 ? 6.205   -9.449  4.130   1.000 11.209 0 173 ARG A CZ  1 ? 
ATOM   483  N  NH1 . ARG A 1 64 ? 6.086   -10.679 4.612   1.000 11.604 0 173 ARG A NH1 1 ? 
ATOM   484  N  NH2 . ARG A 1 64 ? 6.783   -8.524  4.877   1.000 11.354 0 173 ARG A NH2 1 ? 
ATOM   485  N  N   . LEU A 1 65 ? 5.416   -11.286 -2.895  1.000 9.180  0 174 LEU A N   1 ? 
ATOM   486  C  CA  . LEU A 1 65 ? 6.611   -11.301 -3.750  1.000 9.380  0 174 LEU A CA  1 ? 
ATOM   487  C  C   . LEU A 1 65 ? 6.332   -10.610 -5.082  1.000 10.190 0 174 LEU A C   1 ? 
ATOM   488  O  O   . LEU A 1 65 ? 7.164   -9.863  -5.528  1.000 9.902  0 174 LEU A O   1 ? 
ATOM   489  C  CB  . LEU A 1 65 ? 7.091   -12.741 -3.947  1.000 10.255 0 174 LEU A CB  1 ? 
ATOM   490  C  CG  . LEU A 1 65 ? 8.406   -12.904 -4.721  1.000 10.216 0 174 LEU A CG  1 ? 
ATOM   491  C  CD1 . LEU A 1 65 ? 9.565   -12.107 -4.088  1.000 10.643 0 174 LEU A CD1 1 ? 
ATOM   492  C  CD2 . LEU A 1 65 ? 8.773   -14.360 -4.873  1.000 10.230 0 174 LEU A CD2 1 ? 
ATOM   493  N  N   . LYS A 1 66 ? 5.159   -10.825 -5.647  1.000 9.495  0 175 LYS A N   1 ? 
ATOM   494  C  CA  . LYS A 1 66 ? 4.745   -10.182 -6.923  1.000 10.749 0 175 LYS A CA  1 ? 
ATOM   495  C  C   . LYS A 1 66 ? 4.793   -8.665  -6.701  1.000 10.982 0 175 LYS A C   1 ? 
ATOM   496  O  O   . LYS A 1 66 ? 5.239   -7.932  -7.574  1.000 11.606 0 175 LYS A O   1 ? 
ATOM   497  C  CB  . LYS A 1 66 ? 3.351   -10.675 -7.315  1.000 11.436 0 175 LYS A CB  1 ? 
ATOM   498  C  CG  . LYS A 1 66 ? 2.814   -10.038 -8.597  1.000 12.397 0 175 LYS A CG  1 ? 
ATOM   499  C  CD  . LYS A 1 66 ? 1.451   -10.585 -8.994  1.000 14.609 0 175 LYS A CD  1 ? 
ATOM   500  N  N   . LYS A 1 67 ? 4.259   -8.181  -5.586  1.000 13.031 0 176 LYS A N   1 ? 
ATOM   501  C  CA  . LYS A 1 67 ? 4.184   -6.721  -5.307  1.000 11.684 0 176 LYS A CA  1 ? 
ATOM   502  C  C   . LYS A 1 67 ? 5.609   -6.179  -5.143  1.000 11.618 0 176 LYS A C   1 ? 
ATOM   503  O  O   . LYS A 1 67 ? 5.901   -5.107  -5.650  1.000 11.787 0 176 LYS A O   1 ? 
ATOM   504  C  CB  . LYS A 1 67 ? 3.297   -6.442  -4.078  1.000 14.261 0 176 LYS A CB  1 ? 
ATOM   505  C  CG  . LYS A 1 67 ? 2.954   -4.982  -3.862  1.000 16.191 0 176 LYS A CG  1 ? 
ATOM   506  C  CD  . LYS A 1 67 ? 2.078   -4.677  -2.686  1.000 18.724 0 176 LYS A CD  1 ? 
ATOM   507  N  N   . CYS A 1 68 ? 6.500   -6.907  -4.462  1.000 11.178 0 177 CYS A N   1 ? 
ATOM   508  C  CA  . CYS A 1 68 ? 7.922   -6.535  -4.355  1.000 11.049 0 177 CYS A CA  1 ? 
ATOM   509  C  C   . CYS A 1 68 ? 8.473   -6.295  -5.759  1.000 12.263 0 177 CYS A C   1 ? 
ATOM   510  O  O   . CYS A 1 68 ? 9.098   -5.257  -6.014  1.000 11.707 0 177 CYS A O   1 ? 
ATOM   511  C  CB  . CYS A 1 68 ? 8.786   -7.596  -3.692  1.000 10.175 0 177 CYS A CB  1 ? 
ATOM   512  S  SG  . CYS A 1 68 ? 8.463   -7.773  -1.917  1.000 10.399 0 177 CYS A SG  1 ? 
ATOM   513  N  N   . LEU A 1 69 ? 8.208   -7.202  -6.681  1.000 11.154 0 178 LEU A N   1 ? 
ATOM   514  C  CA  . LEU A 1 69 ? 8.792   -7.077  -8.052  1.000 11.912 0 178 LEU A CA  1 ? 
ATOM   515  C  C   . LEU A 1 69 ? 8.084   -5.930  -8.794  1.000 13.541 0 178 LEU A C   1 ? 
ATOM   516  O  O   . LEU A 1 69 ? 8.799   -5.153  -9.454  1.000 14.168 0 178 LEU A O   1 ? 
ATOM   517  C  CB  . LEU A 1 69 ? 8.610   -8.393  -8.795  1.000 13.208 0 178 LEU A CB  1 ? 
ATOM   518  C  CG  . LEU A 1 69 ? 9.516   -9.530  -8.334  1.000 12.751 0 178 LEU A CG  1 ? 
ATOM   519  C  CD1 . LEU A 1 69 ? 9.087   -10.838 -8.988  1.000 13.626 0 178 LEU A CD1 1 ? 
ATOM   520  C  CD2 . LEU A 1 69 ? 10.955  -9.250  -8.669  1.000 15.483 0 178 LEU A CD2 1 ? 
ATOM   521  N  N   . GLU A 1 70 ? 6.766   -5.819  -8.693  1.000 14.637 0 179 GLU A N   1 ? 
ATOM   522  C  CA  . GLU A 1 70 ? 5.988   -4.780  -9.422  1.000 16.409 0 179 GLU A CA  1 ? 
ATOM   523  C  C   . GLU A 1 70 ? 6.383   -3.389  -8.938  1.000 16.906 0 179 GLU A C   1 ? 
ATOM   524  O  O   . GLU A 1 70 ? 6.231   -2.425  -9.667  1.000 16.204 0 179 GLU A O   1 ? 
ATOM   525  C  CB  . GLU A 1 70 ? 4.496   -4.872  -9.190  1.000 20.469 0 179 GLU A CB  1 ? 
ATOM   526  C  CG  . GLU A 1 70 ? 3.822   -6.058  -9.812  1.000 23.882 0 179 GLU A CG  1 ? 
ATOM   527  C  CD  . GLU A 1 70 ? 2.321   -5.998  -9.548  1.000 25.569 0 179 GLU A CD  1 ? 
ATOM   528  O  OE1 . GLU A 1 70 ? 1.858   -5.233  -8.658  1.000 27.652 0 179 GLU A OE1 1 ? 
ATOM   529  O  OE2 . GLU A 1 70 ? 1.642   -6.763  -10.157 1.000 27.843 0 179 GLU A OE2 1 ? 
ATOM   530  N  N   . MET A 1 71 ? 6.837   -3.288  -7.698  1.000 16.001 0 180 MET A N   1 ? 
ATOM   531  C  CA  . MET A 1 71 ? 7.167   -1.991  -7.065  1.000 17.163 0 180 MET A CA  1 ? 
ATOM   532  C  C   . MET A 1 71 ? 8.655   -1.690  -7.217  1.000 16.508 0 180 MET A C   1 ? 
ATOM   533  O  O   . MET A 1 71 ? 9.119   -0.647  -6.661  1.000 18.778 0 180 MET A O   1 ? 
ATOM   534  C  CB  . MET A 1 71 ? 6.784   -2.007  -5.590  1.000 16.866 0 180 MET A CB  1 ? 
ATOM   535  C  CG  . MET A 1 71 ? 5.313   -2.087  -5.338  1.000 18.254 0 180 MET A CG  1 ? 
ATOM   536  S  SD  . MET A 1 71 ? 4.304   -0.712  -5.975  1.000 24.178 0 180 MET A SD  1 ? 
ATOM   537  C  CE  . MET A 1 71 ? 3.617   -1.399  -7.468  1.000 22.467 0 180 MET A CE  1 ? 
ATOM   538  N  N   . GLY A 1 72 ? 9.386   -2.532  -7.939  1.000 16.083 0 181 GLY A N   1 ? 
ATOM   539  C  CA  . GLY A 1 72 ? 10.746  -2.292  -8.396  1.000 14.877 0 181 GLY A CA  1 ? 
ATOM   540  C  C   . GLY A 1 72 ? 11.834  -2.800  -7.465  1.000 17.278 0 181 GLY A C   1 ? 
ATOM   541  O  O   . GLY A 1 72 ? 13.015  -2.452  -7.630  1.000 15.647 0 181 GLY A O   1 ? 
ATOM   542  N  N   . MET A 1 73 ? 11.495  -3.691  -6.560  1.000 16.252 0 182 MET A N   1 ? 
ATOM   543  C  CA  A MET A 1 73 ? 12.528  -4.359  -5.742  0.500 16.221 0 182 MET A CA  1 ? 
ATOM   544  C  CA  B MET A 1 73 ? 12.515  -4.377  -5.737  0.500 16.817 0 182 MET A CA  1 ? 
ATOM   545  C  C   . MET A 1 73 ? 13.285  -5.322  -6.658  1.000 15.536 0 182 MET A C   1 ? 
ATOM   546  O  O   . MET A 1 73 ? 12.624  -6.035  -7.472  1.000 14.485 0 182 MET A O   1 ? 
ATOM   547  C  CB  A MET A 1 73 ? 11.879  -5.106  -4.577  0.500 17.447 0 182 MET A CB  1 ? 
ATOM   548  C  CB  B MET A 1 73 ? 11.819  -5.156  -4.622  0.500 19.002 0 182 MET A CB  1 ? 
ATOM   549  C  CG  A MET A 1 73 ? 12.720  -5.099  -3.377  0.500 18.273 0 182 MET A CG  1 ? 
ATOM   550  C  CG  B MET A 1 73 ? 12.514  -5.074  -3.343  0.500 20.437 0 182 MET A CG  1 ? 
ATOM   551  S  SD  A MET A 1 73 ? 11.839  -5.786  -2.004  0.500 17.636 0 182 MET A SD  1 ? 
ATOM   552  S  SD  B MET A 1 73 ? 11.359  -5.302  -1.999  0.500 22.418 0 182 MET A SD  1 ? 
ATOM   553  C  CE  A MET A 1 73 ? 12.830  -5.176  -0.650  0.500 20.479 0 182 MET A CE  1 ? 
ATOM   554  C  CE  B MET A 1 73 ? 12.557  -5.260  -0.667  0.500 24.437 0 182 MET A CE  1 ? 
ATOM   555  N  N   . LYS A 1 74 ? 14.594  -5.366  -6.537  1.000 14.778 0 183 LYS A N   1 ? 
ATOM   556  C  CA  . LYS A 1 74 ? 15.474  -6.028  -7.534  1.000 16.042 0 183 LYS A CA  1 ? 
ATOM   557  C  C   . LYS A 1 74 ? 16.133  -7.300  -6.990  1.000 14.970 0 183 LYS A C   1 ? 
ATOM   558  O  O   . LYS A 1 74 ? 16.968  -7.230  -6.103  1.000 14.368 0 183 LYS A O   1 ? 
ATOM   559  C  CB  . LYS A 1 74 ? 16.542  -5.055  -8.005  1.000 18.807 0 183 LYS A CB  1 ? 
ATOM   560  C  CG  . LYS A 1 74 ? 15.957  -3.901  -8.819  1.000 21.335 0 183 LYS A CG  1 ? 
ATOM   561  C  CD  . LYS A 1 74 ? 16.895  -2.745  -8.997  1.000 25.510 0 183 LYS A CD  1 ? 
ATOM   562  N  N   . MET A 1 75 ? 15.749  -8.455  -7.537  1.000 13.629 0 184 MET A N   1 ? 
ATOM   563  C  CA  . MET A 1 75 ? 16.265  -9.768  -7.063  1.000 14.890 0 184 MET A CA  1 ? 
ATOM   564  C  C   . MET A 1 75 ? 17.770  -9.774  -7.255  1.000 15.003 0 184 MET A C   1 ? 
ATOM   565  O  O   . MET A 1 75 ? 18.502  -10.293 -6.399  1.000 13.584 0 184 MET A O   1 ? 
ATOM   566  C  CB  . MET A 1 75 ? 15.605  -10.931 -7.815  1.000 14.110 0 184 MET A CB  1 ? 
ATOM   567  C  CG  . MET A 1 75 ? 14.127  -11.074 -7.491  1.000 15.863 0 184 MET A CG  1 ? 
ATOM   568  S  SD  . MET A 1 75 ? 13.395  -12.617 -8.176  1.000 17.461 0 184 MET A SD  1 ? 
ATOM   569  C  CE  . MET A 1 75 ? 12.021  -12.813 -7.041  1.000 19.070 0 184 MET A CE  1 ? 
ATOM   570  N  N   . GLU A 1 76 ? 18.207  -9.170  -8.347  1.000 16.363 0 185 GLU A N   1 ? 
ATOM   571  C  CA  . GLU A 1 76 ? 19.618  -9.152  -8.768  1.000 17.436 0 185 GLU A CA  1 ? 
ATOM   572  C  C   . GLU A 1 76 ? 20.449  -8.309  -7.791  1.000 19.976 0 185 GLU A C   1 ? 
ATOM   573  O  O   . GLU A 1 76 ? 21.681  -8.443  -7.856  1.000 21.512 0 185 GLU A O   1 ? 
ATOM   574  C  CB  . GLU A 1 76 ? 19.698  -8.621  -10.208 1.000 18.394 0 185 GLU A CB  1 ? 
ATOM   575  C  CG  . GLU A 1 76 ? 19.017  -9.481  -11.245 1.000 18.805 0 185 GLU A CG  1 ? 
ATOM   576  C  CD  . GLU A 1 76 ? 17.504  -9.332  -11.303 1.000 19.556 0 185 GLU A CD  1 ? 
ATOM   577  O  OE1 . GLU A 1 76 ? 16.996  -8.358  -10.715 1.000 23.452 0 185 GLU A OE1 1 ? 
ATOM   578  O  OE2 . GLU A 1 76 ? 16.867  -10.228 -11.876 1.000 20.760 0 185 GLU A OE2 1 ? 
ATOM   579  N  N   . SER A 1 77 ? 19.824  -7.494  -6.927  1.000 19.190 0 186 SER A N   1 ? 
ATOM   580  C  CA  . SER A 1 77 ? 20.527  -6.637  -5.931  1.000 22.225 0 186 SER A CA  1 ? 
ATOM   581  C  C   . SER A 1 77 ? 20.741  -7.394  -4.623  1.000 21.922 0 186 SER A C   1 ? 
ATOM   582  O  O   . SER A 1 77 ? 21.472  -6.895  -3.786  1.000 23.702 0 186 SER A O   1 ? 
ATOM   583  C  CB  . SER A 1 77 ? 19.812  -5.339  -5.700  1.000 22.960 0 186 SER A CB  1 ? 
ATOM   584  O  OG  . SER A 1 77 ? 19.801  -4.593  -6.920  1.000 27.608 0 186 SER A OG  1 ? 
ATOM   585  N  N   . VAL A 1 78 ? 20.170  -8.585  -4.484  1.000 19.414 0 187 VAL A N   1 ? 
ATOM   586  C  CA  . VAL A 1 78 ? 20.322  -9.442  -3.273  1.000 22.268 0 187 VAL A CA  1 ? 
ATOM   587  C  C   . VAL A 1 78 ? 21.607  -10.262 -3.451  1.000 24.986 0 187 VAL A C   1 ? 
ATOM   588  O  O   . VAL A 1 78 ? 21.625  -11.162 -4.343  1.000 27.647 0 187 VAL A O   1 ? 
ATOM   589  C  CB  . VAL A 1 78 ? 19.093  -10.347 -3.047  1.000 20.861 0 187 VAL A CB  1 ? 
ATOM   590  C  CG1 . VAL A 1 78 ? 19.256  -11.218 -1.810  1.000 21.969 0 187 VAL A CG1 1 ? 
ATOM   591  C  CG2 . VAL A 1 78 ? 17.808  -9.545  -2.930  1.000 20.521 0 187 VAL A CG2 1 ? 
ATOM   592  N  N   . GLN A 1 79 ? 22.626  -9.962  -2.654  1.000 28.992 0 188 GLN A N   1 ? 
ATOM   593  C  CA  . GLN A 1 79 ? 24.000  -10.556 -2.758  1.000 34.303 0 188 GLN A CA  1 ? 
ATOM   594  C  C   . GLN A 1 79 ? 23.899  -12.086 -2.625  1.000 36.750 0 188 GLN A C   1 ? 
ATOM   595  O  O   . GLN A 1 79 ? 23.407  -12.544 -1.562  1.000 33.431 0 188 GLN A O   1 ? 
ATOM   596  N  N   . SER A 1 80 ? 24.363  -12.815 -3.660  1.000 33.281 0 189 SER A N   1 ? 
ATOM   597  C  CA  . SER A 1 80 ? 24.029  -14.233 -4.020  1.000 40.018 0 189 SER A CA  1 ? 
ATOM   598  C  C   . SER A 1 80 ? 22.658  -14.659 -3.469  1.000 34.472 0 189 SER A C   1 ? 
ATOM   599  C  CB  . SER A 1 80 ? 25.117  -15.194 -3.601  1.000 37.753 0 189 SER A CB  1 ? 
ATOM   600  O  OG  . SER A 1 80 ? 26.246  -15.083 -4.459  1.000 38.192 0 189 SER A OG  1 ? 
ATOM   601  N  N   . GLY B 1 1  ? -22.080 -21.597 5.141   1.000 17.066 0 110 GLY B N   1 ? 
ATOM   602  C  CA  . GLY B 1 1  ? -21.261 -20.739 4.235   1.000 16.856 0 110 GLY B CA  1 ? 
ATOM   603  C  C   . GLY B 1 1  ? -21.382 -19.283 4.668   1.000 14.567 0 110 GLY B C   1 ? 
ATOM   604  O  O   . GLY B 1 1  ? -22.214 -19.024 5.521   1.000 13.114 0 110 GLY B O   1 ? 
ATOM   605  N  N   . HIS B 1 2  ? -20.578 -18.389 4.132   1.000 14.739 0 111 HIS B N   1 ? 
ATOM   606  C  CA  . HIS B 1 2  ? -20.586 -16.954 4.548   1.000 16.537 0 111 HIS B CA  1 ? 
ATOM   607  C  C   . HIS B 1 2  ? -20.244 -16.007 3.393   1.000 16.765 0 111 HIS B C   1 ? 
ATOM   608  O  O   . HIS B 1 2  ? -19.546 -16.469 2.430   1.000 16.584 0 111 HIS B O   1 ? 
ATOM   609  C  CB  . HIS B 1 2  ? -19.630 -16.714 5.718   1.000 18.876 0 111 HIS B CB  1 ? 
ATOM   610  C  CG  . HIS B 1 2  ? -18.224 -16.934 5.284   1.000 20.078 0 111 HIS B CG  1 ? 
ATOM   611  N  ND1 . HIS B 1 2  ? -17.648 -18.159 5.330   1.000 21.029 0 111 HIS B ND1 1 ? 
ATOM   612  C  CD2 . HIS B 1 2  ? -17.325 -16.093 4.716   1.000 23.825 0 111 HIS B CD2 1 ? 
ATOM   613  C  CE1 . HIS B 1 2  ? -16.418 -18.082 4.850   1.000 22.629 0 111 HIS B CE1 1 ? 
ATOM   614  N  NE2 . HIS B 1 2  ? -16.185 -16.815 4.482   1.000 24.450 0 111 HIS B NE2 1 ? 
ATOM   615  N  N   . MET B 1 3  ? -20.756 -14.758 3.465   1.000 16.863 0 112 MET B N   1 ? 
ATOM   616  C  CA  . MET B 1 3  ? -20.327 -13.627 2.582   1.000 15.451 0 112 MET B CA  1 ? 
ATOM   617  C  C   . MET B 1 3  ? -19.265 -12.827 3.368   1.000 15.553 0 112 MET B C   1 ? 
ATOM   618  O  O   . MET B 1 3  ? -19.425 -12.696 4.568   1.000 15.430 0 112 MET B O   1 ? 
ATOM   619  C  CB  . MET B 1 3  ? -21.486 -12.686 2.205   1.000 15.821 0 112 MET B CB  1 ? 
ATOM   620  C  CG  . MET B 1 3  ? -22.440 -13.211 1.121   1.000 13.810 0 112 MET B CG  1 ? 
ATOM   621  S  SD  . MET B 1 3  ? -21.621 -13.777 -0.303  1.000 17.312 0 112 MET B SD  1 ? 
ATOM   622  C  CE  . MET B 1 3  ? -21.033 -12.242 -1.011  1.000 15.336 0 112 MET B CE  1 ? 
ATOM   623  N  N   . VAL B 1 4  ? -18.172 -12.420 2.736   1.000 14.715 0 113 VAL B N   1 ? 
ATOM   624  C  CA  . VAL B 1 4  ? -17.249 -11.359 3.269   1.000 13.897 0 113 VAL B CA  1 ? 
ATOM   625  C  C   . VAL B 1 4  ? -17.752 -10.033 2.728   1.000 13.472 0 113 VAL B C   1 ? 
ATOM   626  O  O   . VAL B 1 4  ? -17.877 -9.941  1.503   1.000 14.697 0 113 VAL B O   1 ? 
ATOM   627  C  CB  . VAL B 1 4  ? -15.789 -11.617 2.871   1.000 14.631 0 113 VAL B CB  1 ? 
ATOM   628  C  CG1 . VAL B 1 4  ? -14.878 -10.494 3.347   1.000 15.695 0 113 VAL B CG1 1 ? 
ATOM   629  C  CG2 . VAL B 1 4  ? -15.308 -12.944 3.431   1.000 16.999 0 113 VAL B CG2 1 ? 
ATOM   630  N  N   . VAL B 1 5  ? -18.063 -9.063  3.603   1.000 13.170 0 114 VAL B N   1 ? 
ATOM   631  C  CA  . VAL B 1 5  ? -18.609 -7.744  3.215   1.000 13.338 0 114 VAL B CA  1 ? 
ATOM   632  C  C   . VAL B 1 5  ? -17.493 -6.756  3.518   1.000 14.006 0 114 VAL B C   1 ? 
ATOM   633  O  O   . VAL B 1 5  ? -17.156 -6.562  4.711   1.000 14.552 0 114 VAL B O   1 ? 
ATOM   634  C  CB  . VAL B 1 5  ? -19.928 -7.366  3.913   1.000 13.820 0 114 VAL B CB  1 ? 
ATOM   635  C  CG1 . VAL B 1 5  ? -20.361 -5.948  3.529   1.000 15.374 0 114 VAL B CG1 1 ? 
ATOM   636  C  CG2 . VAL B 1 5  ? -21.031 -8.356  3.588   1.000 14.679 0 114 VAL B CG2 1 ? 
ATOM   637  N  N   . GLU B 1 6  ? -16.855 -6.280  2.466   1.000 13.320 0 115 GLU B N   1 ? 
ATOM   638  C  CA  . GLU B 1 6  ? -15.684 -5.378  2.591   1.000 13.398 0 115 GLU B CA  1 ? 
ATOM   639  C  C   . GLU B 1 6  ? -16.129 -3.931  2.821   1.000 12.452 0 115 GLU B C   1 ? 
ATOM   640  O  O   . GLU B 1 6  ? -17.022 -3.409  2.150   1.000 13.287 0 115 GLU B O   1 ? 
ATOM   641  C  CB  . GLU B 1 6  ? -14.809 -5.461  1.350   1.000 14.497 0 115 GLU B CB  1 ? 
ATOM   642  C  CG  . GLU B 1 6  ? -14.106 -6.781  1.174   1.000 16.535 0 115 GLU B CG  1 ? 
ATOM   643  C  CD  . GLU B 1 6  ? -12.943 -7.078  2.084   1.000 18.502 0 115 GLU B CD  1 ? 
ATOM   644  O  OE1 . GLU B 1 6  ? -12.175 -8.017  1.731   1.000 25.394 0 115 GLU B OE1 1 ? 
ATOM   645  O  OE2 . GLU B 1 6  ? -12.703 -6.322  3.054   1.000 19.989 0 115 GLU B OE2 1 ? 
ATOM   646  N  N   . TYR B 1 7  ? -15.422 -3.280  3.713   1.000 11.857 0 116 TYR B N   1 ? 
ATOM   647  C  CA  . TYR B 1 7  ? -15.556 -1.848  3.972   1.000 12.782 0 116 TYR B CA  1 ? 
ATOM   648  C  C   . TYR B 1 7  ? -14.298 -1.169  3.452   1.000 13.035 0 116 TYR B C   1 ? 
ATOM   649  O  O   . TYR B 1 7  ? -13.176 -1.679  3.588   1.000 13.956 0 116 TYR B O   1 ? 
ATOM   650  C  CB  . TYR B 1 7  ? -15.820 -1.618  5.444   1.000 13.281 0 116 TYR B CB  1 ? 
ATOM   651  C  CG  . TYR B 1 7  ? -17.210 -2.076  5.817   1.000 14.182 0 116 TYR B CG  1 ? 
ATOM   652  C  CD1 . TYR B 1 7  ? -17.473 -3.414  6.053   1.000 12.998 0 116 TYR B CD1 1 ? 
ATOM   653  C  CD2 . TYR B 1 7  ? -18.258 -1.182  5.933   1.000 16.851 0 116 TYR B CD2 1 ? 
ATOM   654  C  CE1 . TYR B 1 7  ? -18.740 -3.849  6.377   1.000 14.553 0 116 TYR B CE1 1 ? 
ATOM   655  C  CE2 . TYR B 1 7  ? -19.540 -1.604  6.274   1.000 16.945 0 116 TYR B CE2 1 ? 
ATOM   656  C  CZ  . TYR B 1 7  ? -19.782 -2.946  6.497   1.000 16.731 0 116 TYR B CZ  1 ? 
ATOM   657  O  OH  . TYR B 1 7  ? -21.052 -3.376  6.826   1.000 18.868 0 116 TYR B OH  1 ? 
ATOM   658  N  N   . CYS B 1 8  ? -14.493 0.036   2.956   1.000 11.779 0 117 CYS B N   1 ? 
ATOM   659  C  CA  . CYS B 1 8  ? -13.367 0.899   2.525   1.000 11.021 0 117 CYS B CA  1 ? 
ATOM   660  C  C   . CYS B 1 8  ? -12.378 1.030   3.671   1.000 10.369 0 117 CYS B C   1 ? 
ATOM   661  O  O   . CYS B 1 8  ? -12.759 1.431   4.788   1.000 9.610  0 117 CYS B O   1 ? 
ATOM   662  C  CB  . CYS B 1 8  ? -13.881 2.274   2.106   1.000 10.355 0 117 CYS B CB  1 ? 
ATOM   663  S  SG  . CYS B 1 8  ? -12.527 3.368   1.608   1.000 9.877  0 117 CYS B SG  1 ? 
ATOM   664  N  N   . VAL B 1 9  ? -11.093 0.700   3.447   1.000 10.530 0 118 VAL B N   1 ? 
ATOM   665  C  CA  . VAL B 1 9  ? -10.067 0.767   4.516   1.000 11.628 0 118 VAL B CA  1 ? 
ATOM   666  C  C   . VAL B 1 9  ? -9.817  2.221   4.910   1.000 11.020 0 118 VAL B C   1 ? 
ATOM   667  O  O   . VAL B 1 9  ? -9.273  2.469   6.012   1.000 13.092 0 118 VAL B O   1 ? 
ATOM   668  C  CB  . VAL B 1 9  ? -8.769  0.041   4.102   1.000 11.815 0 118 VAL B CB  1 ? 
ATOM   669  C  CG1 . VAL B 1 9  ? -9.045  -1.430  3.896   1.000 13.428 0 118 VAL B CG1 1 ? 
ATOM   670  C  CG2 . VAL B 1 9  ? -8.128  0.657   2.860   1.000 12.456 0 118 VAL B CG2 1 ? 
ATOM   671  N  N   . VAL B 1 10 ? -10.130 3.176   4.028   1.000 10.113 0 119 VAL B N   1 ? 
ATOM   672  C  CA  . VAL B 1 10 ? -9.862  4.604   4.327   1.000 10.376 0 119 VAL B CA  1 ? 
ATOM   673  C  C   . VAL B 1 10 ? -11.022 5.196   5.146   1.000 10.233 0 119 VAL B C   1 ? 
ATOM   674  O  O   . VAL B 1 10 ? -10.727 5.867   6.142   1.000 12.486 0 119 VAL B O   1 ? 
ATOM   675  C  CB  . VAL B 1 10 ? -9.623  5.394   3.037   1.000 10.904 0 119 VAL B CB  1 ? 
ATOM   676  C  CG1 . VAL B 1 10 ? -9.239  6.846   3.286   1.000 11.468 0 119 VAL B CG1 1 ? 
ATOM   677  C  CG2 . VAL B 1 10 ? -8.538  4.703   2.226   1.000 11.683 0 119 VAL B CG2 1 ? 
ATOM   678  N  N   . CYS B 1 11 ? -12.267 4.995   4.731   1.000 9.330  0 120 CYS B N   1 ? 
ATOM   679  C  CA  . CYS B 1 11 ? -13.394 5.742   5.359   1.000 9.386  0 120 CYS B CA  1 ? 
ATOM   680  C  C   . CYS B 1 11 ? -14.480 4.874   6.000   1.000 9.956  0 120 CYS B C   1 ? 
ATOM   681  O  O   . CYS B 1 11 ? -15.393 5.491   6.684   1.000 11.085 0 120 CYS B O   1 ? 
ATOM   682  C  CB  . CYS B 1 11 ? -14.034 6.692   4.353   1.000 9.778  0 120 CYS B CB  1 ? 
ATOM   683  S  SG  . CYS B 1 11 ? -15.031 5.927   3.063   1.000 9.835  0 120 CYS B SG  1 ? 
ATOM   684  N  N   . GLY B 1 12 ? -14.568 3.582   5.709   1.000 11.052 0 121 GLY B N   1 ? 
ATOM   685  C  CA  . GLY B 1 12 ? -15.636 2.749   6.311   1.000 11.617 0 121 GLY B CA  1 ? 
ATOM   686  C  C   . GLY B 1 12 ? -16.935 2.751   5.549   1.000 12.893 0 121 GLY B C   1 ? 
ATOM   687  O  O   . GLY B 1 12 ? -17.894 2.016   5.936   1.000 14.084 0 121 GLY B O   1 ? 
ATOM   688  N  N   . ASP B 1 13 ? -17.047 3.522   4.460   1.000 12.158 0 122 ASP B N   1 ? 
ATOM   689  C  CA  . ASP B 1 13 ? -18.134 3.281   3.486   1.000 13.943 0 122 ASP B CA  1 ? 
ATOM   690  C  C   . ASP B 1 13 ? -17.978 1.857   2.931   1.000 13.639 0 122 ASP B C   1 ? 
ATOM   691  O  O   . ASP B 1 13 ? -16.870 1.267   3.037   1.000 12.977 0 122 ASP B O   1 ? 
ATOM   692  C  CB  . ASP B 1 13 ? -18.111 4.331   2.376   1.000 15.458 0 122 ASP B CB  1 ? 
ATOM   693  C  CG  . ASP B 1 13 ? -19.379 4.423   1.544   1.000 20.170 0 122 ASP B CG  1 ? 
ATOM   694  O  OD1 . ASP B 1 13 ? -20.350 3.740   1.841   1.000 19.806 0 122 ASP B OD1 1 ? 
ATOM   695  O  OD2 . ASP B 1 13 ? -19.323 5.080   0.498   1.000 24.142 0 122 ASP B OD2 1 ? 
ATOM   696  N  N   . LYS B 1 14 ? -19.045 1.248   2.397   1.000 15.020 0 123 LYS B N   1 ? 
ATOM   697  C  CA  . LYS B 1 14 ? -18.878 -0.064  1.734   1.000 16.680 0 123 LYS B CA  1 ? 
ATOM   698  C  C   . LYS B 1 14 ? -17.878 0.118   0.598   1.000 14.303 0 123 LYS B C   1 ? 
ATOM   699  O  O   . LYS B 1 14 ? -17.934 1.111   -0.146  1.000 13.898 0 123 LYS B O   1 ? 
ATOM   700  C  CB  . LYS B 1 14 ? -20.156 -0.681  1.150   1.000 22.129 0 123 LYS B CB  1 ? 
ATOM   701  C  CG  . LYS B 1 14 ? -21.244 -0.960  2.165   1.000 27.613 0 123 LYS B CG  1 ? 
ATOM   702  C  CD  . LYS B 1 14 ? -21.142 -2.310  2.824   1.000 29.596 0 123 LYS B CD  1 ? 
ATOM   703  C  CE  . LYS B 1 14 ? -22.424 -2.699  3.537   1.000 32.840 0 123 LYS B CE  1 ? 
ATOM   704  N  NZ  . LYS B 1 14 ? -23.626 -2.106  2.903   1.000 37.692 0 123 LYS B NZ  1 ? 
ATOM   705  N  N   . ALA B 1 15 ? -16.966 -0.821  0.458   1.000 12.605 0 124 ALA B N   1 ? 
ATOM   706  C  CA  . ALA B 1 15 ? -16.019 -0.765  -0.671  1.000 13.442 0 124 ALA B CA  1 ? 
ATOM   707  C  C   . ALA B 1 15 ? -16.723 -1.111  -1.972  1.000 12.889 0 124 ALA B C   1 ? 
ATOM   708  O  O   . ALA B 1 15 ? -17.709 -1.914  -1.983  1.000 14.314 0 124 ALA B O   1 ? 
ATOM   709  C  CB  . ALA B 1 15 ? -14.877 -1.691  -0.413  1.000 13.208 0 124 ALA B CB  1 ? 
ATOM   710  N  N   . SER B 1 16 ? -16.138 -0.691  -3.086  1.000 13.647 0 125 SER B N   1 ? 
ATOM   711  C  CA  . SER B 1 16 ? -16.636 -1.060  -4.429  1.000 13.991 0 125 SER B CA  1 ? 
ATOM   712  C  C   . SER B 1 16 ? -15.735 -2.122  -5.053  1.000 15.612 0 125 SER B C   1 ? 
ATOM   713  O  O   . SER B 1 16 ? -16.128 -2.674  -6.089  1.000 17.643 0 125 SER B O   1 ? 
ATOM   714  C  CB  . SER B 1 16 ? -16.731 0.126   -5.336  1.000 14.395 0 125 SER B CB  1 ? 
ATOM   715  O  OG  . SER B 1 16 ? -15.473 0.782   -5.460  1.000 14.640 0 125 SER B OG  1 ? 
ATOM   716  N  N   . GLY B 1 17 ? -14.543 -2.317  -4.514  1.000 15.154 0 126 GLY B N   1 ? 
ATOM   717  C  CA  . GLY B 1 17 ? -13.584 -3.288  -5.039  1.000 14.930 0 126 GLY B CA  1 ? 
ATOM   718  C  C   . GLY B 1 17 ? -12.175 -2.986  -4.585  1.000 14.566 0 126 GLY B C   1 ? 
ATOM   719  O  O   . GLY B 1 17 ? -12.002 -2.198  -3.683  1.000 12.681 0 126 GLY B O   1 ? 
ATOM   720  N  N   . ARG B 1 18 ? -11.220 -3.698  -5.160  1.000 15.498 0 127 ARG B N   1 ? 
ATOM   721  C  CA  . ARG B 1 18 ? -9.768  -3.546  -4.958  1.000 15.525 0 127 ARG B CA  1 ? 
ATOM   722  C  C   . ARG B 1 18 ? -9.257  -2.497  -5.940  1.000 16.148 0 127 ARG B C   1 ? 
ATOM   723  O  O   . ARG B 1 18 ? -9.362  -2.680  -7.175  1.000 18.636 0 127 ARG B O   1 ? 
ATOM   724  C  CB  . ARG B 1 18 ? -9.054  -4.887  -5.183  1.000 19.468 0 127 ARG B CB  1 ? 
ATOM   725  C  CG  . ARG B 1 18 ? -9.508  -5.989  -4.235  1.000 24.050 0 127 ARG B CG  1 ? 
ATOM   726  C  CD  . ARG B 1 18 ? -9.143  -7.404  -4.723  1.000 26.831 0 127 ARG B CD  1 ? 
ATOM   727  N  NE  . ARG B 1 18 ? -9.304  -8.478  -3.740  1.000 34.774 0 127 ARG B NE  1 ? 
ATOM   728  C  CZ  . ARG B 1 18 ? -8.687  -9.670  -3.806  1.000 31.116 0 127 ARG B CZ  1 ? 
ATOM   729  N  N   . HIS B 1 19 ? -8.698  -1.394  -5.432  1.000 12.638 0 128 HIS B N   1 ? 
ATOM   730  C  CA  . HIS B 1 19 ? -8.249  -0.272  -6.270  1.000 13.400 0 128 HIS B CA  1 ? 
ATOM   731  C  C   . HIS B 1 19 ? -6.838  0.085   -5.804  1.000 12.532 0 128 HIS B C   1 ? 
ATOM   732  O  O   . HIS B 1 19 ? -6.670  0.421   -4.649  1.000 12.248 0 128 HIS B O   1 ? 
ATOM   733  C  CB  . HIS B 1 19 ? -9.192  0.939   -6.154  1.000 13.258 0 128 HIS B CB  1 ? 
ATOM   734  C  CG  . HIS B 1 19 ? -10.640 0.606   -6.319  1.000 14.584 0 128 HIS B CG  1 ? 
ATOM   735  N  ND1 . HIS B 1 19 ? -11.161 0.097   -7.483  1.000 16.628 0 128 HIS B ND1 1 ? 
ATOM   736  C  CD2 . HIS B 1 19 ? -11.675 0.689   -5.449  1.000 15.840 0 128 HIS B CD2 1 ? 
ATOM   737  C  CE1 . HIS B 1 19 ? -12.452 -0.111  -7.326  1.000 16.096 0 128 HIS B CE1 1 ? 
ATOM   738  N  NE2 . HIS B 1 19 ? -12.788 0.227   -6.081  1.000 16.014 0 128 HIS B NE2 1 ? 
ATOM   739  N  N   . TYR B 1 20 ? -5.860  0.013   -6.695  1.000 13.770 0 129 TYR B N   1 ? 
ATOM   740  C  CA  . TYR B 1 20 ? -4.468  0.375   -6.356  1.000 12.991 0 129 TYR B CA  1 ? 
ATOM   741  C  C   . TYR B 1 20 ? -4.034  -0.398  -5.101  1.000 12.997 0 129 TYR B C   1 ? 
ATOM   742  O  O   . TYR B 1 20 ? -3.323  0.213   -4.313  1.000 12.447 0 129 TYR B O   1 ? 
ATOM   743  C  CB  . TYR B 1 20 ? -4.331  1.890   -6.156  1.000 14.326 0 129 TYR B CB  1 ? 
ATOM   744  C  CG  . TYR B 1 20 ? -5.012  2.659   -7.253  1.000 16.670 0 129 TYR B CG  1 ? 
ATOM   745  C  CD1 . TYR B 1 20 ? -4.586  2.521   -8.570  1.000 18.634 0 129 TYR B CD1 1 ? 
ATOM   746  C  CD2 . TYR B 1 20 ? -6.069  3.506   -6.983  1.000 17.299 0 129 TYR B CD2 1 ? 
ATOM   747  C  CE1 . TYR B 1 20 ? -5.227  3.199   -9.593  1.000 22.402 0 129 TYR B CE1 1 ? 
ATOM   748  C  CE2 . TYR B 1 20 ? -6.715  4.182   -7.997  1.000 19.068 0 129 TYR B CE2 1 ? 
ATOM   749  C  CZ  . TYR B 1 20 ? -6.289  4.040   -9.294  1.000 22.308 0 129 TYR B CZ  1 ? 
ATOM   750  O  OH  . TYR B 1 20 ? -6.968  4.751   -10.242 1.000 28.955 0 129 TYR B OH  1 ? 
ATOM   751  N  N   . GLY B 1 21 ? -4.440  -1.654  -4.891  1.000 12.564 0 130 GLY B N   1 ? 
ATOM   752  C  CA  . GLY B 1 21 ? -3.858  -2.486  -3.822  1.000 12.927 0 130 GLY B CA  1 ? 
ATOM   753  C  C   . GLY B 1 21 ? -4.577  -2.314  -2.498  1.000 13.144 0 130 GLY B C   1 ? 
ATOM   754  O  O   . GLY B 1 21 ? -4.130  -2.883  -1.525  1.000 12.426 0 130 GLY B O   1 ? 
ATOM   755  N  N   . ALA B 1 22 ? -5.734  -1.675  -2.489  1.000 12.718 0 131 ALA B N   1 ? 
ATOM   756  C  CA  . ALA B 1 22 ? -6.524  -1.516  -1.251  1.000 12.744 0 131 ALA B CA  1 ? 
ATOM   757  C  C   . ALA B 1 22 ? -8.002  -1.656  -1.563  1.000 11.971 0 131 ALA B C   1 ? 
ATOM   758  O  O   . ALA B 1 22 ? -8.471  -1.233  -2.617  1.000 12.586 0 131 ALA B O   1 ? 
ATOM   759  C  CB  . ALA B 1 22 ? -6.240  -0.182  -0.604  1.000 13.860 0 131 ALA B CB  1 ? 
ATOM   760  N  N   . VAL B 1 23 ? -8.722  -2.224  -0.628  1.000 12.563 0 132 VAL B N   1 ? 
ATOM   761  C  CA  . VAL B 1 23 ? -10.193 -2.337  -0.700  1.000 12.363 0 132 VAL B CA  1 ? 
ATOM   762  C  C   . VAL B 1 23 ? -10.787 -0.960  -0.364  1.000 11.429 0 132 VAL B C   1 ? 
ATOM   763  O  O   . VAL B 1 23 ? -10.601 -0.485  0.759   1.000 11.275 0 132 VAL B O   1 ? 
ATOM   764  C  CB  . VAL B 1 23 ? -10.682 -3.461  0.229   1.000 13.653 0 132 VAL B CB  1 ? 
ATOM   765  C  CG1 . VAL B 1 23 ? -12.185 -3.556  0.215   1.000 15.926 0 132 VAL B CG1 1 ? 
ATOM   766  C  CG2 . VAL B 1 23 ? -10.060 -4.783  -0.168  1.000 16.010 0 132 VAL B CG2 1 ? 
ATOM   767  N  N   . SER B 1 24 ? -11.456 -0.312  -1.310  1.000 10.534 0 133 SER B N   1 ? 
ATOM   768  C  CA  . SER B 1 24 ? -11.826 1.101   -1.137  1.000 10.825 0 133 SER B CA  1 ? 
ATOM   769  C  C   . SER B 1 24 ? -13.146 1.416   -1.839  1.000 9.858  0 133 SER B C   1 ? 
ATOM   770  O  O   . SER B 1 24 ? -13.582 0.617   -2.710  1.000 12.091 0 133 SER B O   1 ? 
ATOM   771  C  CB  . SER B 1 24 ? -10.722 1.993   -1.611  1.000 11.778 0 133 SER B CB  1 ? 
ATOM   772  O  OG  . SER B 1 24 ? -10.253 1.583   -2.896  1.000 16.820 0 133 SER B OG  1 ? 
ATOM   773  N  N   . CYS B 1 25 ? -13.794 2.499   -1.406  1.000 10.073 0 134 CYS B N   1 ? 
ATOM   774  C  CA  . CYS B 1 25 ? -14.998 3.032   -2.055  1.000 10.513 0 134 CYS B CA  1 ? 
ATOM   775  C  C   . CYS B 1 25 ? -14.555 3.819   -3.284  1.000 10.454 0 134 CYS B C   1 ? 
ATOM   776  O  O   . CYS B 1 25 ? -13.349 4.088   -3.496  1.000 9.943  0 134 CYS B O   1 ? 
ATOM   777  C  CB  . CYS B 1 25 ? -15.815 3.860   -1.058  1.000 10.553 0 134 CYS B CB  1 ? 
ATOM   778  S  SG  . CYS B 1 25 ? -15.036 5.457   -0.620  1.000 11.594 0 134 CYS B SG  1 ? 
ATOM   779  N  N   . GLU B 1 26 ? -15.523 4.205   -4.111  1.000 11.718 0 135 GLU B N   1 ? 
ATOM   780  C  CA  . GLU B 1 26 ? -15.238 4.954   -5.342  1.000 12.199 0 135 GLU B CA  1 ? 
ATOM   781  C  C   . GLU B 1 26 ? -14.644 6.324   -4.985  1.000 10.694 0 135 GLU B C   1 ? 
ATOM   782  O  O   . GLU B 1 26 ? -13.793 6.777   -5.751  1.000 13.202 0 135 GLU B O   1 ? 
ATOM   783  C  CB  . GLU B 1 26 ? -16.515 5.082   -6.168  1.000 13.503 0 135 GLU B CB  1 ? 
ATOM   784  C  CG  . GLU B 1 26 ? -16.952 3.764   -6.752  1.000 15.271 0 135 GLU B CG  1 ? 
ATOM   785  C  CD  . GLU B 1 26 ? -15.930 3.279   -7.755  1.000 17.473 0 135 GLU B CD  1 ? 
ATOM   786  O  OE1 . GLU B 1 26 ? -15.712 4.013   -8.712  1.000 24.216 0 135 GLU B OE1 1 ? 
ATOM   787  O  OE2 . GLU B 1 26 ? -15.360 2.202   -7.566  1.000 20.310 0 135 GLU B OE2 1 ? 
ATOM   788  N  N   . GLY B 1 27 ? -15.172 6.993   -3.961  1.000 9.996  0 136 GLY B N   1 ? 
ATOM   789  C  CA  . GLY B 1 27 ? -14.705 8.321   -3.539  1.000 9.874  0 136 GLY B CA  1 ? 
ATOM   790  C  C   . GLY B 1 27 ? -13.253 8.261   -3.172  1.000 8.756  0 136 GLY B C   1 ? 
ATOM   791  O  O   . GLY B 1 27 ? -12.489 9.119   -3.656  1.000 8.710  0 136 GLY B O   1 ? 
ATOM   792  N  N   . CYS B 1 28 ? -12.856 7.328   -2.307  1.000 8.658  0 137 CYS B N   1 ? 
ATOM   793  C  CA  . CYS B 1 28 ? -11.439 7.229   -1.890  1.000 8.572  0 137 CYS B CA  1 ? 
ATOM   794  C  C   . CYS B 1 28 ? -10.536 6.818   -3.061  1.000 9.125  0 137 CYS B C   1 ? 
ATOM   795  O  O   . CYS B 1 28 ? -9.463  7.373   -3.169  1.000 9.860  0 137 CYS B O   1 ? 
ATOM   796  C  CB  . CYS B 1 28 ? -11.268 6.330   -0.685  1.000 9.000  0 137 CYS B CB  1 ? 
ATOM   797  S  SG  . CYS B 1 28 ? -12.086 7.042   0.754   1.000 8.963  0 137 CYS B SG  1 ? 
ATOM   798  N  N   . LYS B 1 29 ? -10.959 5.909   -3.914  1.000 10.902 0 138 LYS B N   1 ? 
ATOM   799  C  CA  . LYS B 1 29 ? -10.210 5.569   -5.162  1.000 11.443 0 138 LYS B CA  1 ? 
ATOM   800  C  C   . LYS B 1 29 ? -9.942  6.849   -5.976  1.000 11.085 0 138 LYS B C   1 ? 
ATOM   801  O  O   . LYS B 1 29 ? -8.764  7.085   -6.388  1.000 11.058 0 138 LYS B O   1 ? 
ATOM   802  C  CB  . LYS B 1 29 ? -11.009 4.535   -5.975  1.000 13.735 0 138 LYS B CB  1 ? 
ATOM   803  C  CG  . LYS B 1 29 ? -10.607 4.376   -7.452  1.000 16.733 0 138 LYS B CG  1 ? 
ATOM   804  C  CD  . LYS B 1 29 ? -11.700 3.712   -8.310  1.000 21.315 0 138 LYS B CD  1 ? 
ATOM   805  C  CE  . LYS B 1 29 ? -11.875 4.375   -9.662  1.000 27.890 0 138 LYS B CE  1 ? 
ATOM   806  N  NZ  . LYS B 1 29 ? -13.298 4.622   -9.982  1.000 30.310 0 138 LYS B NZ  1 ? 
ATOM   807  N  N   . GLY B 1 30 ? -10.975 7.647   -6.222  1.000 10.976 0 139 GLY B N   1 ? 
ATOM   808  C  CA  . GLY B 1 30 ? -10.892 8.866   -7.044  1.000 11.261 0 139 GLY B CA  1 ? 
ATOM   809  C  C   . GLY B 1 30 ? -10.007 9.908   -6.377  1.000 11.079 0 139 GLY B C   1 ? 
ATOM   810  O  O   . GLY B 1 30 ? -9.102  10.518  -7.025  1.000 12.294 0 139 GLY B O   1 ? 
ATOM   811  N  N   . PHE B 1 31 ? -10.118 10.004  -5.050  1.000 10.123 0 140 PHE B N   1 ? 
ATOM   812  C  CA  . PHE B 1 31 ? -9.291  10.947  -4.271  1.000 9.348  0 140 PHE B CA  1 ? 
ATOM   813  C  C   . PHE B 1 31 ? -7.819  10.550  -4.420  1.000 8.671  0 140 PHE B C   1 ? 
ATOM   814  O  O   . PHE B 1 31 ? -6.912  11.404  -4.567  1.000 9.751  0 140 PHE B O   1 ? 
ATOM   815  C  CB  . PHE B 1 31 ? -9.726  10.977  -2.798  1.000 9.323  0 140 PHE B CB  1 ? 
ATOM   816  C  CG  . PHE B 1 31 ? -8.725  11.662  -1.908  1.000 9.644  0 140 PHE B CG  1 ? 
ATOM   817  C  CD1 . PHE B 1 31 ? -8.712  13.031  -1.825  1.000 10.372 0 140 PHE B CD1 1 ? 
ATOM   818  C  CD2 . PHE B 1 31 ? -7.796  10.942  -1.175  1.000 9.326  0 140 PHE B CD2 1 ? 
ATOM   819  C  CE1 . PHE B 1 31 ? -7.800  13.687  -1.030  1.000 10.052 0 140 PHE B CE1 1 ? 
ATOM   820  C  CE2 . PHE B 1 31 ? -6.877  11.605  -0.370  1.000 9.770  0 140 PHE B CE2 1 ? 
ATOM   821  C  CZ  . PHE B 1 31 ? -6.889  12.971  -0.300  1.000 9.386  0 140 PHE B CZ  1 ? 
ATOM   822  N  N   . PHE B 1 32 ? -7.523  9.269   -4.288  1.000 8.405  0 141 PHE B N   1 ? 
ATOM   823  C  CA  . PHE B 1 32 ? -6.133  8.757   -4.350  1.000 9.161  0 141 PHE B CA  1 ? 
ATOM   824  C  C   . PHE B 1 32 ? -5.544  8.983   -5.751  1.000 10.506 0 141 PHE B C   1 ? 
ATOM   825  O  O   . PHE B 1 32 ? -4.401  9.533   -5.866  1.000 9.936  0 141 PHE B O   1 ? 
ATOM   826  C  CB  . PHE B 1 32 ? -6.058  7.308   -3.902  1.000 9.449  0 141 PHE B CB  1 ? 
ATOM   827  C  CG  . PHE B 1 32 ? -4.664  6.799   -3.725  1.000 10.385 0 141 PHE B CG  1 ? 
ATOM   828  C  CD1 . PHE B 1 32 ? -3.914  7.181   -2.612  1.000 10.856 0 141 PHE B CD1 1 ? 
ATOM   829  C  CD2 . PHE B 1 32 ? -4.111  5.936   -4.656  1.000 11.168 0 141 PHE B CD2 1 ? 
ATOM   830  C  CE1 . PHE B 1 32 ? -2.649  6.651   -2.418  1.000 11.897 0 141 PHE B CE1 1 ? 
ATOM   831  C  CE2 . PHE B 1 32 ? -2.829  5.427   -4.459  1.000 11.971 0 141 PHE B CE2 1 ? 
ATOM   832  C  CZ  . PHE B 1 32 ? -2.117  5.770   -3.339  1.000 11.767 0 141 PHE B CZ  1 ? 
ATOM   833  N  N   . LYS B 1 33 ? -6.276  8.600   -6.773  1.000 11.948 0 142 LYS B N   1 ? 
ATOM   834  C  CA  . LYS B 1 33 ? -5.847  8.749   -8.181  1.000 14.374 0 142 LYS B CA  1 ? 
ATOM   835  C  C   . LYS B 1 33 ? -5.490  10.208  -8.436  1.000 12.134 0 142 LYS B C   1 ? 
ATOM   836  O  O   . LYS B 1 33 ? -4.415  10.440  -8.951  1.000 13.098 0 142 LYS B O   1 ? 
ATOM   837  C  CB  . LYS B 1 33 ? -7.010  8.293   -9.073  1.000 15.867 0 142 LYS B CB  1 ? 
ATOM   838  C  CG  . LYS B 1 33 ? -6.782  8.303   -10.557 1.000 21.222 0 142 LYS B CG  1 ? 
ATOM   839  C  CD  . LYS B 1 33 ? -7.977  7.746   -11.290 1.000 25.980 0 142 LYS B CD  1 ? 
ATOM   840  C  CE  . LYS B 1 33 ? -9.199  8.631   -11.187 1.000 28.728 0 142 LYS B CE  1 ? 
ATOM   841  N  NZ  . LYS B 1 33 ? -10.358 7.975   -11.838 1.000 30.880 0 142 LYS B NZ  1 ? 
ATOM   842  N  N   . ARG B 1 34 ? -6.390  11.132  -8.078  1.000 13.206 0 143 ARG B N   1 ? 
ATOM   843  C  CA  . ARG B 1 34 ? -6.238  12.575  -8.327  1.000 14.667 0 143 ARG B CA  1 ? 
ATOM   844  C  C   . ARG B 1 34 ? -5.036  13.093  -7.523  1.000 13.934 0 143 ARG B C   1 ? 
ATOM   845  O  O   . ARG B 1 34 ? -4.156  13.766  -8.074  1.000 13.229 0 143 ARG B O   1 ? 
ATOM   846  C  CB  . ARG B 1 34 ? -7.552  13.262  -7.951  1.000 18.351 0 143 ARG B CB  1 ? 
ATOM   847  C  CG  . ARG B 1 34 ? -7.529  14.775  -8.065  1.000 25.507 0 143 ARG B CG  1 ? 
ATOM   848  C  CD  . ARG B 1 34 ? -8.661  15.376  -7.266  1.000 31.549 0 143 ARG B CD  1 ? 
ATOM   849  N  NE  . ARG B 1 34 ? -8.455  16.765  -6.868  1.000 34.612 0 143 ARG B NE  1 ? 
ATOM   850  C  CZ  . ARG B 1 34 ? -8.462  17.806  -7.699  1.000 40.968 0 143 ARG B CZ  1 ? 
ATOM   851  N  NH1 . ARG B 1 34 ? -8.570  17.635  -9.005  1.000 39.294 0 143 ARG B NH1 1 ? 
ATOM   852  N  NH2 . ARG B 1 34 ? -8.315  19.030  -7.212  1.000 44.769 0 143 ARG B NH2 1 ? 
ATOM   853  N  N   . SER B 1 35 ? -4.878  12.648  -6.281  1.000 11.479 0 144 SER B N   1 ? 
ATOM   854  C  CA  . SER B 1 35 ? -3.780  13.142  -5.421  1.000 10.143 0 144 SER B CA  1 ? 
ATOM   855  C  C   . SER B 1 35 ? -2.444  12.739  -6.066  1.000 10.143 0 144 SER B C   1 ? 
ATOM   856  O  O   . SER B 1 35 ? -1.469  13.543  -6.023  1.000 11.403 0 144 SER B O   1 ? 
ATOM   857  C  CB  . SER B 1 35 ? -3.884  12.610  -4.012  1.000 9.649  0 144 SER B CB  1 ? 
ATOM   858  O  OG  . SER B 1 35 ? -5.066  13.121  -3.392  1.000 11.245 0 144 SER B OG  1 ? 
ATOM   859  N  N   . VAL B 1 36 ? -2.364  11.517  -6.554  1.000 10.062 0 145 VAL B N   1 ? 
ATOM   860  C  CA  . VAL B 1 36 ? -1.101  10.942  -7.103  1.000 10.895 0 145 VAL B CA  1 ? 
ATOM   861  C  C   . VAL B 1 36 ? -0.847  11.579  -8.476  1.000 12.376 0 145 VAL B C   1 ? 
ATOM   862  O  O   . VAL B 1 36 ? 0.307   12.061  -8.725  1.000 14.735 0 145 VAL B O   1 ? 
ATOM   863  C  CB  . VAL B 1 36 ? -1.181  9.420   -7.218  1.000 11.213 0 145 VAL B CB  1 ? 
ATOM   864  C  CG1 . VAL B 1 36 ? -0.027  8.851   -8.035  1.000 12.368 0 145 VAL B CG1 1 ? 
ATOM   865  C  CG2 . VAL B 1 36 ? -1.219  8.820   -5.840  1.000 11.681 0 145 VAL B CG2 1 ? 
ATOM   866  N  N   . ARG B 1 37 ? -1.820  11.557  -9.353  1.000 13.075 0 146 ARG B N   1 ? 
ATOM   867  C  CA  . ARG B 1 37 ? -1.601  12.027  -10.743 1.000 15.728 0 146 ARG B CA  1 ? 
ATOM   868  C  C   . ARG B 1 37 ? -1.166  13.498  -10.732 1.000 18.120 0 146 ARG B C   1 ? 
ATOM   869  O  O   . ARG B 1 37 ? -0.267  13.877  -11.551 1.000 18.608 0 146 ARG B O   1 ? 
ATOM   870  C  CB  . ARG B 1 37 ? -2.876  11.856  -11.541 1.000 16.480 0 146 ARG B CB  1 ? 
ATOM   871  C  CG  . ARG B 1 37 ? -3.311  10.410  -11.762 1.000 18.726 0 146 ARG B CG  1 ? 
ATOM   872  C  CD  . ARG B 1 37 ? -3.228  10.047  -13.216 1.000 20.552 0 146 ARG B CD  1 ? 
ATOM   873  N  NE  . ARG B 1 37 ? -3.434  8.632   -13.481 1.000 21.409 0 146 ARG B NE  1 ? 
ATOM   874  C  CZ  . ARG B 1 37 ? -4.612  8.071   -13.744 1.000 20.938 0 146 ARG B CZ  1 ? 
ATOM   875  N  NH1 . ARG B 1 37 ? -4.657  6.774   -13.984 1.000 24.837 0 146 ARG B NH1 1 ? 
ATOM   876  N  NH2 . ARG B 1 37 ? -5.720  8.784   -13.807 1.000 24.331 0 146 ARG B NH2 1 ? 
ATOM   877  N  N   . LYS B 1 38 ? -1.835  14.304  -9.902  1.000 15.964 0 147 LYS B N   1 ? 
ATOM   878  C  CA  . LYS B 1 38 ? -1.683  15.785  -9.880  1.000 15.585 0 147 LYS B CA  1 ? 
ATOM   879  C  C   . LYS B 1 38 ? -0.643  16.197  -8.834  1.000 16.823 0 147 LYS B C   1 ? 
ATOM   880  O  O   . LYS B 1 38 ? -0.488  17.392  -8.637  1.000 18.625 0 147 LYS B O   1 ? 
ATOM   881  C  CB  . LYS B 1 38 ? -3.033  16.435  -9.627  1.000 15.296 0 147 LYS B CB  1 ? 
ATOM   882  C  CG  . LYS B 1 38 ? -4.021  16.226  -10.755 1.000 17.711 0 147 LYS B CG  1 ? 
ATOM   883  C  CD  . LYS B 1 38 ? -5.299  16.888  -10.498 1.000 21.571 0 147 LYS B CD  1 ? 
ATOM   884  C  CE  . LYS B 1 38 ? -5.594  17.976  -11.494 1.000 28.232 0 147 LYS B CE  1 ? 
ATOM   885  N  NZ  . LYS B 1 38 ? -6.607  17.518  -12.472 1.000 26.951 0 147 LYS B NZ  1 ? 
ATOM   886  N  N   . ASN B 1 39 ? 0.062   15.240  -8.209  1.000 17.419 0 148 ASN B N   1 ? 
ATOM   887  C  CA  A ASN B 1 39 ? 1.153   15.561  -7.257  0.500 18.939 0 148 ASN B CA  1 ? 
ATOM   888  C  CA  B ASN B 1 39 ? 1.138   15.496  -7.217  0.500 18.492 0 148 ASN B CA  1 ? 
ATOM   889  C  C   . ASN B 1 39 ? 0.622   16.520  -6.199  1.000 17.995 0 148 ASN B C   1 ? 
ATOM   890  O  O   . ASN B 1 39 ? 1.306   17.512  -5.918  1.000 17.595 0 148 ASN B O   1 ? 
ATOM   891  C  CB  A ASN B 1 39 ? 2.327   16.253  -7.949  0.500 21.038 0 148 ASN B CB  1 ? 
ATOM   892  C  CB  B ASN B 1 39 ? 2.439   15.902  -7.913  0.500 19.946 0 148 ASN B CB  1 ? 
ATOM   893  C  CG  A ASN B 1 39 ? 2.901   15.415  -9.062  0.500 22.731 0 148 ASN B CG  1 ? 
ATOM   894  C  CG  B ASN B 1 39 ? 3.675   15.637  -7.076  0.500 19.940 0 148 ASN B CG  1 ? 
ATOM   895  O  OD1 A ASN B 1 39 ? 3.240   15.939  -10.122 0.500 26.488 0 148 ASN B OD1 1 ? 
ATOM   896  O  OD1 B ASN B 1 39 ? 3.704   14.733  -6.244  0.500 21.227 0 148 ASN B OD1 1 ? 
ATOM   897  N  ND2 A ASN B 1 39 ? 3.001   14.124  -8.822  0.500 22.011 0 148 ASN B ND2 1 ? 
ATOM   898  N  ND2 B ASN B 1 39 ? 4.720   16.407  -7.321  0.500 20.984 0 148 ASN B ND2 1 ? 
ATOM   899  N  N   . LEU B 1 40 ? -0.576  16.278  -5.667  1.000 16.452 0 149 LEU B N   1 ? 
ATOM   900  C  CA  . LEU B 1 40 ? -1.180  17.220  -4.722  1.000 15.933 0 149 LEU B CA  1 ? 
ATOM   901  C  C   . LEU B 1 40 ? -0.496  17.051  -3.378  1.000 17.208 0 149 LEU B C   1 ? 
ATOM   902  O  O   . LEU B 1 40 ? -0.294  15.924  -2.938  1.000 18.491 0 149 LEU B O   1 ? 
ATOM   903  C  CB  . LEU B 1 40 ? -2.675  17.014  -4.603  1.000 15.257 0 149 LEU B CB  1 ? 
ATOM   904  C  CG  . LEU B 1 40 ? -3.422  17.170  -5.935  1.000 17.013 0 149 LEU B CG  1 ? 
ATOM   905  C  CD1 . LEU B 1 40 ? -4.907  17.036  -5.733  1.000 17.070 0 149 LEU B CD1 1 ? 
ATOM   906  C  CD2 . LEU B 1 40 ? -3.074  18.503  -6.575  1.000 17.069 0 149 LEU B CD2 1 ? 
ATOM   907  N  N   . THR B 1 41 ? -0.200  18.178  -2.756  1.000 14.872 0 150 THR B N   1 ? 
ATOM   908  C  CA  . THR B 1 41 ? 0.317   18.224  -1.380  1.000 16.801 0 150 THR B CA  1 ? 
ATOM   909  C  C   . THR B 1 41 ? -0.765  18.945  -0.577  1.000 15.457 0 150 THR B C   1 ? 
ATOM   910  O  O   . THR B 1 41 ? -1.439  19.886  -1.066  1.000 16.309 0 150 THR B O   1 ? 
ATOM   911  C  CB  . THR B 1 41 ? 1.697   18.884  -1.320  1.000 17.953 0 150 THR B CB  1 ? 
ATOM   912  O  OG1 . THR B 1 41 ? 1.542   20.128  -1.970  1.000 23.782 0 150 THR B OG1 1 ? 
ATOM   913  C  CG2 . THR B 1 41 ? 2.818   18.134  -2.002  1.000 21.197 0 150 THR B CG2 1 ? 
ATOM   914  N  N   . TYR B 1 42 ? -0.968  18.477  0.622   1.000 14.345 0 151 TYR B N   1 ? 
ATOM   915  C  CA  . TYR B 1 42 ? -2.008  19.043  1.499   1.000 13.926 0 151 TYR B CA  1 ? 
ATOM   916  C  C   . TYR B 1 42 ? -1.354  19.347  2.838   1.000 15.320 0 151 TYR B C   1 ? 
ATOM   917  O  O   . TYR B 1 42 ? -0.266  18.794  3.146   1.000 16.645 0 151 TYR B O   1 ? 
ATOM   918  C  CB  . TYR B 1 42 ? -3.055  17.948  1.710   1.000 13.856 0 151 TYR B CB  1 ? 
ATOM   919  C  CG  . TYR B 1 42 ? -3.662  17.315  0.491   1.000 13.521 0 151 TYR B CG  1 ? 
ATOM   920  C  CD1 . TYR B 1 42 ? -4.449  18.085  -0.367  1.000 13.775 0 151 TYR B CD1 1 ? 
ATOM   921  C  CD2 . TYR B 1 42 ? -3.538  15.955  0.221   1.000 12.990 0 151 TYR B CD2 1 ? 
ATOM   922  C  CE1 . TYR B 1 42 ? -5.047  17.535  -1.482  1.000 13.976 0 151 TYR B CE1 1 ? 
ATOM   923  C  CE2 . TYR B 1 42 ? -4.203  15.378  -0.860  1.000 12.143 0 151 TYR B CE2 1 ? 
ATOM   924  C  CZ  . TYR B 1 42 ? -4.950  16.171  -1.709  1.000 12.203 0 151 TYR B CZ  1 ? 
ATOM   925  O  OH  . TYR B 1 42 ? -5.572  15.676  -2.804  1.000 12.691 0 151 TYR B OH  1 ? 
ATOM   926  N  N   . SER B 1 43 ? -2.023  20.130  3.675   1.000 14.805 0 152 SER B N   1 ? 
ATOM   927  C  CA  . SER B 1 43 ? -1.583  20.309  5.071   1.000 15.406 0 152 SER B CA  1 ? 
ATOM   928  C  C   . SER B 1 43 ? -2.782  20.096  5.965   1.000 13.400 0 152 SER B C   1 ? 
ATOM   929  O  O   . SER B 1 43 ? -3.892  20.555  5.629   1.000 15.170 0 152 SER B O   1 ? 
ATOM   930  C  CB  . SER B 1 43 ? -0.934  21.685  5.291   1.000 15.379 0 152 SER B CB  1 ? 
ATOM   931  O  OG  . SER B 1 43 ? 0.328   21.720  4.625   1.000 18.111 0 152 SER B OG  1 ? 
ATOM   932  N  N   . CYS B 1 44 ? -2.541  19.405  7.052   1.000 15.929 0 153 CYS B N   1 ? 
ATOM   933  C  CA  . CYS B 1 44 ? -3.529  19.225  8.127   1.000 16.604 0 153 CYS B CA  1 ? 
ATOM   934  C  C   . CYS B 1 44 ? -3.598  20.526  8.955   1.000 21.920 0 153 CYS B C   1 ? 
ATOM   935  O  O   . CYS B 1 44 ? -2.537  20.977  9.446   1.000 19.771 0 153 CYS B O   1 ? 
ATOM   936  C  CB  . CYS B 1 44 ? -3.118  18.053  9.009   1.000 16.561 0 153 CYS B CB  1 ? 
ATOM   937  S  SG  . CYS B 1 44 ? -4.341  17.760  10.312  1.000 16.023 0 153 CYS B SG  1 ? 
ATOM   938  N  N   . ARG B 1 45 ? -4.810  21.033  9.190   1.000 24.045 0 154 ARG B N   1 ? 
ATOM   939  C  CA  . ARG B 1 45 ? -5.006  22.254  10.019  1.000 25.357 0 154 ARG B CA  1 ? 
ATOM   940  C  C   . ARG B 1 45 ? -4.793  21.884  11.497  1.000 25.635 0 154 ARG B C   1 ? 
ATOM   941  O  O   . ARG B 1 45 ? -4.460  22.777  12.289  1.000 30.885 0 154 ARG B O   1 ? 
ATOM   942  C  CB  . ARG B 1 45 ? -6.351  22.899  9.655   1.000 27.001 0 154 ARG B CB  1 ? 
ATOM   943  N  N   . SER B 1 46 ? -4.899  20.611  11.883  1.000 22.740 0 155 SER B N   1 ? 
ATOM   944  C  CA  . SER B 1 46 ? -4.790  20.174  13.300  1.000 21.376 0 155 SER B CA  1 ? 
ATOM   945  C  C   . SER B 1 46 ? -3.479  19.432  13.549  1.000 22.132 0 155 SER B C   1 ? 
ATOM   946  O  O   . SER B 1 46 ? -2.412  19.973  13.186  1.000 26.049 0 155 SER B O   1 ? 
ATOM   947  C  CB  . SER B 1 46 ? -6.001  19.402  13.712  1.000 20.851 0 155 SER B CB  1 ? 
ATOM   948  O  OG  . SER B 1 46 ? -7.160  20.179  13.465  1.000 21.631 0 155 SER B OG  1 ? 
ATOM   949  N  N   . ASN B 1 47 ? -3.521  18.244  14.141  1.000 22.868 0 156 ASN B N   1 ? 
ATOM   950  C  CA  . ASN B 1 47 ? -2.300  17.582  14.643  1.000 23.949 0 156 ASN B CA  1 ? 
ATOM   951  C  C   . ASN B 1 47 ? -1.976  16.335  13.814  1.000 24.174 0 156 ASN B C   1 ? 
ATOM   952  O  O   . ASN B 1 47 ? -1.301  15.432  14.372  1.000 22.470 0 156 ASN B O   1 ? 
ATOM   953  C  CB  . ASN B 1 47 ? -2.474  17.248  16.134  1.000 27.165 0 156 ASN B CB  1 ? 
ATOM   954  C  CG  . ASN B 1 47 ? -1.227  17.519  16.931  1.000 28.206 0 156 ASN B CG  1 ? 
ATOM   955  N  ND2 . ASN B 1 47 ? -0.612  18.650  16.622  1.000 32.690 0 156 ASN B ND2 1 ? 
ATOM   956  N  N   . GLN B 1 48 ? -2.383  16.308  12.528  1.000 21.859 0 157 GLN B N   1 ? 
ATOM   957  C  CA  . GLN B 1 48 ? -2.161  15.174  11.585  1.000 23.583 0 157 GLN B CA  1 ? 
ATOM   958  C  C   . GLN B 1 48 ? -2.697  13.876  12.221  1.000 24.244 0 157 GLN B C   1 ? 
ATOM   959  O  O   . GLN B 1 48 ? -2.098  12.782  12.032  1.000 23.444 0 157 GLN B O   1 ? 
ATOM   960  C  CB  . GLN B 1 48 ? -0.691  15.102  11.118  1.000 29.620 0 157 GLN B CB  1 ? 
ATOM   961  C  CG  . GLN B 1 48 ? 0.215   16.319  11.397  1.000 37.384 0 157 GLN B CG  1 ? 
ATOM   962  C  CD  . GLN B 1 48 ? -0.221  17.697  10.948  1.000 38.073 0 157 GLN B CD  1 ? 
ATOM   963  N  N   . ASP B 1 49 ? -3.842  13.967  12.896  1.000 23.841 0 158 ASP B N   1 ? 
ATOM   964  C  CA  . ASP B 1 49 ? -4.439  12.844  13.673  1.000 26.608 0 158 ASP B CA  1 ? 
ATOM   965  C  C   . ASP B 1 49 ? -5.961  12.850  13.455  1.000 22.759 0 158 ASP B C   1 ? 
ATOM   966  O  O   . ASP B 1 49 ? -6.681  12.312  14.332  1.000 21.029 0 158 ASP B O   1 ? 
ATOM   967  C  CB  . ASP B 1 49 ? -4.105  12.989  15.160  1.000 33.918 0 158 ASP B CB  1 ? 
ATOM   968  C  CG  . ASP B 1 49 ? -4.523  14.351  15.723  1.000 40.021 0 158 ASP B CG  1 ? 
ATOM   969  O  OD1 . ASP B 1 49 ? -5.034  15.216  14.932  1.000 46.499 0 158 ASP B OD1 1 ? 
ATOM   970  O  OD2 . ASP B 1 49 ? -4.315  14.570  16.940  1.000 47.831 0 158 ASP B OD2 1 ? 
ATOM   971  N  N   . CYS B 1 50 ? -6.434  13.441  12.347  1.000 18.865 0 159 CYS B N   1 ? 
ATOM   972  C  CA  . CYS B 1 50 ? -7.880  13.635  12.071  1.000 17.517 0 159 CYS B CA  1 ? 
ATOM   973  C  C   . CYS B 1 50 ? -8.563  12.266  11.878  1.000 19.432 0 159 CYS B C   1 ? 
ATOM   974  O  O   . CYS B 1 50 ? -7.956  11.321  11.406  1.000 18.033 0 159 CYS B O   1 ? 
ATOM   975  C  CB  . CYS B 1 50 ? -8.145  14.506  10.847  1.000 16.739 0 159 CYS B CB  1 ? 
ATOM   976  S  SG  . CYS B 1 50 ? -7.539  16.213  11.029  1.000 16.528 0 159 CYS B SG  1 ? 
ATOM   977  N  N   . ILE B 1 51 ? -9.825  12.204  12.243  1.000 19.760 0 160 ILE B N   1 ? 
ATOM   978  C  CA  . ILE B 1 51 ? -10.728 11.050  11.977  1.000 20.664 0 160 ILE B CA  1 ? 
ATOM   979  C  C   . ILE B 1 51 ? -11.147 11.077  10.506  1.000 17.499 0 160 ILE B C   1 ? 
ATOM   980  O  O   . ILE B 1 51 ? -11.510 12.144  10.051  1.000 18.210 0 160 ILE B O   1 ? 
ATOM   981  C  CB  . ILE B 1 51 ? -11.936 11.218  12.933  1.000 22.799 0 160 ILE B CB  1 ? 
ATOM   982  C  CG1 . ILE B 1 51 ? -11.474 11.036  14.377  1.000 26.714 0 160 ILE B CG1 1 ? 
ATOM   983  C  CG2 . ILE B 1 51 ? -13.096 10.334  12.544  1.000 25.251 0 160 ILE B CG2 1 ? 
ATOM   984  C  CD1 . ILE B 1 51 ? -10.613 9.824   14.615  1.000 25.586 0 160 ILE B CD1 1 ? 
ATOM   985  N  N   . ILE B 1 52 ? -11.047 9.946   9.791   1.000 15.291 0 161 ILE B N   1 ? 
ATOM   986  C  CA  . ILE B 1 52 ? -11.562 9.813   8.388   1.000 15.556 0 161 ILE B CA  1 ? 
ATOM   987  C  C   . ILE B 1 52 ? -12.713 8.818   8.406   1.000 16.680 0 161 ILE B C   1 ? 
ATOM   988  O  O   . ILE B 1 52 ? -12.483 7.612   8.649   1.000 18.098 0 161 ILE B O   1 ? 
ATOM   989  C  CB  . ILE B 1 52 ? -10.505 9.338   7.391   1.000 17.229 0 161 ILE B CB  1 ? 
ATOM   990  C  CG1 . ILE B 1 52 ? -9.198  10.111  7.562   1.000 18.739 0 161 ILE B CG1 1 ? 
ATOM   991  C  CG2 . ILE B 1 52 ? -11.089 9.449   5.999   1.000 17.388 0 161 ILE B CG2 1 ? 
ATOM   992  C  CD1 . ILE B 1 52 ? -9.291  11.569  7.282   1.000 19.196 0 161 ILE B CD1 1 ? 
ATOM   993  N  N   . ASN B 1 53 ? -13.924 9.323   8.213   1.000 16.948 0 162 ASN B N   1 ? 
ATOM   994  C  CA  . ASN B 1 53 ? -15.072 8.428   8.033   1.000 18.957 0 162 ASN B CA  1 ? 
ATOM   995  C  C   . ASN B 1 53 ? -15.962 9.002   6.919   1.000 19.620 0 162 ASN B C   1 ? 
ATOM   996  O  O   . ASN B 1 53 ? -15.622 10.019  6.307   1.000 21.494 0 162 ASN B O   1 ? 
ATOM   997  C  CB  . ASN B 1 53 ? -15.737 8.129   9.386   1.000 22.654 0 162 ASN B CB  1 ? 
ATOM   998  C  CG  . ASN B 1 53 ? -16.354 9.366   9.987   1.000 25.536 0 162 ASN B CG  1 ? 
ATOM   999  O  OD1 . ASN B 1 53 ? -16.775 10.257  9.249   1.000 27.642 0 162 ASN B OD1 1 ? 
ATOM   1000 N  ND2 . ASN B 1 53 ? -16.297 9.473   11.310  1.000 25.673 0 162 ASN B ND2 1 ? 
ATOM   1001 N  N   . LYS B 1 54 ? -17.030 8.303   6.607   1.000 21.864 0 163 LYS B N   1 ? 
ATOM   1002 C  CA  . LYS B 1 54 ? -17.792 8.557   5.363   1.000 23.123 0 163 LYS B CA  1 ? 
ATOM   1003 C  C   . LYS B 1 54 ? -18.567 9.876   5.492   1.000 25.856 0 163 LYS B C   1 ? 
ATOM   1004 O  O   . LYS B 1 54 ? -19.016 10.355  4.433   1.000 22.579 0 163 LYS B O   1 ? 
ATOM   1005 C  CB  . LYS B 1 54 ? -18.663 7.337   5.068   1.000 26.755 0 163 LYS B CB  1 ? 
ATOM   1006 C  CG  . LYS B 1 54 ? -19.825 7.174   6.032   1.000 29.613 0 163 LYS B CG  1 ? 
ATOM   1007 C  CD  . LYS B 1 54 ? -20.582 5.878   5.895   1.000 31.074 0 163 LYS B CD  1 ? 
ATOM   1008 C  CE  . LYS B 1 54 ? -21.507 5.651   7.075   1.000 27.669 0 163 LYS B CE  1 ? 
ATOM   1009 N  NZ  . LYS B 1 54 ? -22.099 4.297   7.022   1.000 28.297 0 163 LYS B NZ  1 ? 
ATOM   1010 N  N   . HIS B 1 55 ? -18.636 10.461  6.696   1.000 25.212 0 164 HIS B N   1 ? 
ATOM   1011 C  CA  . HIS B 1 55 ? -19.490 11.631  7.040   1.000 30.635 0 164 HIS B CA  1 ? 
ATOM   1012 C  C   . HIS B 1 55 ? -19.034 12.859  6.255   1.000 36.785 0 164 HIS B C   1 ? 
ATOM   1013 C  CB  . HIS B 1 55 ? -19.505 11.888  8.557   1.000 32.191 0 164 HIS B CB  1 ? 
ATOM   1014 N  N   . HIS B 1 56 ? -17.769 13.237  6.457   1.000 35.341 0 165 HIS B N   1 ? 
ATOM   1015 C  CA  . HIS B 1 56 ? -17.097 14.344  5.725   1.000 33.952 0 165 HIS B CA  1 ? 
ATOM   1016 C  C   . HIS B 1 56 ? -15.680 13.878  5.421   1.000 34.950 0 165 HIS B C   1 ? 
ATOM   1017 O  O   . HIS B 1 56 ? -14.745 14.467  5.969   1.000 37.308 0 165 HIS B O   1 ? 
ATOM   1018 C  CB  . HIS B 1 56 ? -17.064 15.653  6.531   1.000 32.164 0 165 HIS B CB  1 ? 
ATOM   1019 N  N   . ARG B 1 57 ? -15.572 12.799  4.659   1.000 29.455 0 166 ARG B N   1 ? 
ATOM   1020 C  CA  . ARG B 1 57 ? -14.297 12.175  4.222   1.000 30.416 0 166 ARG B CA  1 ? 
ATOM   1021 C  C   . ARG B 1 57 ? -13.222 13.207  3.894   1.000 27.071 0 166 ARG B C   1 ? 
ATOM   1022 O  O   . ARG B 1 57 ? -12.003 12.897  4.097   1.000 27.080 0 166 ARG B O   1 ? 
ATOM   1023 C  CB  . ARG B 1 57 ? -14.524 11.396  2.929   1.000 31.080 0 166 ARG B CB  1 ? 
ATOM   1024 C  CG  . ARG B 1 57 ? -15.094 10.017  3.156   1.000 31.305 0 166 ARG B CG  1 ? 
ATOM   1025 C  CD  . ARG B 1 57 ? -14.981 9.288   1.871   1.000 33.533 0 166 ARG B CD  1 ? 
ATOM   1026 N  NE  . ARG B 1 57 ? -16.053 9.720   1.037   1.000 37.245 0 166 ARG B NE  1 ? 
ATOM   1027 C  CZ  . ARG B 1 57 ? -17.112 8.986   0.716   1.000 38.622 0 166 ARG B CZ  1 ? 
ATOM   1028 N  NH1 . ARG B 1 57 ? -17.231 7.742   1.151   1.000 34.268 0 166 ARG B NH1 1 ? 
ATOM   1029 N  NH2 . ARG B 1 57 ? -18.032 9.498   -0.088  1.000 40.199 0 166 ARG B NH2 1 ? 
ATOM   1030 N  N   . ASN B 1 58 ? -13.616 14.337  3.311   1.000 25.994 0 167 ASN B N   1 ? 
ATOM   1031 C  CA  . ASN B 1 58 ? -12.629 15.249  2.688   1.000 26.051 0 167 ASN B CA  1 ? 
ATOM   1032 C  C   . ASN B 1 58 ? -12.320 16.471  3.557   1.000 27.792 0 167 ASN B C   1 ? 
ATOM   1033 O  O   . ASN B 1 58 ? -11.616 17.348  3.065   1.000 28.025 0 167 ASN B O   1 ? 
ATOM   1034 C  CB  . ASN B 1 58 ? -13.056 15.624  1.270   1.000 26.732 0 167 ASN B CB  1 ? 
ATOM   1035 C  CG  . ASN B 1 58 ? -11.884 15.548  0.325   1.000 27.123 0 167 ASN B CG  1 ? 
ATOM   1036 O  OD1 . ASN B 1 58 ? -10.951 14.756  0.517   1.000 20.777 0 167 ASN B OD1 1 ? 
ATOM   1037 N  ND2 . ASN B 1 58 ? -11.907 16.401  -0.683  1.000 33.771 0 167 ASN B ND2 1 ? 
ATOM   1038 N  N   . ARG B 1 59 ? -12.764 16.493  4.815   1.000 27.321 0 168 ARG B N   1 ? 
ATOM   1039 C  CA  . ARG B 1 59 ? -12.534 17.603  5.767   1.000 27.818 0 168 ARG B CA  1 ? 
ATOM   1040 C  C   . ARG B 1 59 ? -11.028 17.835  5.890   1.000 26.320 0 168 ARG B C   1 ? 
ATOM   1041 O  O   . ARG B 1 59 ? -10.612 19.022  5.896   1.000 25.298 0 168 ARG B O   1 ? 
ATOM   1042 C  CB  . ARG B 1 59 ? -13.123 17.292  7.149   1.000 28.451 0 168 ARG B CB  1 ? 
ATOM   1043 C  CG  . ARG B 1 59 ? -13.059 18.455  8.125   1.000 32.238 0 168 ARG B CG  1 ? 
ATOM   1044 N  N   . CYS B 1 60 ? -10.238 16.755  5.953   1.000 21.015 0 169 CYS B N   1 ? 
ATOM   1045 C  CA  . CYS B 1 60 ? -8.769  16.869  6.026   1.000 16.848 0 169 CYS B CA  1 ? 
ATOM   1046 C  C   . CYS B 1 60 ? -8.133  16.005  4.943   1.000 13.871 0 169 CYS B C   1 ? 
ATOM   1047 O  O   . CYS B 1 60 ? -8.013  14.795  5.146   1.000 12.910 0 169 CYS B O   1 ? 
ATOM   1048 C  CB  . CYS B 1 60 ? -8.194  16.472  7.379   1.000 14.602 0 169 CYS B CB  1 ? 
ATOM   1049 S  SG  . CYS B 1 60 ? -6.402  16.801  7.440   1.000 14.833 0 169 CYS B SG  1 ? 
ATOM   1050 N  N   . GLN B 1 61 ? -7.785  16.607  3.826   1.000 13.747 0 170 GLN B N   1 ? 
ATOM   1051 C  CA  . GLN B 1 61 ? -7.211  15.845  2.691   1.000 13.507 0 170 GLN B CA  1 ? 
ATOM   1052 C  C   . GLN B 1 61 ? -5.858  15.259  3.110   1.000 11.950 0 170 GLN B C   1 ? 
ATOM   1053 O  O   . GLN B 1 61 ? -5.482  14.152  2.629   1.000 11.228 0 170 GLN B O   1 ? 
ATOM   1054 C  CB  . GLN B 1 61 ? -7.134  16.747  1.463   1.000 14.755 0 170 GLN B CB  1 ? 
ATOM   1055 C  CG  . GLN B 1 61 ? -8.495  17.206  0.960   1.000 16.737 0 170 GLN B CG  1 ? 
ATOM   1056 C  CD  . GLN B 1 61 ? -8.419  18.088  -0.274  1.000 23.667 0 170 GLN B CD  1 ? 
ATOM   1057 O  OE1 . GLN B 1 61 ? -7.913  19.211  -0.246  1.000 30.744 0 170 GLN B OE1 1 ? 
ATOM   1058 N  NE2 . GLN B 1 61 ? -8.930  17.595  -1.385  1.000 29.093 0 170 GLN B NE2 1 ? 
ATOM   1059 N  N   . PHE B 1 62 ? -5.059  15.960  3.917   1.000 10.622 0 171 PHE B N   1 ? 
ATOM   1060 C  CA  . PHE B 1 62 ? -3.750  15.416  4.370   1.000 10.959 0 171 PHE B CA  1 ? 
ATOM   1061 C  C   . PHE B 1 62 ? -3.944  14.062  5.043   1.000 10.720 0 171 PHE B C   1 ? 
ATOM   1062 O  O   . PHE B 1 62 ? -3.316  13.074  4.724   1.000 9.774  0 171 PHE B O   1 ? 
ATOM   1063 C  CB  . PHE B 1 62 ? -3.034  16.422  5.291   1.000 11.106 0 171 PHE B CB  1 ? 
ATOM   1064 C  CG  . PHE B 1 62 ? -1.749  15.887  5.867   1.000 11.172 0 171 PHE B CG  1 ? 
ATOM   1065 C  CD1 . PHE B 1 62 ? -1.754  15.066  6.977   1.000 11.366 0 171 PHE B CD1 1 ? 
ATOM   1066 C  CD2 . PHE B 1 62 ? -0.541  16.086  5.200   1.000 12.863 0 171 PHE B CD2 1 ? 
ATOM   1067 C  CE1 . PHE B 1 62 ? -0.596  14.496  7.478   1.000 12.562 0 171 PHE B CE1 1 ? 
ATOM   1068 C  CE2 . PHE B 1 62 ? 0.626   15.526  5.703   1.000 13.528 0 171 PHE B CE2 1 ? 
ATOM   1069 C  CZ  . PHE B 1 62 ? 0.612   14.766  6.863   1.000 12.948 0 171 PHE B CZ  1 ? 
ATOM   1070 N  N   . CYS B 1 63 ? -4.835  14.034  6.035   1.000 11.570 0 172 CYS B N   1 ? 
ATOM   1071 C  CA  . CYS B 1 63 ? -5.050  12.822  6.838   1.000 11.464 0 172 CYS B CA  1 ? 
ATOM   1072 C  C   . CYS B 1 63 ? -5.722  11.732  5.992   1.000 10.643 0 172 CYS B C   1 ? 
ATOM   1073 O  O   . CYS B 1 63 ? -5.434  10.547  6.229   1.000 10.437 0 172 CYS B O   1 ? 
ATOM   1074 C  CB  . CYS B 1 63 ? -5.865  13.119  8.097   1.000 12.393 0 172 CYS B CB  1 ? 
ATOM   1075 S  SG  . CYS B 1 63 ? -4.870  14.053  9.298   1.000 14.708 0 172 CYS B SG  1 ? 
ATOM   1076 N  N   . ARG B 1 64 ? -6.535  12.120  5.000   1.000 10.590 0 173 ARG B N   1 ? 
ATOM   1077 C  CA  . ARG B 1 64 ? -7.187  11.126  4.103   1.000 9.987  0 173 ARG B CA  1 ? 
ATOM   1078 C  C   . ARG B 1 64 ? -6.110  10.477  3.238   1.000 9.947  0 173 ARG B C   1 ? 
ATOM   1079 O  O   . ARG B 1 64 ? -6.102  9.262   3.080   1.000 9.740  0 173 ARG B O   1 ? 
ATOM   1080 C  CB  . ARG B 1 64 ? -8.246  11.800  3.246   1.000 10.162 0 173 ARG B CB  1 ? 
ATOM   1081 C  CG  . ARG B 1 64 ? -9.111  10.798  2.487   1.000 10.604 0 173 ARG B CG  1 ? 
ATOM   1082 C  CD  . ARG B 1 64 ? -10.131 11.478  1.617   1.000 10.828 0 173 ARG B CD  1 ? 
ATOM   1083 N  NE  . ARG B 1 64 ? -11.032 10.557  0.934   1.000 10.048 0 173 ARG B NE  1 ? 
ATOM   1084 C  CZ  . ARG B 1 64 ? -11.932 10.969  0.053   1.000 11.569 0 173 ARG B CZ  1 ? 
ATOM   1085 N  NH1 . ARG B 1 64 ? -11.989 12.255  -0.275  1.000 10.988 0 173 ARG B NH1 1 ? 
ATOM   1086 N  NH2 . ARG B 1 64 ? -12.794 10.122  -0.488  1.000 11.199 0 173 ARG B NH2 1 ? 
ATOM   1087 N  N   . LEU B 1 65 ? -5.201  11.254  2.670   1.000 10.174 0 174 LEU B N   1 ? 
ATOM   1088 C  CA  . LEU B 1 65 ? -4.099  10.682  1.879   1.000 9.781  0 174 LEU B CA  1 ? 
ATOM   1089 C  C   . LEU B 1 65 ? -3.179  9.825   2.747   1.000 10.263 0 174 LEU B C   1 ? 
ATOM   1090 O  O   . LEU B 1 65 ? -2.770  8.760   2.301   1.000 10.662 0 174 LEU B O   1 ? 
ATOM   1091 C  CB  . LEU B 1 65 ? -3.329  11.804  1.183   1.000 10.708 0 174 LEU B CB  1 ? 
ATOM   1092 C  CG  . LEU B 1 65 ? -2.232  11.333  0.209   1.000 10.550 0 174 LEU B CG  1 ? 
ATOM   1093 C  CD1 . LEU B 1 65 ? -2.788  10.391  -0.870  1.000 10.738 0 174 LEU B CD1 1 ? 
ATOM   1094 C  CD2 . LEU B 1 65 ? -1.522  12.514  -0.400  1.000 10.274 0 174 LEU B CD2 1 ? 
ATOM   1095 N  N   . LYS B 1 66 ? -2.847  10.286  3.932   1.000 9.525  0 175 LYS B N   1 ? 
ATOM   1096 C  CA  . LYS B 1 66 ? -1.991  9.509   4.874   1.000 10.741 0 175 LYS B CA  1 ? 
ATOM   1097 C  C   . LYS B 1 66 ? -2.656  8.141   5.084   1.000 10.194 0 175 LYS B C   1 ? 
ATOM   1098 O  O   . LYS B 1 66 ? -1.978  7.113   5.093   1.000 11.524 0 175 LYS B O   1 ? 
ATOM   1099 C  CB  . LYS B 1 66 ? -1.804  10.271  6.176   1.000 11.409 0 175 LYS B CB  1 ? 
ATOM   1100 C  CG  . LYS B 1 66 ? -1.063  9.493   7.263   1.000 12.482 0 175 LYS B CG  1 ? 
ATOM   1101 C  CD  . LYS B 1 66 ? -0.720  10.390  8.441   1.000 14.167 0 175 LYS B CD  1 ? 
ATOM   1102 N  N   . LYS B 1 67 ? -3.951  8.121   5.365   1.000 11.540 0 176 LYS B N   1 ? 
ATOM   1103 C  CA  . LYS B 1 67 ? -4.677  6.862   5.649   1.000 11.422 0 176 LYS B CA  1 ? 
ATOM   1104 C  C   . LYS B 1 67 ? -4.652  5.975   4.409   1.000 11.254 0 176 LYS B C   1 ? 
ATOM   1105 O  O   . LYS B 1 67 ? -4.503  4.781   4.573   1.000 11.761 0 176 LYS B O   1 ? 
ATOM   1106 C  CB  . LYS B 1 67 ? -6.115  7.183   6.104   1.000 13.063 0 176 LYS B CB  1 ? 
ATOM   1107 C  CG  . LYS B 1 67 ? -6.808  6.122   6.927   1.000 16.298 0 176 LYS B CG  1 ? 
ATOM   1108 C  CD  . LYS B 1 67 ? -6.157  5.921   8.269   1.000 17.554 0 176 LYS B CD  1 ? 
ATOM   1109 N  N   . CYS B 1 68 ? -4.830  6.514   3.195   1.000 11.253 0 177 CYS B N   1 ? 
ATOM   1110 C  CA  . CYS B 1 68 ? -4.683  5.731   1.954   1.000 11.035 0 177 CYS B CA  1 ? 
ATOM   1111 C  C   . CYS B 1 68 ? -3.352  4.978   2.015   1.000 12.352 0 177 CYS B C   1 ? 
ATOM   1112 O  O   . CYS B 1 68 ? -3.303  3.769   1.750   1.000 12.542 0 177 CYS B O   1 ? 
ATOM   1113 C  CB  . CYS B 1 68 ? -4.750  6.560   0.674   1.000 10.078 0 177 CYS B CB  1 ? 
ATOM   1114 S  SG  . CYS B 1 68 ? -6.405  7.252   0.356   1.000 10.192 0 177 CYS B SG  1 ? 
ATOM   1115 N  N   . LEU B 1 69 ? -2.286  5.677   2.346   1.000 11.061 0 178 LEU B N   1 ? 
ATOM   1116 C  CA  . LEU B 1 69 ? -0.911  5.092   2.282   1.000 11.768 0 178 LEU B CA  1 ? 
ATOM   1117 C  C   . LEU B 1 69 ? -0.760  4.096   3.432   1.000 13.166 0 178 LEU B C   1 ? 
ATOM   1118 O  O   . LEU B 1 69 ? -0.269  2.985   3.163   1.000 13.804 0 178 LEU B O   1 ? 
ATOM   1119 C  CB  . LEU B 1 69 ? 0.118   6.217   2.376   1.000 13.098 0 178 LEU B CB  1 ? 
ATOM   1120 C  CG  . LEU B 1 69 ? 0.297   7.038   1.095   1.000 13.006 0 178 LEU B CG  1 ? 
ATOM   1121 C  CD1 . LEU B 1 69 ? 1.206   8.233   1.364   1.000 13.287 0 178 LEU B CD1 1 ? 
ATOM   1122 C  CD2 . LEU B 1 69 ? 0.835   6.207   -0.059  1.000 15.675 0 178 LEU B CD2 1 ? 
ATOM   1123 N  N   . GLU B 1 70 ? -1.201  4.447   4.626   1.000 13.626 0 179 GLU B N   1 ? 
ATOM   1124 C  CA  . GLU B 1 70 ? -1.078  3.554   5.821   1.000 15.491 0 179 GLU B CA  1 ? 
ATOM   1125 C  C   . GLU B 1 70 ? -1.905  2.268   5.624   1.000 16.400 0 179 GLU B C   1 ? 
ATOM   1126 O  O   . GLU B 1 70 ? -1.582  1.220   6.192   1.000 16.309 0 179 GLU B O   1 ? 
ATOM   1127 C  CB  . GLU B 1 70 ? -1.588  4.216   7.089   1.000 19.936 0 179 GLU B CB  1 ? 
ATOM   1128 C  CG  . GLU B 1 70 ? -0.776  5.376   7.637   1.000 23.721 0 179 GLU B CG  1 ? 
ATOM   1129 C  CD  . GLU B 1 70 ? -1.380  5.874   8.952   1.000 27.097 0 179 GLU B CD  1 ? 
ATOM   1130 O  OE1 . GLU B 1 70 ? -2.503  5.437   9.341   1.000 31.216 0 179 GLU B OE1 1 ? 
ATOM   1131 O  OE2 . GLU B 1 70 ? -0.798  6.742   9.532   1.000 29.615 0 179 GLU B OE2 1 ? 
ATOM   1132 N  N   . MET B 1 71 ? -2.989  2.330   4.856   1.000 15.225 0 180 MET B N   1 ? 
ATOM   1133 C  CA  . MET B 1 71 ? -3.886  1.160   4.637   1.000 16.074 0 180 MET B CA  1 ? 
ATOM   1134 C  C   . MET B 1 71 ? -3.492  0.366   3.383   1.000 15.199 0 180 MET B C   1 ? 
ATOM   1135 O  O   . MET B 1 71 ? -4.208  -0.640  3.032   1.000 18.951 0 180 MET B O   1 ? 
ATOM   1136 C  CB  . MET B 1 71 ? -5.324  1.639   4.526   1.000 16.883 0 180 MET B CB  1 ? 
ATOM   1137 C  CG  . MET B 1 71 ? -5.854  2.228   5.788   1.000 18.460 0 180 MET B CG  1 ? 
ATOM   1138 S  SD  . MET B 1 71 ? -5.980  1.061   7.173   1.000 24.376 0 180 MET B SD  1 ? 
ATOM   1139 C  CE  . MET B 1 71 ? -4.791  1.722   8.329   1.000 22.677 0 180 MET B CE  1 ? 
ATOM   1140 N  N   . GLY B 1 72 ? -2.394  0.748   2.745   1.000 14.803 0 181 GLY B N   1 ? 
ATOM   1141 C  CA  . GLY B 1 72 ? -1.679  0.022   1.704   1.000 12.948 0 181 GLY B CA  1 ? 
ATOM   1142 C  C   . GLY B 1 72 ? -2.115  0.340   0.290   1.000 14.916 0 181 GLY B C   1 ? 
ATOM   1143 O  O   . GLY B 1 72 ? -1.817  -0.421  -0.649  1.000 14.876 0 181 GLY B O   1 ? 
ATOM   1144 N  N   . MET B 1 73 ? -2.750  1.470   0.085   1.000 14.666 0 182 MET B N   1 ? 
ATOM   1145 C  CA  . MET B 1 73 ? -3.026  1.919   -1.295  1.000 15.540 0 182 MET B CA  1 ? 
ATOM   1146 C  C   . MET B 1 73 ? -1.694  2.345   -1.908  1.000 14.057 0 182 MET B C   1 ? 
ATOM   1147 O  O   . MET B 1 73 ? -0.889  3.043   -1.219  1.000 13.892 0 182 MET B O   1 ? 
ATOM   1148 C  CB  . MET B 1 73 ? -4.027  3.072   -1.247  1.000 16.704 0 182 MET B CB  1 ? 
ATOM   1149 C  CG  . MET B 1 73 ? -4.878  3.166   -2.416  1.000 18.800 0 182 MET B CG  1 ? 
ATOM   1150 S  SD  . MET B 1 73 ? -6.243  4.193   -1.957  1.000 21.132 0 182 MET B SD  1 ? 
ATOM   1151 C  CE  . MET B 1 73 ? -7.232  4.083   -3.430  1.000 24.783 0 182 MET B CE  1 ? 
ATOM   1152 N  N   . LYS B 1 74 ? -1.460  2.030   -3.175  1.000 13.426 0 183 LYS B N   1 ? 
ATOM   1153 C  CA  . LYS B 1 74 ? -0.116  2.091   -3.807  1.000 14.816 0 183 LYS B CA  1 ? 
ATOM   1154 C  C   . LYS B 1 74 ? -0.026  3.180   -4.887  1.000 14.095 0 183 LYS B C   1 ? 
ATOM   1155 O  O   . LYS B 1 74 ? -0.664  3.077   -5.947  1.000 14.480 0 183 LYS B O   1 ? 
ATOM   1156 C  CB  . LYS B 1 74 ? 0.282   0.742   -4.376  1.000 18.062 0 183 LYS B CB  1 ? 
ATOM   1157 C  CG  . LYS B 1 74 ? 0.389   -0.340  -3.304  1.000 19.521 0 183 LYS B CG  1 ? 
ATOM   1158 C  CD  . LYS B 1 74 ? 0.605   -1.735  -3.814  1.000 24.796 0 183 LYS B CD  1 ? 
ATOM   1159 N  N   . MET B 1 75 ? 0.708   4.251   -4.581  1.000 12.542 0 184 MET B N   1 ? 
ATOM   1160 C  CA  . MET B 1 75 ? 0.833   5.411   -5.505  1.000 14.082 0 184 MET B CA  1 ? 
ATOM   1161 C  C   . MET B 1 75 ? 1.392   4.917   -6.819  1.000 14.594 0 184 MET B C   1 ? 
ATOM   1162 O  O   . MET B 1 75 ? 0.949   5.362   -7.882  1.000 13.949 0 184 MET B O   1 ? 
ATOM   1163 C  CB  . MET B 1 75 ? 1.736   6.507   -4.937  1.000 13.664 0 184 MET B CB  1 ? 
ATOM   1164 C  CG  . MET B 1 75 ? 1.180   7.124   -3.675  1.000 16.220 0 184 MET B CG  1 ? 
ATOM   1165 S  SD  . MET B 1 75 ? 2.062   8.661   -3.225  1.000 17.229 0 184 MET B SD  1 ? 
ATOM   1166 C  CE  . MET B 1 75 ? 0.762   9.536   -2.347  1.000 19.349 0 184 MET B CE  1 ? 
ATOM   1167 N  N   . GLU B 1 76 ? 2.301   3.961   -6.739  1.000 17.567 0 185 GLU B N   1 ? 
ATOM   1168 C  CA  . GLU B 1 76 ? 3.025   3.426   -7.908  1.000 18.642 0 185 GLU B CA  1 ? 
ATOM   1169 C  C   . GLU B 1 76 ? 2.092   2.594   -8.805  1.000 21.597 0 185 GLU B C   1 ? 
ATOM   1170 O  O   . GLU B 1 76 ? 2.543   2.286   -9.908  1.000 21.598 0 185 GLU B O   1 ? 
ATOM   1171 C  CB  . GLU B 1 76 ? 4.225   2.610   -7.422  1.000 18.835 0 185 GLU B CB  1 ? 
ATOM   1172 C  CG  . GLU B 1 76 ? 5.244   3.397   -6.624  1.000 21.339 0 185 GLU B CG  1 ? 
ATOM   1173 C  CD  . GLU B 1 76 ? 4.861   3.690   -5.180  1.000 21.847 0 185 GLU B CD  1 ? 
ATOM   1174 O  OE1 . GLU B 1 76 ? 5.506   4.569   -4.596  1.000 23.723 0 185 GLU B OE1 1 ? 
ATOM   1175 O  OE2 . GLU B 1 76 ? 3.912   3.057   -4.683  1.000 25.972 0 185 GLU B OE2 1 ? 
ATOM   1176 N  N   . SER B 1 77 ? 0.876   2.245   -8.352  1.000 19.537 0 186 SER B N   1 ? 
ATOM   1177 C  CA  . SER B 1 77 ? -0.133  1.453   -9.118  1.000 22.668 0 186 SER B CA  1 ? 
ATOM   1178 C  C   . SER B 1 77 ? -1.019  2.393   -9.939  1.000 23.038 0 186 SER B C   1 ? 
ATOM   1179 O  O   . SER B 1 77 ? -1.734  1.905   -10.808 1.000 23.692 0 186 SER B O   1 ? 
ATOM   1180 C  CB  . SER B 1 77 ? -0.945  0.542   -8.219  1.000 23.172 0 186 SER B CB  1 ? 
ATOM   1181 O  OG  . SER B 1 77 ? -0.091  -0.428  -7.615  1.000 25.658 0 186 SER B OG  1 ? 
ATOM   1182 N  N   . VAL B 1 78 ? -0.927  3.698   -9.711  1.000 20.741 0 187 VAL B N   1 ? 
ATOM   1183 C  CA  . VAL B 1 78 ? -1.714  4.739   -10.434 1.000 22.561 0 187 VAL B CA  1 ? 
ATOM   1184 C  C   . VAL B 1 78 ? -0.954  5.043   -11.733 1.000 24.055 0 187 VAL B C   1 ? 
ATOM   1185 O  O   . VAL B 1 78 ? 0.144   5.638   -11.669 1.000 28.761 0 187 VAL B O   1 ? 
ATOM   1186 C  CB  . VAL B 1 78 ? -1.948  5.992   -9.565  1.000 21.086 0 187 VAL B CB  1 ? 
ATOM   1187 C  CG1 . VAL B 1 78 ? -2.780  7.059   -10.273 1.000 21.783 0 187 VAL B CG1 1 ? 
ATOM   1188 C  CG2 . VAL B 1 78 ? -2.597  5.633   -8.242  1.000 19.479 0 187 VAL B CG2 1 ? 
ATOM   1189 N  N   . GLN B 1 79 ? -1.486  4.597   -12.859 1.000 27.741 0 188 GLN B N   1 ? 
ATOM   1190 C  CA  . GLN B 1 79 ? -0.773  4.633   -14.180 1.000 31.778 0 188 GLN B CA  1 ? 
ATOM   1191 C  C   . GLN B 1 79 ? -0.566  6.097   -14.586 1.000 32.307 0 188 GLN B C   1 ? 
ATOM   1192 O  O   . GLN B 1 79 ? -1.534  6.882   -14.452 1.000 29.954 0 188 GLN B O   1 ? 
ATOM   1193 N  N   . SER B 1 80 ? 0.645   6.469   -15.031 1.000 28.531 0 189 SER B N   1 ? 
ATOM   1194 C  CA  . SER B 1 80 ? 0.968   7.859   -15.468 1.000 30.558 0 189 SER B CA  1 ? 
ATOM   1195 C  C   . SER B 1 80 ? 2.156   7.860   -16.445 1.000 30.618 0 189 SER B C   1 ? 
ATOM   1196 O  O   . SER B 1 80 ? 2.677   6.748   -16.646 1.000 30.155 0 189 SER B O   1 ? 
ATOM   1197 C  CB  . SER B 1 80 ? 1.244   8.726   -14.266 1.000 32.206 0 189 SER B CB  1 ? 
ATOM   1198 O  OG  . SER B 1 80 ? 2.604   8.594   -13.908 1.000 37.116 0 189 SER B OG  1 ? 
HETATM 1199 ZN ZN  . ZN  C 2 .  ? 6.433   -3.561  3.996   1.000 10.592 0 201 ZN  A ZN  1 ? 
HETATM 1200 ZN ZN  . ZN  D 2 .  ? -2.591  -14.115 -3.363  1.000 17.060 0 202 ZN  A ZN  1 ? 
HETATM 1201 ZN ZN  . ZN  E 2 .  ? -13.695 5.406   1.285   1.000 10.429 0 201 ZN  B ZN  1 ? 
HETATM 1202 ZN ZN  . ZN  F 2 .  ? -5.805  16.233  9.490   1.000 16.739 0 202 ZN  B ZN  1 ? 
HETATM 1203 O  O   . HOH G 3 .  ? 20.066  0.441   1.680   1.000 35.503 0 301 HOH A O   1 ? 
HETATM 1204 O  O   . HOH G 3 .  ? 16.768  4.805   6.780   1.000 23.945 0 302 HOH A O   1 ? 
HETATM 1205 O  O   . HOH G 3 .  ? 0.308   -11.325 1.658   1.000 28.427 0 303 HOH A O   1 ? 
HETATM 1206 O  O   . HOH G 3 .  ? 15.910  -16.796 -6.789  1.000 31.396 0 304 HOH A O   1 ? 
HETATM 1207 O  O   . HOH G 3 .  ? 23.715  -9.773  -7.023  1.000 46.439 0 305 HOH A O   1 ? 
HETATM 1208 O  O   . HOH G 3 .  ? -0.876  -1.195  5.339   1.000 23.815 0 306 HOH A O   1 ? 
HETATM 1209 O  O   . HOH G 3 .  ? -4.988  -20.122 -7.009  1.000 32.505 0 307 HOH A O   1 ? 
HETATM 1210 O  O   . HOH G 3 .  ? 11.482  -5.379  -9.726  1.000 13.519 0 308 HOH A O   1 ? 
HETATM 1211 O  O   . HOH G 3 .  ? 1.329   2.596   7.927   1.000 21.077 0 309 HOH A O   1 ? 
HETATM 1212 O  O   . HOH G 3 .  ? 0.755   -8.701  -5.833  1.000 22.162 0 310 HOH A O   1 ? 
HETATM 1213 O  O   . HOH G 3 .  ? 1.309   -17.774 -1.349  1.000 20.152 0 311 HOH A O   1 ? 
HETATM 1214 O  O   . HOH G 3 .  ? 9.371   6.199   6.693   1.000 23.985 0 312 HOH A O   1 ? 
HETATM 1215 O  O   . HOH G 3 .  ? 8.283   22.795  1.294   1.000 24.579 0 313 HOH A O   1 ? 
HETATM 1216 O  O   . HOH G 3 .  ? 15.505  0.901   -7.872  1.000 19.886 0 314 HOH A O   1 ? 
HETATM 1217 O  O   . HOH G 3 .  ? 11.250  0.965   -6.299  1.000 18.465 0 315 HOH A O   1 ? 
HETATM 1218 O  O   . HOH G 3 .  ? 3.639   -23.555 -4.713  1.000 25.010 0 316 HOH A O   1 ? 
HETATM 1219 O  O   . HOH G 3 .  ? 7.828   4.691   -0.904  1.000 18.069 0 317 HOH A O   1 ? 
HETATM 1220 O  O   . HOH G 3 .  ? 7.267   -9.606  7.328   1.000 24.773 0 318 HOH A O   1 ? 
HETATM 1221 O  O   . HOH G 3 .  ? 19.080  -1.980  -6.627  1.000 21.745 0 319 HOH A O   1 ? 
HETATM 1222 O  O   . HOH G 3 .  ? 2.529   -19.846 -8.229  1.000 17.576 0 320 HOH A O   1 ? 
HETATM 1223 O  O   . HOH G 3 .  ? 6.154   -24.300 -5.856  1.000 28.783 0 321 HOH A O   1 ? 
HETATM 1224 O  O   . HOH G 3 .  ? 14.214  -8.135  -9.798  1.000 16.110 0 322 HOH A O   1 ? 
HETATM 1225 O  O   . HOH G 3 .  ? 12.433  -18.726 -8.442  1.000 28.883 0 323 HOH A O   1 ? 
HETATM 1226 O  O   . HOH G 3 .  ? 10.435  2.352   -3.894  1.000 17.258 0 324 HOH A O   1 ? 
HETATM 1227 O  O   . HOH G 3 .  ? -2.529  2.817   10.878  1.000 30.596 0 325 HOH A O   1 ? 
HETATM 1228 O  O   . HOH G 3 .  ? 2.971   10.848  7.278   1.000 36.042 0 326 HOH A O   1 ? 
HETATM 1229 O  O   . HOH G 3 .  ? -6.502  -18.337 -9.808  1.000 31.475 0 327 HOH A O   1 ? 
HETATM 1230 O  O   . HOH G 3 .  ? 12.379  -16.412 -5.428  1.000 32.179 0 328 HOH A O   1 ? 
HETATM 1231 O  O   . HOH G 3 .  ? 14.593  -1.427  -9.720  1.000 23.145 0 329 HOH A O   1 ? 
HETATM 1232 O  O   . HOH G 3 .  ? 11.281  -23.426 -4.051  1.000 36.061 0 330 HOH A O   1 ? 
HETATM 1233 O  O   . HOH G 3 .  ? 3.495   2.982   0.112   1.000 16.805 0 331 HOH A O   1 ? 
HETATM 1234 O  O   . HOH G 3 .  ? 9.103   -16.795 3.138   1.000 26.407 0 332 HOH A O   1 ? 
HETATM 1235 O  O   . HOH G 3 .  ? -2.190  -7.989  3.594   1.000 21.489 0 333 HOH A O   1 ? 
HETATM 1236 O  O   . HOH G 3 .  ? 12.470  15.192  3.694   1.000 25.660 0 334 HOH A O   1 ? 
HETATM 1237 O  O   . HOH G 3 .  ? 6.471   -18.032 -6.641  1.000 16.871 0 335 HOH A O   1 ? 
HETATM 1238 O  O   . HOH G 3 .  ? 0.262   -2.350  -1.182  1.000 21.942 0 336 HOH A O   1 ? 
HETATM 1239 O  O   . HOH G 3 .  ? 10.632  10.581  -2.478  1.000 34.961 0 337 HOH A O   1 ? 
HETATM 1240 O  O   . HOH G 3 .  ? 8.215   -4.518  8.925   1.000 27.191 0 338 HOH A O   1 ? 
HETATM 1241 O  O   . HOH G 3 .  ? 2.645   -20.929 -1.285  1.000 30.741 0 339 HOH A O   1 ? 
HETATM 1242 O  O   . HOH G 3 .  ? 20.070  -2.821  -0.664  1.000 23.825 0 340 HOH A O   1 ? 
HETATM 1243 O  O   . HOH G 3 .  ? 10.526  -1.555  9.491   1.000 16.708 0 341 HOH A O   1 ? 
HETATM 1244 O  O   . HOH G 3 .  ? -2.625  -17.233 -0.813  1.000 26.375 0 342 HOH A O   1 ? 
HETATM 1245 O  O   . HOH G 3 .  ? -7.037  -10.029 -0.521  1.000 26.327 0 343 HOH A O   1 ? 
HETATM 1246 O  O   . HOH G 3 .  ? 0.654   -12.290 7.940   1.000 34.074 0 344 HOH A O   1 ? 
HETATM 1247 O  O   . HOH G 3 .  ? 18.350  0.502   -2.706  1.000 21.384 0 345 HOH A O   1 ? 
HETATM 1248 O  O   . HOH G 3 .  ? 19.345  -2.779  2.435   1.000 30.598 0 346 HOH A O   1 ? 
HETATM 1249 O  O   . HOH G 3 .  ? -0.076  -18.401 -7.794  1.000 19.145 0 347 HOH A O   1 ? 
HETATM 1250 O  O   . HOH G 3 .  ? 1.155   -17.522 1.872   1.000 28.134 0 348 HOH A O   1 ? 
HETATM 1251 O  O   . HOH G 3 .  ? -1.787  -9.319  -5.595  1.000 24.785 0 349 HOH A O   1 ? 
HETATM 1252 O  O   . HOH G 3 .  ? 10.731  7.052   -3.330  1.000 26.364 0 350 HOH A O   1 ? 
HETATM 1253 O  O   . HOH G 3 .  ? 18.365  3.732   3.022   1.000 25.045 0 351 HOH A O   1 ? 
HETATM 1254 O  O   . HOH G 3 .  ? 9.850   -23.028 -2.335  1.000 30.275 0 352 HOH A O   1 ? 
HETATM 1255 O  O   . HOH G 3 .  ? 5.175   -9.430  9.345   1.000 31.203 0 353 HOH A O   1 ? 
HETATM 1256 O  O   . HOH G 3 .  ? 1.773   -0.294  -0.036  1.000 19.976 0 354 HOH A O   1 ? 
HETATM 1257 O  O   . HOH G 3 .  ? 6.660   -4.951  11.836  1.000 21.902 0 355 HOH A O   1 ? 
HETATM 1258 O  O   . HOH G 3 .  ? 22.036  -10.437 4.620   1.000 34.190 0 356 HOH A O   1 ? 
HETATM 1259 O  O   . HOH G 3 .  ? 16.132  -13.247 -10.572 1.000 50.707 0 357 HOH A O   1 ? 
HETATM 1260 O  O   . HOH G 3 .  ? -2.214  -8.019  -8.269  1.000 31.556 0 358 HOH A O   1 ? 
HETATM 1261 O  O   . HOH G 3 .  ? -5.634  -7.679  5.927   1.000 50.424 0 359 HOH A O   1 ? 
HETATM 1262 O  O   . HOH G 3 .  ? 11.279  -13.300 6.079   1.000 32.672 0 360 HOH A O   1 ? 
HETATM 1263 O  O   . HOH G 3 .  ? 20.359  -1.363  -4.657  1.000 31.618 0 361 HOH A O   1 ? 
HETATM 1264 O  O   . HOH G 3 .  ? 3.367   -23.270 -2.028  1.000 30.922 0 362 HOH A O   1 ? 
HETATM 1265 O  O   . HOH G 3 .  ? 5.309   6.827   9.260   1.000 41.338 0 363 HOH A O   1 ? 
HETATM 1266 O  O   . HOH G 3 .  ? 9.390   4.794   -3.317  1.000 20.615 0 364 HOH A O   1 ? 
HETATM 1267 O  O   . HOH G 3 .  ? 16.611  -11.392 -15.764 1.000 20.957 0 365 HOH A O   1 ? 
HETATM 1268 O  O   . HOH G 3 .  ? 0.227   -13.083 -11.180 1.000 28.993 0 366 HOH A O   1 ? 
HETATM 1269 O  O   . HOH G 3 .  ? -6.104  -8.235  -11.388 1.000 59.556 0 367 HOH A O   1 ? 
HETATM 1270 O  O   . HOH G 3 .  ? -2.236  -20.470 6.454   1.000 52.319 0 368 HOH A O   1 ? 
HETATM 1271 O  O   . HOH H 3 .  ? -4.763  22.633  4.957   1.000 20.670 0 301 HOH B O   1 ? 
HETATM 1272 O  O   . HOH H 3 .  ? -9.529  -3.345  -9.455  1.000 32.918 0 302 HOH B O   1 ? 
HETATM 1273 O  O   . HOH H 3 .  ? -17.447 5.847   8.049   1.000 22.623 0 303 HOH B O   1 ? 
HETATM 1274 O  O   . HOH H 3 .  ? 3.237   1.555   -2.767  1.000 26.409 0 304 HOH B O   1 ? 
HETATM 1275 O  O   . HOH H 3 .  ? 4.017   14.436  -3.738  1.000 33.000 0 305 HOH B O   1 ? 
HETATM 1276 O  O   . HOH H 3 .  ? -1.026  21.725  11.371  1.000 28.413 0 306 HOH B O   1 ? 
HETATM 1277 O  O   . HOH H 3 .  ? -4.600  -2.657  1.485   1.000 19.840 0 307 HOH B O   1 ? 
HETATM 1278 O  O   . HOH H 3 .  ? -10.577 13.974  6.014   1.000 26.298 0 308 HOH B O   1 ? 
HETATM 1279 O  O   . HOH H 3 .  ? 7.970   4.768   -5.477  1.000 26.500 0 309 HOH B O   1 ? 
HETATM 1280 O  O   . HOH H 3 .  ? -4.523  9.705   8.544   1.000 23.319 0 310 HOH B O   1 ? 
HETATM 1281 O  O   . HOH H 3 .  ? -1.251  -2.451  -6.373  1.000 21.205 0 311 HOH B O   1 ? 
HETATM 1282 O  O   . HOH H 3 .  ? -18.608 -3.824  0.070   1.000 22.414 0 312 HOH B O   1 ? 
HETATM 1283 O  O   . HOH H 3 .  ? 0.747   2.306   0.741   1.000 14.777 0 313 HOH B O   1 ? 
HETATM 1284 O  O   . HOH H 3 .  ? -11.254 -10.229 2.893   1.000 35.740 0 314 HOH B O   1 ? 
HETATM 1285 O  O   . HOH H 3 .  ? -11.525 -3.807  3.567   1.000 15.705 0 315 HOH B O   1 ? 
HETATM 1286 O  O   . HOH H 3 .  ? -0.031  22.523  2.079   1.000 25.725 0 316 HOH B O   1 ? 
HETATM 1287 O  O   . HOH H 3 .  ? -20.579 2.273   6.063   1.000 21.392 0 317 HOH B O   1 ? 
HETATM 1288 O  O   . HOH H 3 .  ? 2.224   4.003   -2.347  1.000 16.695 0 318 HOH B O   1 ? 
HETATM 1289 O  O   . HOH H 3 .  ? -15.820 12.787  9.437   1.000 23.510 0 319 HOH B O   1 ? 
HETATM 1290 O  O   . HOH H 3 .  ? -24.078 4.057   8.864   1.000 35.851 0 320 HOH B O   1 ? 
HETATM 1291 O  O   . HOH H 3 .  ? -5.564  18.870  4.299   1.000 19.379 0 321 HOH B O   1 ? 
HETATM 1292 O  O   . HOH H 3 .  ? 1.746   18.801  5.000   1.000 15.995 0 322 HOH B O   1 ? 
HETATM 1293 O  O   . HOH H 3 .  ? -14.615 11.509  -2.002  1.000 24.180 0 323 HOH B O   1 ? 
HETATM 1294 O  O   . HOH H 3 .  ? -19.120 -20.066 6.691   1.000 22.917 0 324 HOH B O   1 ? 
HETATM 1295 O  O   . HOH H 3 .  ? -14.079 12.083  8.335   1.000 22.247 0 325 HOH B O   1 ? 
HETATM 1296 O  O   . HOH H 3 .  ? -9.280  -8.433  -0.941  1.000 38.287 0 326 HOH B O   1 ? 
HETATM 1297 O  O   . HOH H 3 .  ? -12.979 -0.428  6.875   1.000 16.989 0 327 HOH B O   1 ? 
HETATM 1298 O  O   . HOH H 3 .  ? -7.001  19.740  7.978   1.000 25.533 0 328 HOH B O   1 ? 
HETATM 1299 O  O   . HOH H 3 .  ? -7.219  -3.157  1.574   1.000 17.589 0 329 HOH B O   1 ? 
HETATM 1300 O  O   . HOH H 3 .  ? -17.432 6.988   -2.253  1.000 25.104 0 330 HOH B O   1 ? 
HETATM 1301 O  O   . HOH H 3 .  ? -11.833 -8.366  -1.065  1.000 27.428 0 331 HOH B O   1 ? 
HETATM 1302 O  O   . HOH H 3 .  ? -22.488 -5.831  6.690   1.000 34.678 0 332 HOH B O   1 ? 
HETATM 1303 O  O   . HOH H 3 .  ? 0.690   12.912  -4.257  1.000 28.801 0 333 HOH B O   1 ? 
HETATM 1304 O  O   . HOH H 3 .  ? -10.821 14.599  13.465  1.000 27.037 0 334 HOH B O   1 ? 
HETATM 1305 O  O   . HOH H 3 .  ? -8.464  19.397  3.804   1.000 29.529 0 335 HOH B O   1 ? 
HETATM 1306 O  O   . HOH H 3 .  ? -13.299 11.787  -4.415  1.000 36.556 0 336 HOH B O   1 ? 
HETATM 1307 O  O   . HOH H 3 .  ? -9.396  0.091   -9.772  1.000 28.906 0 337 HOH B O   1 ? 
HETATM 1308 O  O   . HOH H 3 .  ? -3.412  20.555  -3.072  1.000 23.940 0 338 HOH B O   1 ? 
HETATM 1309 O  O   . HOH H 3 .  ? -6.316  -0.641  -9.482  1.000 22.418 0 339 HOH B O   1 ? 
HETATM 1310 O  O   . HOH H 3 .  ? -8.083  16.547  -3.995  1.000 25.604 0 340 HOH B O   1 ? 
HETATM 1311 O  O   . HOH H 3 .  ? 0.734   16.243  1.380   1.000 17.226 0 341 HOH B O   1 ? 
HETATM 1312 O  O   . HOH H 3 .  ? -18.360 3.579   -3.796  1.000 17.024 0 342 HOH B O   1 ? 
HETATM 1313 O  O   . HOH H 3 .  ? 0.532   19.965  14.271  1.000 36.466 0 343 HOH B O   1 ? 
HETATM 1314 O  O   . HOH H 3 .  ? -5.862  -3.626  -6.525  1.000 20.239 0 344 HOH B O   1 ? 
HETATM 1315 O  O   . HOH H 3 .  ? -17.672 -13.959 0.283   1.000 23.347 0 345 HOH B O   1 ? 
HETATM 1316 O  O   . HOH H 3 .  ? -15.888 16.207  3.148   1.000 40.320 0 346 HOH B O   1 ? 
HETATM 1317 O  O   . HOH H 3 .  ? -9.361  -7.298  2.239   1.000 23.916 0 347 HOH B O   1 ? 
HETATM 1318 O  O   . HOH H 3 .  ? -20.323 8.476   -1.705  1.000 28.770 0 348 HOH B O   1 ? 
HETATM 1319 O  O   . HOH H 3 .  ? 0.211   18.390  7.730   1.000 17.773 0 349 HOH B O   1 ? 
HETATM 1320 O  O   . HOH H 3 .  ? -4.464  21.280  2.330   1.000 32.979 0 350 HOH B O   1 ? 
HETATM 1321 O  O   . HOH H 3 .  ? -12.164 -5.253  -7.574  1.000 27.490 0 351 HOH B O   1 ? 
HETATM 1322 O  O   . HOH H 3 .  ? -4.383  3.686   -13.099 1.000 33.869 0 352 HOH B O   1 ? 
HETATM 1323 O  O   . HOH H 3 .  ? -5.049  11.113  10.505  1.000 23.906 0 353 HOH B O   1 ? 
HETATM 1324 O  O   . HOH H 3 .  ? -12.194 2.958   7.610   1.000 18.332 0 354 HOH B O   1 ? 
HETATM 1325 O  O   . HOH H 3 .  ? 1.439   3.940   -17.613 1.000 35.667 0 355 HOH B O   1 ? 
HETATM 1326 O  O   . HOH H 3 .  ? -1.430  20.839  -4.275  1.000 36.755 0 356 HOH B O   1 ? 
HETATM 1327 O  O   . HOH H 3 .  ? -22.327 10.780  4.534   1.000 31.672 0 357 HOH B O   1 ? 
HETATM 1328 O  O   . HOH H 3 .  ? -3.080  9.375   12.118  1.000 30.461 0 358 HOH B O   1 ? 
HETATM 1329 O  O   . HOH H 3 .  ? -2.994  -2.818  -8.124  1.000 32.080 0 359 HOH B O   1 ? 
HETATM 1330 O  O   . HOH H 3 .  ? -2.791  23.060  1.413   1.000 30.590 0 360 HOH B O   1 ? 
HETATM 1331 O  O   . HOH H 3 .  ? -10.831 14.095  -4.974  1.000 37.496 0 361 HOH B O   1 ? 
HETATM 1332 O  O   . HOH H 3 .  ? -9.768  19.035  9.952   1.000 38.363 0 362 HOH B O   1 ? 
HETATM 1333 O  O   . HOH H 3 .  ? 1.697   12.607  9.782   1.000 27.098 0 363 HOH B O   1 ? 
HETATM 1334 O  O   . HOH H 3 .  ? -12.881 24.219  4.627   1.000 52.499 0 364 HOH B O   1 ? 
# 
loop_
_pdbx_poly_seq_scheme.asym_id 
_pdbx_poly_seq_scheme.entity_id 
_pdbx_poly_seq_scheme.seq_id 
_pdbx_poly_seq_scheme.mon_id 
_pdbx_poly_seq_scheme.ndb_seq_num 
_pdbx_poly_seq_scheme.pdb_seq_num 
_pdbx_poly_seq_scheme.auth_seq_num 
_pdbx_poly_seq_scheme.pdb_mon_id 
_pdbx_poly_seq_scheme.auth_mon_id 
_pdbx_poly_seq_scheme.pdb_strand_id 
_pdbx_poly_seq_scheme.pdb_ins_code 
_pdbx_poly_seq_scheme.hetero 
A 1 1  GLY 1  110 110 GLY GLY A . n 
A 1 2  HIS 2  111 111 HIS HIS A . n 
A 1 3  MET 3  112 112 MET MET A . n 
A 1 4  VAL 4  113 113 VAL VAL A . n 
A 1 5  VAL 5  114 114 VAL VAL A . n 
A 1 6  GLU 6  115 115 GLU GLU A . n 
A 1 7  TYR 7  116 116 TYR TYR A . n 
A 1 8  CYS 8  117 117 CYS CYS A . n 
A 1 9  VAL 9  118 118 VAL VAL A . n 
A 1 10 VAL 10 119 119 VAL VAL A . n 
A 1 11 CYS 11 120 120 CYS CYS A . n 
A 1 12 GLY 12 121 121 GLY GLY A . n 
A 1 13 ASP 13 122 122 ASP ASP A . n 
A 1 14 LYS 14 123 123 LYS LYS A . n 
A 1 15 ALA 15 124 124 ALA ALA A . n 
A 1 16 SER 16 125 125 SER SER A . n 
A 1 17 GLY 17 126 126 GLY GLY A . n 
A 1 18 ARG 18 127 127 ARG ARG A . n 
A 1 19 HIS 19 128 128 HIS HIS A . n 
A 1 20 TYR 20 129 129 TYR TYR A . n 
A 1 21 GLY 21 130 130 GLY GLY A . n 
A 1 22 ALA 22 131 131 ALA ALA A . n 
A 1 23 VAL 23 132 132 VAL VAL A . n 
A 1 24 SER 24 133 133 SER SER A . n 
A 1 25 CYS 25 134 134 CYS CYS A . n 
A 1 26 GLU 26 135 135 GLU GLU A . n 
A 1 27 GLY 27 136 136 GLY GLY A . n 
A 1 28 CYS 28 137 137 CYS CYS A . n 
A 1 29 LYS 29 138 138 LYS LYS A . n 
A 1 30 GLY 30 139 139 GLY GLY A . n 
A 1 31 PHE 31 140 140 PHE PHE A . n 
A 1 32 PHE 32 141 141 PHE PHE A . n 
A 1 33 LYS 33 142 142 LYS LYS A . n 
A 1 34 ARG 34 143 143 ARG ARG A . n 
A 1 35 SER 35 144 144 SER SER A . n 
A 1 36 VAL 36 145 145 VAL VAL A . n 
A 1 37 ARG 37 146 146 ARG ARG A . n 
A 1 38 LYS 38 147 147 LYS LYS A . n 
A 1 39 ASN 39 148 148 ASN ASN A . n 
A 1 40 LEU 40 149 149 LEU LEU A . n 
A 1 41 THR 41 150 150 THR THR A . n 
A 1 42 TYR 42 151 151 TYR TYR A . n 
A 1 43 SER 43 152 152 SER SER A . n 
A 1 44 CYS 44 153 153 CYS CYS A . n 
A 1 45 ARG 45 154 154 ARG ARG A . n 
A 1 46 SER 46 155 155 SER SER A . n 
A 1 47 ASN 47 156 156 ASN ASN A . n 
A 1 48 GLN 48 157 157 GLN GLN A . n 
A 1 49 ASP 49 158 158 ASP ASP A . n 
A 1 50 CYS 50 159 159 CYS CYS A . n 
A 1 51 ILE 51 160 160 ILE ILE A . n 
A 1 52 ILE 52 161 161 ILE ILE A . n 
A 1 53 ASN 53 162 162 ASN ASN A . n 
A 1 54 LYS 54 163 163 LYS LYS A . n 
A 1 55 HIS 55 164 164 HIS HIS A . n 
A 1 56 HIS 56 165 165 HIS HIS A . n 
A 1 57 ARG 57 166 166 ARG ARG A . n 
A 1 58 ASN 58 167 167 ASN ASN A . n 
A 1 59 ARG 59 168 168 ARG ARG A . n 
A 1 60 CYS 60 169 169 CYS CYS A . n 
A 1 61 GLN 61 170 170 GLN GLN A . n 
A 1 62 PHE 62 171 171 PHE PHE A . n 
A 1 63 CYS 63 172 172 CYS CYS A . n 
A 1 64 ARG 64 173 173 ARG ARG A . n 
A 1 65 LEU 65 174 174 LEU LEU A . n 
A 1 66 LYS 66 175 175 LYS LYS A . n 
A 1 67 LYS 67 176 176 LYS LYS A . n 
A 1 68 CYS 68 177 177 CYS CYS A . n 
A 1 69 LEU 69 178 178 LEU LEU A . n 
A 1 70 GLU 70 179 179 GLU GLU A . n 
A 1 71 MET 71 180 180 MET MET A . n 
A 1 72 GLY 72 181 181 GLY GLY A . n 
A 1 73 MET 73 182 182 MET MET A . n 
A 1 74 LYS 74 183 183 LYS LYS A . n 
A 1 75 MET 75 184 184 MET MET A . n 
A 1 76 GLU 76 185 185 GLU GLU A . n 
A 1 77 SER 77 186 186 SER SER A . n 
A 1 78 VAL 78 187 187 VAL VAL A . n 
A 1 79 GLN 79 188 188 GLN GLN A . n 
A 1 80 SER 80 189 189 SER SER A . n 
B 1 1  GLY 1  110 110 GLY GLY B . n 
B 1 2  HIS 2  111 111 HIS HIS B . n 
B 1 3  MET 3  112 112 MET MET B . n 
B 1 4  VAL 4  113 113 VAL VAL B . n 
B 1 5  VAL 5  114 114 VAL VAL B . n 
B 1 6  GLU 6  115 115 GLU GLU B . n 
B 1 7  TYR 7  116 116 TYR TYR B . n 
B 1 8  CYS 8  117 117 CYS CYS B . n 
B 1 9  VAL 9  118 118 VAL VAL B . n 
B 1 10 VAL 10 119 119 VAL VAL B . n 
B 1 11 CYS 11 120 120 CYS CYS B . n 
B 1 12 GLY 12 121 121 GLY GLY B . n 
B 1 13 ASP 13 122 122 ASP ASP B . n 
B 1 14 LYS 14 123 123 LYS LYS B . n 
B 1 15 ALA 15 124 124 ALA ALA B . n 
B 1 16 SER 16 125 125 SER SER B . n 
B 1 17 GLY 17 126 126 GLY GLY B . n 
B 1 18 ARG 18 127 127 ARG ARG B . n 
B 1 19 HIS 19 128 128 HIS HIS B . n 
B 1 20 TYR 20 129 129 TYR TYR B . n 
B 1 21 GLY 21 130 130 GLY GLY B . n 
B 1 22 ALA 22 131 131 ALA ALA B . n 
B 1 23 VAL 23 132 132 VAL VAL B . n 
B 1 24 SER 24 133 133 SER SER B . n 
B 1 25 CYS 25 134 134 CYS CYS B . n 
B 1 26 GLU 26 135 135 GLU GLU B . n 
B 1 27 GLY 27 136 136 GLY GLY B . n 
B 1 28 CYS 28 137 137 CYS CYS B . n 
B 1 29 LYS 29 138 138 LYS LYS B . n 
B 1 30 GLY 30 139 139 GLY GLY B . n 
B 1 31 PHE 31 140 140 PHE PHE B . n 
B 1 32 PHE 32 141 141 PHE PHE B . n 
B 1 33 LYS 33 142 142 LYS LYS B . n 
B 1 34 ARG 34 143 143 ARG ARG B . n 
B 1 35 SER 35 144 144 SER SER B . n 
B 1 36 VAL 36 145 145 VAL VAL B . n 
B 1 37 ARG 37 146 146 ARG ARG B . n 
B 1 38 LYS 38 147 147 LYS LYS B . n 
B 1 39 ASN 39 148 148 ASN ASN B . n 
B 1 40 LEU 40 149 149 LEU LEU B . n 
B 1 41 THR 41 150 150 THR THR B . n 
B 1 42 TYR 42 151 151 TYR TYR B . n 
B 1 43 SER 43 152 152 SER SER B . n 
B 1 44 CYS 44 153 153 CYS CYS B . n 
B 1 45 ARG 45 154 154 ARG ARG B . n 
B 1 46 SER 46 155 155 SER SER B . n 
B 1 47 ASN 47 156 156 ASN ASN B . n 
B 1 48 GLN 48 157 157 GLN GLN B . n 
B 1 49 ASP 49 158 158 ASP ASP B . n 
B 1 50 CYS 50 159 159 CYS CYS B . n 
B 1 51 ILE 51 160 160 ILE ILE B . n 
B 1 52 ILE 52 161 161 ILE ILE B . n 
B 1 53 ASN 53 162 162 ASN ASN B . n 
B 1 54 LYS 54 163 163 LYS LYS B . n 
B 1 55 HIS 55 164 164 HIS HIS B . n 
B 1 56 HIS 56 165 165 HIS HIS B . n 
B 1 57 ARG 57 166 166 ARG ARG B . n 
B 1 58 ASN 58 167 167 ASN ASN B . n 
B 1 59 ARG 59 168 168 ARG ARG B . n 
B 1 60 CYS 60 169 169 CYS CYS B . n 
B 1 61 GLN 61 170 170 GLN GLN B . n 
B 1 62 PHE 62 171 171 PHE PHE B . n 
B 1 63 CYS 63 172 172 CYS CYS B . n 
B 1 64 ARG 64 173 173 ARG ARG B . n 
B 1 65 LEU 65 174 174 LEU LEU B . n 
B 1 66 LYS 66 175 175 LYS LYS B . n 
B 1 67 LYS 67 176 176 LYS LYS B . n 
B 1 68 CYS 68 177 177 CYS CYS B . n 
B 1 69 LEU 69 178 178 LEU LEU B . n 
B 1 70 GLU 70 179 179 GLU GLU B . n 
B 1 71 MET 71 180 180 MET MET B . n 
B 1 72 GLY 72 181 181 GLY GLY B . n 
B 1 73 MET 73 182 182 MET MET B . n 
B 1 74 LYS 74 183 183 LYS LYS B . n 
B 1 75 MET 75 184 184 MET MET B . n 
B 1 76 GLU 76 185 185 GLU GLU B . n 
B 1 77 SER 77 186 186 SER SER B . n 
B 1 78 VAL 78 187 187 VAL VAL B . n 
B 1 79 GLN 79 188 188 GLN GLN B . n 
B 1 80 SER 80 189 189 SER SER B . n 
# 
_pdbx_contact_author.id                 2 
_pdbx_contact_author.email              ylliu@cau.edu.cn 
_pdbx_contact_author.name_first         Zhongzhou 
_pdbx_contact_author.name_last          Chen 
_pdbx_contact_author.name_mi            ? 
_pdbx_contact_author.role               'principal investigator/group leader' 
_pdbx_contact_author.identifier_ORCID   0000-0003-1319-9664 
# 
loop_
_pdbx_nonpoly_scheme.asym_id 
_pdbx_nonpoly_scheme.entity_id 
_pdbx_nonpoly_scheme.mon_id 
_pdbx_nonpoly_scheme.ndb_seq_num 
_pdbx_nonpoly_scheme.pdb_seq_num 
_pdbx_nonpoly_scheme.auth_seq_num 
_pdbx_nonpoly_scheme.pdb_mon_id 
_pdbx_nonpoly_scheme.auth_mon_id 
_pdbx_nonpoly_scheme.pdb_strand_id 
_pdbx_nonpoly_scheme.pdb_ins_code 
C 2 ZN  1  201 212 ZN  ZN  A . 
D 2 ZN  1  202 213 ZN  ZN  A . 
E 2 ZN  1  201 212 ZN  ZN  B . 
F 2 ZN  1  202 213 ZN  ZN  B . 
G 3 HOH 1  301 96  HOH HOH A . 
G 3 HOH 2  302 123 HOH HOH A . 
G 3 HOH 3  303 82  HOH HOH A . 
G 3 HOH 4  304 119 HOH HOH A . 
G 3 HOH 5  305 88  HOH HOH A . 
G 3 HOH 6  306 38  HOH HOH A . 
G 3 HOH 7  307 92  HOH HOH A . 
G 3 HOH 8  308 6   HOH HOH A . 
G 3 HOH 9  309 56  HOH HOH A . 
G 3 HOH 10 310 54  HOH HOH A . 
G 3 HOH 11 311 17  HOH HOH A . 
G 3 HOH 12 312 87  HOH HOH A . 
G 3 HOH 13 313 73  HOH HOH A . 
G 3 HOH 14 314 24  HOH HOH A . 
G 3 HOH 15 315 45  HOH HOH A . 
G 3 HOH 16 316 21  HOH HOH A . 
G 3 HOH 17 317 68  HOH HOH A . 
G 3 HOH 18 318 7   HOH HOH A . 
G 3 HOH 19 319 42  HOH HOH A . 
G 3 HOH 20 320 31  HOH HOH A . 
G 3 HOH 21 321 90  HOH HOH A . 
G 3 HOH 22 322 46  HOH HOH A . 
G 3 HOH 23 323 108 HOH HOH A . 
G 3 HOH 24 324 20  HOH HOH A . 
G 3 HOH 25 325 77  HOH HOH A . 
G 3 HOH 26 326 75  HOH HOH A . 
G 3 HOH 27 327 124 HOH HOH A . 
G 3 HOH 28 328 74  HOH HOH A . 
G 3 HOH 29 329 127 HOH HOH A . 
G 3 HOH 30 330 134 HOH HOH A . 
G 3 HOH 31 331 61  HOH HOH A . 
G 3 HOH 32 332 94  HOH HOH A . 
G 3 HOH 33 333 18  HOH HOH A . 
G 3 HOH 34 334 1   HOH HOH A . 
G 3 HOH 35 335 23  HOH HOH A . 
G 3 HOH 36 336 126 HOH HOH A . 
G 3 HOH 37 337 53  HOH HOH A . 
G 3 HOH 38 338 12  HOH HOH A . 
G 3 HOH 39 339 131 HOH HOH A . 
G 3 HOH 40 340 11  HOH HOH A . 
G 3 HOH 41 341 41  HOH HOH A . 
G 3 HOH 42 342 95  HOH HOH A . 
G 3 HOH 43 343 69  HOH HOH A . 
G 3 HOH 44 344 93  HOH HOH A . 
G 3 HOH 45 345 32  HOH HOH A . 
G 3 HOH 46 346 71  HOH HOH A . 
G 3 HOH 47 347 36  HOH HOH A . 
G 3 HOH 48 348 103 HOH HOH A . 
G 3 HOH 49 349 9   HOH HOH A . 
G 3 HOH 50 350 111 HOH HOH A . 
G 3 HOH 51 351 81  HOH HOH A . 
G 3 HOH 52 352 8   HOH HOH A . 
G 3 HOH 53 353 10  HOH HOH A . 
G 3 HOH 54 354 22  HOH HOH A . 
G 3 HOH 55 355 63  HOH HOH A . 
G 3 HOH 56 356 2   HOH HOH A . 
G 3 HOH 57 357 101 HOH HOH A . 
G 3 HOH 58 358 97  HOH HOH A . 
G 3 HOH 59 359 115 HOH HOH A . 
G 3 HOH 60 360 55  HOH HOH A . 
G 3 HOH 61 361 89  HOH HOH A . 
G 3 HOH 62 362 83  HOH HOH A . 
G 3 HOH 63 363 118 HOH HOH A . 
G 3 HOH 64 364 16  HOH HOH A . 
G 3 HOH 65 365 5   HOH HOH A . 
G 3 HOH 66 366 86  HOH HOH A . 
G 3 HOH 67 367 72  HOH HOH A . 
G 3 HOH 68 368 121 HOH HOH A . 
H 3 HOH 1  301 33  HOH HOH B . 
H 3 HOH 2  302 76  HOH HOH B . 
H 3 HOH 3  303 48  HOH HOH B . 
H 3 HOH 4  304 125 HOH HOH B . 
H 3 HOH 5  305 113 HOH HOH B . 
H 3 HOH 6  306 47  HOH HOH B . 
H 3 HOH 7  307 122 HOH HOH B . 
H 3 HOH 8  308 91  HOH HOH B . 
H 3 HOH 9  309 102 HOH HOH B . 
H 3 HOH 10 310 35  HOH HOH B . 
H 3 HOH 11 311 59  HOH HOH B . 
H 3 HOH 12 312 100 HOH HOH B . 
H 3 HOH 13 313 3   HOH HOH B . 
H 3 HOH 14 314 62  HOH HOH B . 
H 3 HOH 15 315 52  HOH HOH B . 
H 3 HOH 16 316 50  HOH HOH B . 
H 3 HOH 17 317 64  HOH HOH B . 
H 3 HOH 18 318 39  HOH HOH B . 
H 3 HOH 19 319 60  HOH HOH B . 
H 3 HOH 20 320 106 HOH HOH B . 
H 3 HOH 21 321 15  HOH HOH B . 
H 3 HOH 22 322 28  HOH HOH B . 
H 3 HOH 23 323 19  HOH HOH B . 
H 3 HOH 24 324 78  HOH HOH B . 
H 3 HOH 25 325 129 HOH HOH B . 
H 3 HOH 26 326 116 HOH HOH B . 
H 3 HOH 27 327 51  HOH HOH B . 
H 3 HOH 28 328 70  HOH HOH B . 
H 3 HOH 29 329 27  HOH HOH B . 
H 3 HOH 30 330 34  HOH HOH B . 
H 3 HOH 31 331 79  HOH HOH B . 
H 3 HOH 32 332 132 HOH HOH B . 
H 3 HOH 33 333 65  HOH HOH B . 
H 3 HOH 34 334 58  HOH HOH B . 
H 3 HOH 35 335 109 HOH HOH B . 
H 3 HOH 36 336 99  HOH HOH B . 
H 3 HOH 37 337 29  HOH HOH B . 
H 3 HOH 38 338 66  HOH HOH B . 
H 3 HOH 39 339 40  HOH HOH B . 
H 3 HOH 40 340 105 HOH HOH B . 
H 3 HOH 41 341 13  HOH HOH B . 
H 3 HOH 42 342 67  HOH HOH B . 
H 3 HOH 43 343 128 HOH HOH B . 
H 3 HOH 44 344 57  HOH HOH B . 
H 3 HOH 45 345 4   HOH HOH B . 
H 3 HOH 46 346 133 HOH HOH B . 
H 3 HOH 47 347 107 HOH HOH B . 
H 3 HOH 48 348 30  HOH HOH B . 
H 3 HOH 49 349 44  HOH HOH B . 
H 3 HOH 50 350 130 HOH HOH B . 
H 3 HOH 51 351 49  HOH HOH B . 
H 3 HOH 52 352 114 HOH HOH B . 
H 3 HOH 53 353 14  HOH HOH B . 
H 3 HOH 54 354 26  HOH HOH B . 
H 3 HOH 55 355 80  HOH HOH B . 
H 3 HOH 56 356 37  HOH HOH B . 
H 3 HOH 57 357 117 HOH HOH B . 
H 3 HOH 58 358 98  HOH HOH B . 
H 3 HOH 59 359 84  HOH HOH B . 
H 3 HOH 60 360 43  HOH HOH B . 
H 3 HOH 61 361 25  HOH HOH B . 
H 3 HOH 62 362 104 HOH HOH B . 
H 3 HOH 63 363 110 HOH HOH B . 
H 3 HOH 64 364 120 HOH HOH B . 
# 
_pdbx_struct_assembly.id                   1 
_pdbx_struct_assembly.details              author_defined_assembly 
_pdbx_struct_assembly.method_details       ? 
_pdbx_struct_assembly.oligomeric_details   dimeric 
_pdbx_struct_assembly.oligomeric_count     2 
# 
_pdbx_struct_assembly_gen.assembly_id       1 
_pdbx_struct_assembly_gen.oper_expression   1 
_pdbx_struct_assembly_gen.asym_id_list      A,B,C,D,E,F,G,H 
# 
loop_
_pdbx_struct_assembly_prop.biol_id 
_pdbx_struct_assembly_prop.type 
_pdbx_struct_assembly_prop.value 
_pdbx_struct_assembly_prop.details 
1 'ABSA (A^2)' 910  ? 
1 MORE         -8   ? 
1 'SSA (A^2)'  9520 ? 
# 
_pdbx_struct_oper_list.id                   1 
_pdbx_struct_oper_list.type                 'identity operation' 
_pdbx_struct_oper_list.name                 1_555 
_pdbx_struct_oper_list.symmetry_operation   x,y,z 
_pdbx_struct_oper_list.matrix[1][1]         1.0000000000 
_pdbx_struct_oper_list.matrix[1][2]         0.0000000000 
_pdbx_struct_oper_list.matrix[1][3]         0.0000000000 
_pdbx_struct_oper_list.vector[1]            0.0000000000 
_pdbx_struct_oper_list.matrix[2][1]         0.0000000000 
_pdbx_struct_oper_list.matrix[2][2]         1.0000000000 
_pdbx_struct_oper_list.matrix[2][3]         0.0000000000 
_pdbx_struct_oper_list.vector[2]            0.0000000000 
_pdbx_struct_oper_list.matrix[3][1]         0.0000000000 
_pdbx_struct_oper_list.matrix[3][2]         0.0000000000 
_pdbx_struct_oper_list.matrix[3][3]         1.0000000000 
_pdbx_struct_oper_list.vector[3]            0.0000000000 
# 
loop_
_pdbx_struct_conn_angle.id 
_pdbx_struct_conn_angle.ptnr1_label_atom_id 
_pdbx_struct_conn_angle.ptnr1_label_alt_id 
_pdbx_struct_conn_angle.ptnr1_label_asym_id 
_pdbx_struct_conn_angle.ptnr1_label_comp_id 
_pdbx_struct_conn_angle.ptnr1_label_seq_id 
_pdbx_struct_conn_angle.ptnr1_auth_atom_id 
_pdbx_struct_conn_angle.ptnr1_auth_asym_id 
_pdbx_struct_conn_angle.ptnr1_auth_comp_id 
_pdbx_struct_conn_angle.ptnr1_auth_seq_id 
_pdbx_struct_conn_angle.ptnr1_PDB_ins_code 
_pdbx_struct_conn_angle.ptnr1_symmetry 
_pdbx_struct_conn_angle.ptnr2_label_atom_id 
_pdbx_struct_conn_angle.ptnr2_label_alt_id 
_pdbx_struct_conn_angle.ptnr2_label_asym_id 
_pdbx_struct_conn_angle.ptnr2_label_comp_id 
_pdbx_struct_conn_angle.ptnr2_label_seq_id 
_pdbx_struct_conn_angle.ptnr2_auth_atom_id 
_pdbx_struct_conn_angle.ptnr2_auth_asym_id 
_pdbx_struct_conn_angle.ptnr2_auth_comp_id 
_pdbx_struct_conn_angle.ptnr2_auth_seq_id 
_pdbx_struct_conn_angle.ptnr2_PDB_ins_code 
_pdbx_struct_conn_angle.ptnr2_symmetry 
_pdbx_struct_conn_angle.ptnr3_label_atom_id 
_pdbx_struct_conn_angle.ptnr3_label_alt_id 
_pdbx_struct_conn_angle.ptnr3_label_asym_id 
_pdbx_struct_conn_angle.ptnr3_label_comp_id 
_pdbx_struct_conn_angle.ptnr3_label_seq_id 
_pdbx_struct_conn_angle.ptnr3_auth_atom_id 
_pdbx_struct_conn_angle.ptnr3_auth_asym_id 
_pdbx_struct_conn_angle.ptnr3_auth_comp_id 
_pdbx_struct_conn_angle.ptnr3_auth_seq_id 
_pdbx_struct_conn_angle.ptnr3_PDB_ins_code 
_pdbx_struct_conn_angle.ptnr3_symmetry 
_pdbx_struct_conn_angle.value 
_pdbx_struct_conn_angle.value_esd 
1  SG ? A CYS 8  ? A CYS 117 ? 1_555 ZN ? C ZN . ? A ZN 201 ? 1_555 SG ? A CYS 11 ? A CYS 120 ? 1_555 112.3 ? 
2  SG ? A CYS 8  ? A CYS 117 ? 1_555 ZN ? C ZN . ? A ZN 201 ? 1_555 SG ? A CYS 25 ? A CYS 134 ? 1_555 114.1 ? 
3  SG ? A CYS 11 ? A CYS 120 ? 1_555 ZN ? C ZN . ? A ZN 201 ? 1_555 SG ? A CYS 25 ? A CYS 134 ? 1_555 105.8 ? 
4  SG ? A CYS 8  ? A CYS 117 ? 1_555 ZN ? C ZN . ? A ZN 201 ? 1_555 SG ? A CYS 28 ? A CYS 137 ? 1_555 107.2 ? 
5  SG ? A CYS 11 ? A CYS 120 ? 1_555 ZN ? C ZN . ? A ZN 201 ? 1_555 SG ? A CYS 28 ? A CYS 137 ? 1_555 115.7 ? 
6  SG ? A CYS 25 ? A CYS 134 ? 1_555 ZN ? C ZN . ? A ZN 201 ? 1_555 SG ? A CYS 28 ? A CYS 137 ? 1_555 101.5 ? 
7  SG ? A CYS 44 ? A CYS 153 ? 1_555 ZN ? D ZN . ? A ZN 202 ? 1_555 SG ? A CYS 50 ? A CYS 159 ? 1_555 104.8 ? 
8  SG ? A CYS 44 ? A CYS 153 ? 1_555 ZN ? D ZN . ? A ZN 202 ? 1_555 SG ? A CYS 60 ? A CYS 169 ? 1_555 111.0 ? 
9  SG ? A CYS 50 ? A CYS 159 ? 1_555 ZN ? D ZN . ? A ZN 202 ? 1_555 SG ? A CYS 60 ? A CYS 169 ? 1_555 115.6 ? 
10 SG ? A CYS 44 ? A CYS 153 ? 1_555 ZN ? D ZN . ? A ZN 202 ? 1_555 SG ? A CYS 63 ? A CYS 172 ? 1_555 113.1 ? 
11 SG ? A CYS 50 ? A CYS 159 ? 1_555 ZN ? D ZN . ? A ZN 202 ? 1_555 SG ? A CYS 63 ? A CYS 172 ? 1_555 107.9 ? 
12 SG ? A CYS 60 ? A CYS 169 ? 1_555 ZN ? D ZN . ? A ZN 202 ? 1_555 SG ? A CYS 63 ? A CYS 172 ? 1_555 104.6 ? 
13 SG ? B CYS 8  ? B CYS 117 ? 1_555 ZN ? E ZN . ? B ZN 201 ? 1_555 SG ? B CYS 11 ? B CYS 120 ? 1_555 112.2 ? 
14 SG ? B CYS 8  ? B CYS 117 ? 1_555 ZN ? E ZN . ? B ZN 201 ? 1_555 SG ? B CYS 25 ? B CYS 134 ? 1_555 114.4 ? 
15 SG ? B CYS 11 ? B CYS 120 ? 1_555 ZN ? E ZN . ? B ZN 201 ? 1_555 SG ? B CYS 25 ? B CYS 134 ? 1_555 107.1 ? 
16 SG ? B CYS 8  ? B CYS 117 ? 1_555 ZN ? E ZN . ? B ZN 201 ? 1_555 SG ? B CYS 28 ? B CYS 137 ? 1_555 107.0 ? 
17 SG ? B CYS 11 ? B CYS 120 ? 1_555 ZN ? E ZN . ? B ZN 201 ? 1_555 SG ? B CYS 28 ? B CYS 137 ? 1_555 114.6 ? 
18 SG ? B CYS 25 ? B CYS 134 ? 1_555 ZN ? E ZN . ? B ZN 201 ? 1_555 SG ? B CYS 28 ? B CYS 137 ? 1_555 101.2 ? 
19 SG ? B CYS 44 ? B CYS 153 ? 1_555 ZN ? F ZN . ? B ZN 202 ? 1_555 SG ? B CYS 50 ? B CYS 159 ? 1_555 104.3 ? 
20 SG ? B CYS 44 ? B CYS 153 ? 1_555 ZN ? F ZN . ? B ZN 202 ? 1_555 SG ? B CYS 60 ? B CYS 169 ? 1_555 109.7 ? 
21 SG ? B CYS 50 ? B CYS 159 ? 1_555 ZN ? F ZN . ? B ZN 202 ? 1_555 SG ? B CYS 60 ? B CYS 169 ? 1_555 114.6 ? 
22 SG ? B CYS 44 ? B CYS 153 ? 1_555 ZN ? F ZN . ? B ZN 202 ? 1_555 SG ? B CYS 63 ? B CYS 172 ? 1_555 113.1 ? 
23 SG ? B CYS 50 ? B CYS 159 ? 1_555 ZN ? F ZN . ? B ZN 202 ? 1_555 SG ? B CYS 63 ? B CYS 172 ? 1_555 109.8 ? 
24 SG ? B CYS 60 ? B CYS 169 ? 1_555 ZN ? F ZN . ? B ZN 202 ? 1_555 SG ? B CYS 63 ? B CYS 172 ? 1_555 105.5 ? 
# 
loop_
_pdbx_audit_revision_history.ordinal 
_pdbx_audit_revision_history.data_content_type 
_pdbx_audit_revision_history.major_revision 
_pdbx_audit_revision_history.minor_revision 
_pdbx_audit_revision_history.revision_date 
1 'Structure model' 1 0 2022-12-28 
2 'Structure model' 1 1 2023-02-01 
3 'Structure model' 1 2 2023-03-08 
4 'Structure model' 1 3 2023-11-29 
# 
_pdbx_audit_revision_details.ordinal             1 
_pdbx_audit_revision_details.revision_ordinal    1 
_pdbx_audit_revision_details.data_content_type   'Structure model' 
_pdbx_audit_revision_details.provider            repository 
_pdbx_audit_revision_details.type                'Initial release' 
_pdbx_audit_revision_details.description         ? 
_pdbx_audit_revision_details.details             ? 
# 
loop_
_pdbx_audit_revision_group.ordinal 
_pdbx_audit_revision_group.revision_ordinal 
_pdbx_audit_revision_group.data_content_type 
_pdbx_audit_revision_group.group 
1 2 'Structure model' 'Database references'    
2 3 'Structure model' 'Database references'    
3 4 'Structure model' 'Data collection'        
4 4 'Structure model' 'Refinement description' 
# 
loop_
_pdbx_audit_revision_category.ordinal 
_pdbx_audit_revision_category.revision_ordinal 
_pdbx_audit_revision_category.data_content_type 
_pdbx_audit_revision_category.category 
1 2 'Structure model' citation                      
2 2 'Structure model' citation_author               
3 3 'Structure model' citation                      
4 3 'Structure model' citation_author               
5 4 'Structure model' chem_comp_atom                
6 4 'Structure model' chem_comp_bond                
7 4 'Structure model' pdbx_initial_refinement_model 
# 
loop_
_pdbx_audit_revision_item.ordinal 
_pdbx_audit_revision_item.revision_ordinal 
_pdbx_audit_revision_item.data_content_type 
_pdbx_audit_revision_item.item 
1 2 'Structure model' '_citation.pdbx_database_id_DOI'    
2 2 'Structure model' '_citation.pdbx_database_id_PubMed' 
3 2 'Structure model' '_citation.title'                   
4 2 'Structure model' '_citation.year'                    
5 2 'Structure model' '_citation_author.identifier_ORCID' 
6 3 'Structure model' '_citation.journal_volume'          
7 3 'Structure model' '_citation.page_first'              
8 3 'Structure model' '_citation.page_last'               
9 3 'Structure model' '_citation_author.identifier_ORCID' 
# 
loop_
_software.citation_id 
_software.classification 
_software.compiler_name 
_software.compiler_version 
_software.contact_author 
_software.contact_author_email 
_software.date 
_software.description 
_software.dependencies 
_software.hardware 
_software.language 
_software.location 
_software.mods 
_software.name 
_software.os 
_software.os_version 
_software.type 
_software.version 
_software.pdbx_ordinal 
? refinement       ? ? ? ? ? ? ? ? ? ? ? REFMAC   ? ? ? 5.8.0267 1 
? 'data reduction' ? ? ? ? ? ? ? ? ? ? ? HKL-2000 ? ? ? .        2 
? 'data scaling'   ? ? ? ? ? ? ? ? ? ? ? HKL-2000 ? ? ? .        3 
? phasing          ? ? ? ? ? ? ? ? ? ? ? BALBES   ? ? ? .        4 
# 
_pdbx_entry_details.entry_id                 7XV9 
_pdbx_entry_details.nonpolymer_details       ? 
_pdbx_entry_details.sequence_details         ? 
_pdbx_entry_details.compound_details         ? 
_pdbx_entry_details.source_details           ? 
_pdbx_entry_details.has_ligand_of_interest   Y 
# 
_pdbx_validate_close_contact.id               1 
_pdbx_validate_close_contact.PDB_model_num    1 
_pdbx_validate_close_contact.auth_atom_id_1   O 
_pdbx_validate_close_contact.auth_asym_id_1   B 
_pdbx_validate_close_contact.auth_comp_id_1   HOH 
_pdbx_validate_close_contact.auth_seq_id_1    319 
_pdbx_validate_close_contact.PDB_ins_code_1   ? 
_pdbx_validate_close_contact.label_alt_id_1   ? 
_pdbx_validate_close_contact.auth_atom_id_2   O 
_pdbx_validate_close_contact.auth_asym_id_2   B 
_pdbx_validate_close_contact.auth_comp_id_2   HOH 
_pdbx_validate_close_contact.auth_seq_id_2    325 
_pdbx_validate_close_contact.PDB_ins_code_2   ? 
_pdbx_validate_close_contact.label_alt_id_2   ? 
_pdbx_validate_close_contact.dist             2.18 
# 
loop_
_pdbx_validate_torsion.id 
_pdbx_validate_torsion.PDB_model_num 
_pdbx_validate_torsion.auth_comp_id 
_pdbx_validate_torsion.auth_asym_id 
_pdbx_validate_torsion.auth_seq_id 
_pdbx_validate_torsion.PDB_ins_code 
_pdbx_validate_torsion.label_alt_id 
_pdbx_validate_torsion.phi 
_pdbx_validate_torsion.psi 
1 1 SER A 155 ? ? -103.36 -127.51 
2 1 ASP A 158 ? ? -141.45 26.48   
3 1 SER B 155 ? ? -108.29 -128.73 
4 1 ARG B 166 ? ? -37.85  -36.68  
# 
loop_
_pdbx_distant_solvent_atoms.id 
_pdbx_distant_solvent_atoms.PDB_model_num 
_pdbx_distant_solvent_atoms.auth_atom_id 
_pdbx_distant_solvent_atoms.label_alt_id 
_pdbx_distant_solvent_atoms.auth_asym_id 
_pdbx_distant_solvent_atoms.auth_comp_id 
_pdbx_distant_solvent_atoms.auth_seq_id 
_pdbx_distant_solvent_atoms.PDB_ins_code 
_pdbx_distant_solvent_atoms.neighbor_macromolecule_distance 
_pdbx_distant_solvent_atoms.neighbor_ligand_distance 
1 1 O ? A HOH 368 ? 5.96 . 
2 1 O ? B HOH 364 ? 5.81 . 
# 
loop_
_pdbx_unobs_or_zero_occ_atoms.id 
_pdbx_unobs_or_zero_occ_atoms.PDB_model_num 
_pdbx_unobs_or_zero_occ_atoms.polymer_flag 
_pdbx_unobs_or_zero_occ_atoms.occupancy_flag 
_pdbx_unobs_or_zero_occ_atoms.auth_asym_id 
_pdbx_unobs_or_zero_occ_atoms.auth_comp_id 
_pdbx_unobs_or_zero_occ_atoms.auth_seq_id 
_pdbx_unobs_or_zero_occ_atoms.PDB_ins_code 
_pdbx_unobs_or_zero_occ_atoms.auth_atom_id 
_pdbx_unobs_or_zero_occ_atoms.label_alt_id 
_pdbx_unobs_or_zero_occ_atoms.label_asym_id 
_pdbx_unobs_or_zero_occ_atoms.label_comp_id 
_pdbx_unobs_or_zero_occ_atoms.label_seq_id 
_pdbx_unobs_or_zero_occ_atoms.label_atom_id 
1  1 Y 1 A LYS 123 ? CG  ? A LYS 14 CG  
2  1 Y 1 A LYS 123 ? CD  ? A LYS 14 CD  
3  1 Y 1 A LYS 123 ? CE  ? A LYS 14 CE  
4  1 Y 1 A LYS 123 ? NZ  ? A LYS 14 NZ  
5  1 Y 1 A ARG 127 ? NH1 ? A ARG 18 NH1 
6  1 Y 1 A ARG 127 ? NH2 ? A ARG 18 NH2 
7  1 Y 1 A LYS 147 ? CE  ? A LYS 38 CE  
8  1 Y 1 A LYS 147 ? NZ  ? A LYS 38 NZ  
9  1 Y 1 A ARG 154 ? CG  ? A ARG 45 CG  
10 1 Y 1 A ARG 154 ? CD  ? A ARG 45 CD  
11 1 Y 1 A ARG 154 ? NE  ? A ARG 45 NE  
12 1 Y 1 A ARG 154 ? CZ  ? A ARG 45 CZ  
13 1 Y 1 A ARG 154 ? NH1 ? A ARG 45 NH1 
14 1 Y 1 A ARG 154 ? NH2 ? A ARG 45 NH2 
15 1 Y 1 A ASN 156 ? OD1 ? A ASN 47 OD1 
16 1 Y 1 A GLN 157 ? OE1 ? A GLN 48 OE1 
17 1 Y 1 A GLN 157 ? NE2 ? A GLN 48 NE2 
18 1 Y 1 A ILE 160 ? CG2 ? A ILE 51 CG2 
19 1 Y 1 A HIS 164 ? CG  ? A HIS 55 CG  
20 1 Y 1 A HIS 164 ? ND1 ? A HIS 55 ND1 
21 1 Y 1 A HIS 164 ? CD2 ? A HIS 55 CD2 
22 1 Y 1 A HIS 164 ? CE1 ? A HIS 55 CE1 
23 1 Y 1 A HIS 164 ? NE2 ? A HIS 55 NE2 
24 1 Y 1 A HIS 165 ? CB  ? A HIS 56 CB  
25 1 Y 1 A HIS 165 ? CG  ? A HIS 56 CG  
26 1 Y 1 A HIS 165 ? ND1 ? A HIS 56 ND1 
27 1 Y 1 A HIS 165 ? CD2 ? A HIS 56 CD2 
28 1 Y 1 A HIS 165 ? CE1 ? A HIS 56 CE1 
29 1 Y 1 A HIS 165 ? NE2 ? A HIS 56 NE2 
30 1 Y 1 A LYS 175 ? CE  ? A LYS 66 CE  
31 1 Y 1 A LYS 175 ? NZ  ? A LYS 66 NZ  
32 1 Y 1 A LYS 176 ? CE  ? A LYS 67 CE  
33 1 Y 1 A LYS 176 ? NZ  ? A LYS 67 NZ  
34 1 Y 1 A LYS 183 ? CE  ? A LYS 74 CE  
35 1 Y 1 A LYS 183 ? NZ  ? A LYS 74 NZ  
36 1 Y 1 A GLN 188 ? CB  ? A GLN 79 CB  
37 1 Y 1 A GLN 188 ? CG  ? A GLN 79 CG  
38 1 Y 1 A GLN 188 ? CD  ? A GLN 79 CD  
39 1 Y 1 A GLN 188 ? OE1 ? A GLN 79 OE1 
40 1 Y 1 A GLN 188 ? NE2 ? A GLN 79 NE2 
41 1 Y 1 A SER 189 ? O   ? A SER 80 O   
42 1 Y 1 B ARG 127 ? NH1 ? B ARG 18 NH1 
43 1 Y 1 B ARG 127 ? NH2 ? B ARG 18 NH2 
44 1 Y 1 B ARG 154 ? CG  ? B ARG 45 CG  
45 1 Y 1 B ARG 154 ? CD  ? B ARG 45 CD  
46 1 Y 1 B ARG 154 ? NE  ? B ARG 45 NE  
47 1 Y 1 B ARG 154 ? CZ  ? B ARG 45 CZ  
48 1 Y 1 B ARG 154 ? NH1 ? B ARG 45 NH1 
49 1 Y 1 B ARG 154 ? NH2 ? B ARG 45 NH2 
50 1 Y 1 B ASN 156 ? OD1 ? B ASN 47 OD1 
51 1 Y 1 B GLN 157 ? OE1 ? B GLN 48 OE1 
52 1 Y 1 B GLN 157 ? NE2 ? B GLN 48 NE2 
53 1 Y 1 B HIS 164 ? O   ? B HIS 55 O   
54 1 Y 1 B HIS 164 ? CG  ? B HIS 55 CG  
55 1 Y 1 B HIS 164 ? ND1 ? B HIS 55 ND1 
56 1 Y 1 B HIS 164 ? CD2 ? B HIS 55 CD2 
57 1 Y 1 B HIS 164 ? CE1 ? B HIS 55 CE1 
58 1 Y 1 B HIS 164 ? NE2 ? B HIS 55 NE2 
59 1 Y 1 B HIS 165 ? CG  ? B HIS 56 CG  
60 1 Y 1 B HIS 165 ? ND1 ? B HIS 56 ND1 
61 1 Y 1 B HIS 165 ? CD2 ? B HIS 56 CD2 
62 1 Y 1 B HIS 165 ? CE1 ? B HIS 56 CE1 
63 1 Y 1 B HIS 165 ? NE2 ? B HIS 56 NE2 
64 1 Y 1 B ARG 168 ? CD  ? B ARG 59 CD  
65 1 Y 1 B ARG 168 ? NE  ? B ARG 59 NE  
66 1 Y 1 B ARG 168 ? CZ  ? B ARG 59 CZ  
67 1 Y 1 B ARG 168 ? NH1 ? B ARG 59 NH1 
68 1 Y 1 B ARG 168 ? NH2 ? B ARG 59 NH2 
69 1 Y 1 B LYS 175 ? CE  ? B LYS 66 CE  
70 1 Y 1 B LYS 175 ? NZ  ? B LYS 66 NZ  
71 1 Y 1 B LYS 176 ? CE  ? B LYS 67 CE  
72 1 Y 1 B LYS 176 ? NZ  ? B LYS 67 NZ  
73 1 Y 1 B LYS 183 ? CE  ? B LYS 74 CE  
74 1 Y 1 B LYS 183 ? NZ  ? B LYS 74 NZ  
75 1 Y 1 B GLN 188 ? CB  ? B GLN 79 CB  
76 1 Y 1 B GLN 188 ? CG  ? B GLN 79 CG  
77 1 Y 1 B GLN 188 ? CD  ? B GLN 79 CD  
78 1 Y 1 B GLN 188 ? OE1 ? B GLN 79 OE1 
79 1 Y 1 B GLN 188 ? NE2 ? B GLN 79 NE2 
# 
loop_
_chem_comp_atom.comp_id 
_chem_comp_atom.atom_id 
_chem_comp_atom.type_symbol 
_chem_comp_atom.pdbx_aromatic_flag 
_chem_comp_atom.pdbx_stereo_config 
_chem_comp_atom.pdbx_ordinal 
ALA N    N  N N 1   
ALA CA   C  N S 2   
ALA C    C  N N 3   
ALA O    O  N N 4   
ALA CB   C  N N 5   
ALA OXT  O  N N 6   
ALA H    H  N N 7   
ALA H2   H  N N 8   
ALA HA   H  N N 9   
ALA HB1  H  N N 10  
ALA HB2  H  N N 11  
ALA HB3  H  N N 12  
ALA HXT  H  N N 13  
ARG N    N  N N 14  
ARG CA   C  N S 15  
ARG C    C  N N 16  
ARG O    O  N N 17  
ARG CB   C  N N 18  
ARG CG   C  N N 19  
ARG CD   C  N N 20  
ARG NE   N  N N 21  
ARG CZ   C  N N 22  
ARG NH1  N  N N 23  
ARG NH2  N  N N 24  
ARG OXT  O  N N 25  
ARG H    H  N N 26  
ARG H2   H  N N 27  
ARG HA   H  N N 28  
ARG HB2  H  N N 29  
ARG HB3  H  N N 30  
ARG HG2  H  N N 31  
ARG HG3  H  N N 32  
ARG HD2  H  N N 33  
ARG HD3  H  N N 34  
ARG HE   H  N N 35  
ARG HH11 H  N N 36  
ARG HH12 H  N N 37  
ARG HH21 H  N N 38  
ARG HH22 H  N N 39  
ARG HXT  H  N N 40  
ASN N    N  N N 41  
ASN CA   C  N S 42  
ASN C    C  N N 43  
ASN O    O  N N 44  
ASN CB   C  N N 45  
ASN CG   C  N N 46  
ASN OD1  O  N N 47  
ASN ND2  N  N N 48  
ASN OXT  O  N N 49  
ASN H    H  N N 50  
ASN H2   H  N N 51  
ASN HA   H  N N 52  
ASN HB2  H  N N 53  
ASN HB3  H  N N 54  
ASN HD21 H  N N 55  
ASN HD22 H  N N 56  
ASN HXT  H  N N 57  
ASP N    N  N N 58  
ASP CA   C  N S 59  
ASP C    C  N N 60  
ASP O    O  N N 61  
ASP CB   C  N N 62  
ASP CG   C  N N 63  
ASP OD1  O  N N 64  
ASP OD2  O  N N 65  
ASP OXT  O  N N 66  
ASP H    H  N N 67  
ASP H2   H  N N 68  
ASP HA   H  N N 69  
ASP HB2  H  N N 70  
ASP HB3  H  N N 71  
ASP HD2  H  N N 72  
ASP HXT  H  N N 73  
CYS N    N  N N 74  
CYS CA   C  N R 75  
CYS C    C  N N 76  
CYS O    O  N N 77  
CYS CB   C  N N 78  
CYS SG   S  N N 79  
CYS OXT  O  N N 80  
CYS H    H  N N 81  
CYS H2   H  N N 82  
CYS HA   H  N N 83  
CYS HB2  H  N N 84  
CYS HB3  H  N N 85  
CYS HG   H  N N 86  
CYS HXT  H  N N 87  
GLN N    N  N N 88  
GLN CA   C  N S 89  
GLN C    C  N N 90  
GLN O    O  N N 91  
GLN CB   C  N N 92  
GLN CG   C  N N 93  
GLN CD   C  N N 94  
GLN OE1  O  N N 95  
GLN NE2  N  N N 96  
GLN OXT  O  N N 97  
GLN H    H  N N 98  
GLN H2   H  N N 99  
GLN HA   H  N N 100 
GLN HB2  H  N N 101 
GLN HB3  H  N N 102 
GLN HG2  H  N N 103 
GLN HG3  H  N N 104 
GLN HE21 H  N N 105 
GLN HE22 H  N N 106 
GLN HXT  H  N N 107 
GLU N    N  N N 108 
GLU CA   C  N S 109 
GLU C    C  N N 110 
GLU O    O  N N 111 
GLU CB   C  N N 112 
GLU CG   C  N N 113 
GLU CD   C  N N 114 
GLU OE1  O  N N 115 
GLU OE2  O  N N 116 
GLU OXT  O  N N 117 
GLU H    H  N N 118 
GLU H2   H  N N 119 
GLU HA   H  N N 120 
GLU HB2  H  N N 121 
GLU HB3  H  N N 122 
GLU HG2  H  N N 123 
GLU HG3  H  N N 124 
GLU HE2  H  N N 125 
GLU HXT  H  N N 126 
GLY N    N  N N 127 
GLY CA   C  N N 128 
GLY C    C  N N 129 
GLY O    O  N N 130 
GLY OXT  O  N N 131 
GLY H    H  N N 132 
GLY H2   H  N N 133 
GLY HA2  H  N N 134 
GLY HA3  H  N N 135 
GLY HXT  H  N N 136 
HIS N    N  N N 137 
HIS CA   C  N S 138 
HIS C    C  N N 139 
HIS O    O  N N 140 
HIS CB   C  N N 141 
HIS CG   C  Y N 142 
HIS ND1  N  Y N 143 
HIS CD2  C  Y N 144 
HIS CE1  C  Y N 145 
HIS NE2  N  Y N 146 
HIS OXT  O  N N 147 
HIS H    H  N N 148 
HIS H2   H  N N 149 
HIS HA   H  N N 150 
HIS HB2  H  N N 151 
HIS HB3  H  N N 152 
HIS HD1  H  N N 153 
HIS HD2  H  N N 154 
HIS HE1  H  N N 155 
HIS HE2  H  N N 156 
HIS HXT  H  N N 157 
HOH O    O  N N 158 
HOH H1   H  N N 159 
HOH H2   H  N N 160 
ILE N    N  N N 161 
ILE CA   C  N S 162 
ILE C    C  N N 163 
ILE O    O  N N 164 
ILE CB   C  N S 165 
ILE CG1  C  N N 166 
ILE CG2  C  N N 167 
ILE CD1  C  N N 168 
ILE OXT  O  N N 169 
ILE H    H  N N 170 
ILE H2   H  N N 171 
ILE HA   H  N N 172 
ILE HB   H  N N 173 
ILE HG12 H  N N 174 
ILE HG13 H  N N 175 
ILE HG21 H  N N 176 
ILE HG22 H  N N 177 
ILE HG23 H  N N 178 
ILE HD11 H  N N 179 
ILE HD12 H  N N 180 
ILE HD13 H  N N 181 
ILE HXT  H  N N 182 
LEU N    N  N N 183 
LEU CA   C  N S 184 
LEU C    C  N N 185 
LEU O    O  N N 186 
LEU CB   C  N N 187 
LEU CG   C  N N 188 
LEU CD1  C  N N 189 
LEU CD2  C  N N 190 
LEU OXT  O  N N 191 
LEU H    H  N N 192 
LEU H2   H  N N 193 
LEU HA   H  N N 194 
LEU HB2  H  N N 195 
LEU HB3  H  N N 196 
LEU HG   H  N N 197 
LEU HD11 H  N N 198 
LEU HD12 H  N N 199 
LEU HD13 H  N N 200 
LEU HD21 H  N N 201 
LEU HD22 H  N N 202 
LEU HD23 H  N N 203 
LEU HXT  H  N N 204 
LYS N    N  N N 205 
LYS CA   C  N S 206 
LYS C    C  N N 207 
LYS O    O  N N 208 
LYS CB   C  N N 209 
LYS CG   C  N N 210 
LYS CD   C  N N 211 
LYS CE   C  N N 212 
LYS NZ   N  N N 213 
LYS OXT  O  N N 214 
LYS H    H  N N 215 
LYS H2   H  N N 216 
LYS HA   H  N N 217 
LYS HB2  H  N N 218 
LYS HB3  H  N N 219 
LYS HG2  H  N N 220 
LYS HG3  H  N N 221 
LYS HD2  H  N N 222 
LYS HD3  H  N N 223 
LYS HE2  H  N N 224 
LYS HE3  H  N N 225 
LYS HZ1  H  N N 226 
LYS HZ2  H  N N 227 
LYS HZ3  H  N N 228 
LYS HXT  H  N N 229 
MET N    N  N N 230 
MET CA   C  N S 231 
MET C    C  N N 232 
MET O    O  N N 233 
MET CB   C  N N 234 
MET CG   C  N N 235 
MET SD   S  N N 236 
MET CE   C  N N 237 
MET OXT  O  N N 238 
MET H    H  N N 239 
MET H2   H  N N 240 
MET HA   H  N N 241 
MET HB2  H  N N 242 
MET HB3  H  N N 243 
MET HG2  H  N N 244 
MET HG3  H  N N 245 
MET HE1  H  N N 246 
MET HE2  H  N N 247 
MET HE3  H  N N 248 
MET HXT  H  N N 249 
PHE N    N  N N 250 
PHE CA   C  N S 251 
PHE C    C  N N 252 
PHE O    O  N N 253 
PHE CB   C  N N 254 
PHE CG   C  Y N 255 
PHE CD1  C  Y N 256 
PHE CD2  C  Y N 257 
PHE CE1  C  Y N 258 
PHE CE2  C  Y N 259 
PHE CZ   C  Y N 260 
PHE OXT  O  N N 261 
PHE H    H  N N 262 
PHE H2   H  N N 263 
PHE HA   H  N N 264 
PHE HB2  H  N N 265 
PHE HB3  H  N N 266 
PHE HD1  H  N N 267 
PHE HD2  H  N N 268 
PHE HE1  H  N N 269 
PHE HE2  H  N N 270 
PHE HZ   H  N N 271 
PHE HXT  H  N N 272 
SER N    N  N N 273 
SER CA   C  N S 274 
SER C    C  N N 275 
SER O    O  N N 276 
SER CB   C  N N 277 
SER OG   O  N N 278 
SER OXT  O  N N 279 
SER H    H  N N 280 
SER H2   H  N N 281 
SER HA   H  N N 282 
SER HB2  H  N N 283 
SER HB3  H  N N 284 
SER HG   H  N N 285 
SER HXT  H  N N 286 
THR N    N  N N 287 
THR CA   C  N S 288 
THR C    C  N N 289 
THR O    O  N N 290 
THR CB   C  N R 291 
THR OG1  O  N N 292 
THR CG2  C  N N 293 
THR OXT  O  N N 294 
THR H    H  N N 295 
THR H2   H  N N 296 
THR HA   H  N N 297 
THR HB   H  N N 298 
THR HG1  H  N N 299 
THR HG21 H  N N 300 
THR HG22 H  N N 301 
THR HG23 H  N N 302 
THR HXT  H  N N 303 
TYR N    N  N N 304 
TYR CA   C  N S 305 
TYR C    C  N N 306 
TYR O    O  N N 307 
TYR CB   C  N N 308 
TYR CG   C  Y N 309 
TYR CD1  C  Y N 310 
TYR CD2  C  Y N 311 
TYR CE1  C  Y N 312 
TYR CE2  C  Y N 313 
TYR CZ   C  Y N 314 
TYR OH   O  N N 315 
TYR OXT  O  N N 316 
TYR H    H  N N 317 
TYR H2   H  N N 318 
TYR HA   H  N N 319 
TYR HB2  H  N N 320 
TYR HB3  H  N N 321 
TYR HD1  H  N N 322 
TYR HD2  H  N N 323 
TYR HE1  H  N N 324 
TYR HE2  H  N N 325 
TYR HH   H  N N 326 
TYR HXT  H  N N 327 
VAL N    N  N N 328 
VAL CA   C  N S 329 
VAL C    C  N N 330 
VAL O    O  N N 331 
VAL CB   C  N N 332 
VAL CG1  C  N N 333 
VAL CG2  C  N N 334 
VAL OXT  O  N N 335 
VAL H    H  N N 336 
VAL H2   H  N N 337 
VAL HA   H  N N 338 
VAL HB   H  N N 339 
VAL HG11 H  N N 340 
VAL HG12 H  N N 341 
VAL HG13 H  N N 342 
VAL HG21 H  N N 343 
VAL HG22 H  N N 344 
VAL HG23 H  N N 345 
VAL HXT  H  N N 346 
ZN  ZN   ZN N N 347 
# 
loop_
_chem_comp_bond.comp_id 
_chem_comp_bond.atom_id_1 
_chem_comp_bond.atom_id_2 
_chem_comp_bond.value_order 
_chem_comp_bond.pdbx_aromatic_flag 
_chem_comp_bond.pdbx_stereo_config 
_chem_comp_bond.pdbx_ordinal 
ALA N   CA   sing N N 1   
ALA N   H    sing N N 2   
ALA N   H2   sing N N 3   
ALA CA  C    sing N N 4   
ALA CA  CB   sing N N 5   
ALA CA  HA   sing N N 6   
ALA C   O    doub N N 7   
ALA C   OXT  sing N N 8   
ALA CB  HB1  sing N N 9   
ALA CB  HB2  sing N N 10  
ALA CB  HB3  sing N N 11  
ALA OXT HXT  sing N N 12  
ARG N   CA   sing N N 13  
ARG N   H    sing N N 14  
ARG N   H2   sing N N 15  
ARG CA  C    sing N N 16  
ARG CA  CB   sing N N 17  
ARG CA  HA   sing N N 18  
ARG C   O    doub N N 19  
ARG C   OXT  sing N N 20  
ARG CB  CG   sing N N 21  
ARG CB  HB2  sing N N 22  
ARG CB  HB3  sing N N 23  
ARG CG  CD   sing N N 24  
ARG CG  HG2  sing N N 25  
ARG CG  HG3  sing N N 26  
ARG CD  NE   sing N N 27  
ARG CD  HD2  sing N N 28  
ARG CD  HD3  sing N N 29  
ARG NE  CZ   sing N N 30  
ARG NE  HE   sing N N 31  
ARG CZ  NH1  sing N N 32  
ARG CZ  NH2  doub N N 33  
ARG NH1 HH11 sing N N 34  
ARG NH1 HH12 sing N N 35  
ARG NH2 HH21 sing N N 36  
ARG NH2 HH22 sing N N 37  
ARG OXT HXT  sing N N 38  
ASN N   CA   sing N N 39  
ASN N   H    sing N N 40  
ASN N   H2   sing N N 41  
ASN CA  C    sing N N 42  
ASN CA  CB   sing N N 43  
ASN CA  HA   sing N N 44  
ASN C   O    doub N N 45  
ASN C   OXT  sing N N 46  
ASN CB  CG   sing N N 47  
ASN CB  HB2  sing N N 48  
ASN CB  HB3  sing N N 49  
ASN CG  OD1  doub N N 50  
ASN CG  ND2  sing N N 51  
ASN ND2 HD21 sing N N 52  
ASN ND2 HD22 sing N N 53  
ASN OXT HXT  sing N N 54  
ASP N   CA   sing N N 55  
ASP N   H    sing N N 56  
ASP N   H2   sing N N 57  
ASP CA  C    sing N N 58  
ASP CA  CB   sing N N 59  
ASP CA  HA   sing N N 60  
ASP C   O    doub N N 61  
ASP C   OXT  sing N N 62  
ASP CB  CG   sing N N 63  
ASP CB  HB2  sing N N 64  
ASP CB  HB3  sing N N 65  
ASP CG  OD1  doub N N 66  
ASP CG  OD2  sing N N 67  
ASP OD2 HD2  sing N N 68  
ASP OXT HXT  sing N N 69  
CYS N   CA   sing N N 70  
CYS N   H    sing N N 71  
CYS N   H2   sing N N 72  
CYS CA  C    sing N N 73  
CYS CA  CB   sing N N 74  
CYS CA  HA   sing N N 75  
CYS C   O    doub N N 76  
CYS C   OXT  sing N N 77  
CYS CB  SG   sing N N 78  
CYS CB  HB2  sing N N 79  
CYS CB  HB3  sing N N 80  
CYS SG  HG   sing N N 81  
CYS OXT HXT  sing N N 82  
GLN N   CA   sing N N 83  
GLN N   H    sing N N 84  
GLN N   H2   sing N N 85  
GLN CA  C    sing N N 86  
GLN CA  CB   sing N N 87  
GLN CA  HA   sing N N 88  
GLN C   O    doub N N 89  
GLN C   OXT  sing N N 90  
GLN CB  CG   sing N N 91  
GLN CB  HB2  sing N N 92  
GLN CB  HB3  sing N N 93  
GLN CG  CD   sing N N 94  
GLN CG  HG2  sing N N 95  
GLN CG  HG3  sing N N 96  
GLN CD  OE1  doub N N 97  
GLN CD  NE2  sing N N 98  
GLN NE2 HE21 sing N N 99  
GLN NE2 HE22 sing N N 100 
GLN OXT HXT  sing N N 101 
GLU N   CA   sing N N 102 
GLU N   H    sing N N 103 
GLU N   H2   sing N N 104 
GLU CA  C    sing N N 105 
GLU CA  CB   sing N N 106 
GLU CA  HA   sing N N 107 
GLU C   O    doub N N 108 
GLU C   OXT  sing N N 109 
GLU CB  CG   sing N N 110 
GLU CB  HB2  sing N N 111 
GLU CB  HB3  sing N N 112 
GLU CG  CD   sing N N 113 
GLU CG  HG2  sing N N 114 
GLU CG  HG3  sing N N 115 
GLU CD  OE1  doub N N 116 
GLU CD  OE2  sing N N 117 
GLU OE2 HE2  sing N N 118 
GLU OXT HXT  sing N N 119 
GLY N   CA   sing N N 120 
GLY N   H    sing N N 121 
GLY N   H2   sing N N 122 
GLY CA  C    sing N N 123 
GLY CA  HA2  sing N N 124 
GLY CA  HA3  sing N N 125 
GLY C   O    doub N N 126 
GLY C   OXT  sing N N 127 
GLY OXT HXT  sing N N 128 
HIS N   CA   sing N N 129 
HIS N   H    sing N N 130 
HIS N   H2   sing N N 131 
HIS CA  C    sing N N 132 
HIS CA  CB   sing N N 133 
HIS CA  HA   sing N N 134 
HIS C   O    doub N N 135 
HIS C   OXT  sing N N 136 
HIS CB  CG   sing N N 137 
HIS CB  HB2  sing N N 138 
HIS CB  HB3  sing N N 139 
HIS CG  ND1  sing Y N 140 
HIS CG  CD2  doub Y N 141 
HIS ND1 CE1  doub Y N 142 
HIS ND1 HD1  sing N N 143 
HIS CD2 NE2  sing Y N 144 
HIS CD2 HD2  sing N N 145 
HIS CE1 NE2  sing Y N 146 
HIS CE1 HE1  sing N N 147 
HIS NE2 HE2  sing N N 148 
HIS OXT HXT  sing N N 149 
HOH O   H1   sing N N 150 
HOH O   H2   sing N N 151 
ILE N   CA   sing N N 152 
ILE N   H    sing N N 153 
ILE N   H2   sing N N 154 
ILE CA  C    sing N N 155 
ILE CA  CB   sing N N 156 
ILE CA  HA   sing N N 157 
ILE C   O    doub N N 158 
ILE C   OXT  sing N N 159 
ILE CB  CG1  sing N N 160 
ILE CB  CG2  sing N N 161 
ILE CB  HB   sing N N 162 
ILE CG1 CD1  sing N N 163 
ILE CG1 HG12 sing N N 164 
ILE CG1 HG13 sing N N 165 
ILE CG2 HG21 sing N N 166 
ILE CG2 HG22 sing N N 167 
ILE CG2 HG23 sing N N 168 
ILE CD1 HD11 sing N N 169 
ILE CD1 HD12 sing N N 170 
ILE CD1 HD13 sing N N 171 
ILE OXT HXT  sing N N 172 
LEU N   CA   sing N N 173 
LEU N   H    sing N N 174 
LEU N   H2   sing N N 175 
LEU CA  C    sing N N 176 
LEU CA  CB   sing N N 177 
LEU CA  HA   sing N N 178 
LEU C   O    doub N N 179 
LEU C   OXT  sing N N 180 
LEU CB  CG   sing N N 181 
LEU CB  HB2  sing N N 182 
LEU CB  HB3  sing N N 183 
LEU CG  CD1  sing N N 184 
LEU CG  CD2  sing N N 185 
LEU CG  HG   sing N N 186 
LEU CD1 HD11 sing N N 187 
LEU CD1 HD12 sing N N 188 
LEU CD1 HD13 sing N N 189 
LEU CD2 HD21 sing N N 190 
LEU CD2 HD22 sing N N 191 
LEU CD2 HD23 sing N N 192 
LEU OXT HXT  sing N N 193 
LYS N   CA   sing N N 194 
LYS N   H    sing N N 195 
LYS N   H2   sing N N 196 
LYS CA  C    sing N N 197 
LYS CA  CB   sing N N 198 
LYS CA  HA   sing N N 199 
LYS C   O    doub N N 200 
LYS C   OXT  sing N N 201 
LYS CB  CG   sing N N 202 
LYS CB  HB2  sing N N 203 
LYS CB  HB3  sing N N 204 
LYS CG  CD   sing N N 205 
LYS CG  HG2  sing N N 206 
LYS CG  HG3  sing N N 207 
LYS CD  CE   sing N N 208 
LYS CD  HD2  sing N N 209 
LYS CD  HD3  sing N N 210 
LYS CE  NZ   sing N N 211 
LYS CE  HE2  sing N N 212 
LYS CE  HE3  sing N N 213 
LYS NZ  HZ1  sing N N 214 
LYS NZ  HZ2  sing N N 215 
LYS NZ  HZ3  sing N N 216 
LYS OXT HXT  sing N N 217 
MET N   CA   sing N N 218 
MET N   H    sing N N 219 
MET N   H2   sing N N 220 
MET CA  C    sing N N 221 
MET CA  CB   sing N N 222 
MET CA  HA   sing N N 223 
MET C   O    doub N N 224 
MET C   OXT  sing N N 225 
MET CB  CG   sing N N 226 
MET CB  HB2  sing N N 227 
MET CB  HB3  sing N N 228 
MET CG  SD   sing N N 229 
MET CG  HG2  sing N N 230 
MET CG  HG3  sing N N 231 
MET SD  CE   sing N N 232 
MET CE  HE1  sing N N 233 
MET CE  HE2  sing N N 234 
MET CE  HE3  sing N N 235 
MET OXT HXT  sing N N 236 
PHE N   CA   sing N N 237 
PHE N   H    sing N N 238 
PHE N   H2   sing N N 239 
PHE CA  C    sing N N 240 
PHE CA  CB   sing N N 241 
PHE CA  HA   sing N N 242 
PHE C   O    doub N N 243 
PHE C   OXT  sing N N 244 
PHE CB  CG   sing N N 245 
PHE CB  HB2  sing N N 246 
PHE CB  HB3  sing N N 247 
PHE CG  CD1  doub Y N 248 
PHE CG  CD2  sing Y N 249 
PHE CD1 CE1  sing Y N 250 
PHE CD1 HD1  sing N N 251 
PHE CD2 CE2  doub Y N 252 
PHE CD2 HD2  sing N N 253 
PHE CE1 CZ   doub Y N 254 
PHE CE1 HE1  sing N N 255 
PHE CE2 CZ   sing Y N 256 
PHE CE2 HE2  sing N N 257 
PHE CZ  HZ   sing N N 258 
PHE OXT HXT  sing N N 259 
SER N   CA   sing N N 260 
SER N   H    sing N N 261 
SER N   H2   sing N N 262 
SER CA  C    sing N N 263 
SER CA  CB   sing N N 264 
SER CA  HA   sing N N 265 
SER C   O    doub N N 266 
SER C   OXT  sing N N 267 
SER CB  OG   sing N N 268 
SER CB  HB2  sing N N 269 
SER CB  HB3  sing N N 270 
SER OG  HG   sing N N 271 
SER OXT HXT  sing N N 272 
THR N   CA   sing N N 273 
THR N   H    sing N N 274 
THR N   H2   sing N N 275 
THR CA  C    sing N N 276 
THR CA  CB   sing N N 277 
THR CA  HA   sing N N 278 
THR C   O    doub N N 279 
THR C   OXT  sing N N 280 
THR CB  OG1  sing N N 281 
THR CB  CG2  sing N N 282 
THR CB  HB   sing N N 283 
THR OG1 HG1  sing N N 284 
THR CG2 HG21 sing N N 285 
THR CG2 HG22 sing N N 286 
THR CG2 HG23 sing N N 287 
THR OXT HXT  sing N N 288 
TYR N   CA   sing N N 289 
TYR N   H    sing N N 290 
TYR N   H2   sing N N 291 
TYR CA  C    sing N N 292 
TYR CA  CB   sing N N 293 
TYR CA  HA   sing N N 294 
TYR C   O    doub N N 295 
TYR C   OXT  sing N N 296 
TYR CB  CG   sing N N 297 
TYR CB  HB2  sing N N 298 
TYR CB  HB3  sing N N 299 
TYR CG  CD1  doub Y N 300 
TYR CG  CD2  sing Y N 301 
TYR CD1 CE1  sing Y N 302 
TYR CD1 HD1  sing N N 303 
TYR CD2 CE2  doub Y N 304 
TYR CD2 HD2  sing N N 305 
TYR CE1 CZ   doub Y N 306 
TYR CE1 HE1  sing N N 307 
TYR CE2 CZ   sing Y N 308 
TYR CE2 HE2  sing N N 309 
TYR CZ  OH   sing N N 310 
TYR OH  HH   sing N N 311 
TYR OXT HXT  sing N N 312 
VAL N   CA   sing N N 313 
VAL N   H    sing N N 314 
VAL N   H2   sing N N 315 
VAL CA  C    sing N N 316 
VAL CA  CB   sing N N 317 
VAL CA  HA   sing N N 318 
VAL C   O    doub N N 319 
VAL C   OXT  sing N N 320 
VAL CB  CG1  sing N N 321 
VAL CB  CG2  sing N N 322 
VAL CB  HB   sing N N 323 
VAL CG1 HG11 sing N N 324 
VAL CG1 HG12 sing N N 325 
VAL CG1 HG13 sing N N 326 
VAL CG2 HG21 sing N N 327 
VAL CG2 HG22 sing N N 328 
VAL CG2 HG23 sing N N 329 
VAL OXT HXT  sing N N 330 
# 
_pdbx_audit_support.funding_organization   'National Natural Science Foundation of China (NSFC)' 
_pdbx_audit_support.country                China 
_pdbx_audit_support.grant_number           ? 
_pdbx_audit_support.ordinal                1 
# 
_pdbx_entity_instance_feature.ordinal        1 
_pdbx_entity_instance_feature.comp_id        ZN 
_pdbx_entity_instance_feature.asym_id        ? 
_pdbx_entity_instance_feature.seq_num        ? 
_pdbx_entity_instance_feature.auth_comp_id   ZN 
_pdbx_entity_instance_feature.auth_asym_id   ? 
_pdbx_entity_instance_feature.auth_seq_num   ? 
_pdbx_entity_instance_feature.feature_type   'SUBJECT OF INVESTIGATION' 
_pdbx_entity_instance_feature.details        ? 
# 
loop_
_pdbx_entity_nonpoly.entity_id 
_pdbx_entity_nonpoly.name 
_pdbx_entity_nonpoly.comp_id 
2 'ZINC ION' ZN  
3 water      HOH 
# 
_pdbx_initial_refinement_model.id               1 
_pdbx_initial_refinement_model.entity_id_list   ? 
_pdbx_initial_refinement_model.type             'experimental model' 
_pdbx_initial_refinement_model.source_name      PDB 
_pdbx_initial_refinement_model.accession_code   3DZU 
_pdbx_initial_refinement_model.details          ? 
# 
_pdbx_struct_assembly_auth_evidence.id                     1 
_pdbx_struct_assembly_auth_evidence.assembly_id            1 
_pdbx_struct_assembly_auth_evidence.experimental_support   SAXS 
_pdbx_struct_assembly_auth_evidence.details                ? 
# 
